data_2CUD
#
_entry.id   2CUD
#
_entity_poly.entity_id   1
_entity_poly.type   'polypeptide(L)'
_entity_poly.pdbx_seq_one_letter_code
;GSSGSSGPLPNPEGLDSDFLAVLSDYPSPDISPPIFRRGEKLRVISDEGGWWKAISLSTGRESYIPGICVARVSGPSSG
;
_entity_poly.pdbx_strand_id   A
#
# COMPACT_ATOMS: atom_id res chain seq x y z
N GLY A 1 -13.87 -27.28 -7.38
CA GLY A 1 -12.80 -26.68 -8.17
C GLY A 1 -13.32 -25.62 -9.12
N SER A 2 -13.50 -24.40 -8.62
CA SER A 2 -13.99 -23.31 -9.44
C SER A 2 -13.29 -23.27 -10.79
N SER A 3 -14.08 -23.20 -11.86
CA SER A 3 -13.53 -23.17 -13.21
C SER A 3 -13.17 -21.75 -13.61
N GLY A 4 -14.17 -20.87 -13.63
CA GLY A 4 -13.94 -19.48 -14.00
C GLY A 4 -13.12 -19.35 -15.27
N SER A 5 -12.66 -18.14 -15.54
CA SER A 5 -11.86 -17.88 -16.74
C SER A 5 -10.86 -16.76 -16.49
N SER A 6 -9.75 -16.79 -17.21
CA SER A 6 -8.70 -15.79 -17.07
C SER A 6 -8.94 -14.62 -18.02
N GLY A 7 -9.15 -13.44 -17.45
CA GLY A 7 -9.39 -12.25 -18.27
C GLY A 7 -8.26 -11.25 -18.16
N PRO A 8 -8.56 -9.97 -18.47
CA PRO A 8 -7.58 -8.90 -18.42
C PRO A 8 -7.17 -8.55 -16.98
N LEU A 9 -6.00 -7.94 -16.84
CA LEU A 9 -5.48 -7.57 -15.53
C LEU A 9 -6.23 -6.35 -14.99
N PRO A 10 -6.36 -6.28 -13.65
CA PRO A 10 -7.05 -5.18 -12.97
C PRO A 10 -6.27 -3.88 -13.06
N ASN A 11 -4.95 -3.96 -12.86
CA ASN A 11 -4.10 -2.79 -12.93
C ASN A 11 -4.55 -1.83 -14.03
N PRO A 12 -4.40 -0.52 -13.76
CA PRO A 12 -4.79 0.52 -14.72
C PRO A 12 -3.87 0.56 -15.94
N GLU A 13 -2.79 -0.22 -15.88
CA GLU A 13 -1.84 -0.27 -16.98
C GLU A 13 -1.69 1.10 -17.64
N GLY A 14 -1.64 2.14 -16.81
CA GLY A 14 -1.50 3.49 -17.32
C GLY A 14 -1.27 4.51 -16.23
N LEU A 15 -2.12 4.46 -15.21
CA LEU A 15 -2.00 5.40 -14.08
C LEU A 15 -1.43 4.69 -12.85
N ASP A 16 -0.26 5.15 -12.42
CA ASP A 16 0.40 4.57 -11.25
C ASP A 16 -0.32 4.99 -9.97
N SER A 17 -0.37 4.08 -9.01
CA SER A 17 -1.03 4.36 -7.73
C SER A 17 -0.01 4.83 -6.69
N ASP A 18 -0.52 5.47 -5.64
CA ASP A 18 0.34 5.98 -4.57
C ASP A 18 0.77 4.84 -3.64
N PHE A 19 2.07 4.72 -3.43
CA PHE A 19 2.62 3.69 -2.56
C PHE A 19 3.07 4.28 -1.23
N LEU A 20 2.96 3.48 -0.18
CA LEU A 20 3.36 3.92 1.16
C LEU A 20 4.29 2.90 1.82
N ALA A 21 5.54 3.29 2.05
CA ALA A 21 6.50 2.42 2.67
C ALA A 21 6.37 2.45 4.19
N VAL A 22 6.22 1.27 4.79
CA VAL A 22 6.09 1.16 6.24
C VAL A 22 7.34 1.67 6.95
N LEU A 23 7.23 2.86 7.52
CA LEU A 23 8.35 3.47 8.23
C LEU A 23 8.69 2.68 9.49
N SER A 24 7.67 2.10 10.11
CA SER A 24 7.85 1.32 11.33
C SER A 24 6.71 0.32 11.51
N ASP A 25 7.06 -0.97 11.56
CA ASP A 25 6.07 -2.02 11.73
C ASP A 25 4.96 -1.57 12.66
N TYR A 26 3.72 -1.94 12.32
CA TYR A 26 2.56 -1.57 13.13
C TYR A 26 1.41 -2.53 12.89
N PRO A 27 0.60 -2.75 13.94
CA PRO A 27 0.81 -2.12 15.25
C PRO A 27 2.05 -2.66 15.96
N SER A 28 2.24 -2.23 17.20
CA SER A 28 3.39 -2.66 17.99
C SER A 28 3.20 -4.09 18.49
N PRO A 29 4.32 -4.77 18.78
CA PRO A 29 4.31 -6.15 19.28
C PRO A 29 3.76 -6.25 20.70
N ASP A 30 3.32 -5.12 21.24
CA ASP A 30 2.77 -5.09 22.59
C ASP A 30 1.26 -4.91 22.55
N ILE A 31 0.75 -4.48 21.40
CA ILE A 31 -0.69 -4.27 21.25
C ILE A 31 -1.30 -5.28 20.27
N SER A 32 -0.62 -5.46 19.13
CA SER A 32 -1.09 -6.40 18.12
C SER A 32 0.00 -6.69 17.10
N PRO A 33 -0.17 -7.77 16.34
CA PRO A 33 0.80 -8.18 15.31
C PRO A 33 0.81 -7.24 14.11
N PRO A 34 2.03 -6.84 13.68
CA PRO A 34 2.20 -5.93 12.55
C PRO A 34 1.82 -6.58 11.22
N ILE A 35 0.86 -5.99 10.54
CA ILE A 35 0.40 -6.51 9.26
C ILE A 35 1.36 -6.11 8.14
N PHE A 36 2.07 -5.01 8.34
CA PHE A 36 3.02 -4.51 7.34
C PHE A 36 4.36 -4.18 7.99
N ARG A 37 5.27 -5.15 7.97
CA ARG A 37 6.59 -4.97 8.55
C ARG A 37 7.30 -3.76 7.93
N ARG A 38 8.24 -3.18 8.67
CA ARG A 38 8.97 -2.02 8.20
C ARG A 38 9.64 -2.31 6.86
N GLY A 39 9.77 -1.28 6.03
CA GLY A 39 10.38 -1.45 4.72
C GLY A 39 9.43 -2.05 3.70
N GLU A 40 8.34 -2.63 4.19
CA GLU A 40 7.35 -3.24 3.32
C GLU A 40 6.61 -2.18 2.50
N LYS A 41 6.39 -2.47 1.22
CA LYS A 41 5.69 -1.55 0.33
C LYS A 41 4.19 -1.84 0.31
N LEU A 42 3.38 -0.79 0.35
CA LEU A 42 1.94 -0.95 0.33
C LEU A 42 1.31 -0.01 -0.72
N ARG A 43 0.20 -0.46 -1.31
CA ARG A 43 -0.49 0.33 -2.31
C ARG A 43 -1.69 1.05 -1.70
N VAL A 44 -1.81 2.35 -2.00
CA VAL A 44 -2.91 3.14 -1.48
C VAL A 44 -4.24 2.72 -2.10
N ILE A 45 -5.10 2.10 -1.30
CA ILE A 45 -6.39 1.65 -1.76
C ILE A 45 -7.44 2.75 -1.64
N SER A 46 -7.55 3.33 -0.46
CA SER A 46 -8.52 4.40 -0.21
C SER A 46 -7.93 5.43 0.74
N ASP A 47 -8.32 6.69 0.54
CA ASP A 47 -7.85 7.79 1.39
C ASP A 47 -8.98 8.34 2.24
N GLU A 48 -8.84 8.22 3.56
CA GLU A 48 -9.84 8.70 4.49
C GLU A 48 -9.23 9.64 5.52
N GLY A 49 -9.13 10.92 5.16
CA GLY A 49 -8.56 11.90 6.05
C GLY A 49 -7.13 11.58 6.43
N GLY A 50 -6.87 11.45 7.72
CA GLY A 50 -5.53 11.14 8.19
C GLY A 50 -5.19 9.68 8.06
N TRP A 51 -6.23 8.84 8.01
CA TRP A 51 -6.02 7.39 7.90
C TRP A 51 -6.48 6.89 6.53
N TRP A 52 -5.70 6.01 5.93
CA TRP A 52 -6.02 5.45 4.62
C TRP A 52 -5.81 3.95 4.60
N LYS A 53 -6.37 3.30 3.59
CA LYS A 53 -6.26 1.85 3.46
C LYS A 53 -5.18 1.48 2.45
N ALA A 54 -4.41 0.43 2.75
CA ALA A 54 -3.36 -0.02 1.88
C ALA A 54 -3.15 -1.54 1.99
N ILE A 55 -2.52 -2.13 0.99
CA ILE A 55 -2.26 -3.56 0.98
C ILE A 55 -0.81 -3.85 0.62
N SER A 56 -0.24 -4.85 1.29
CA SER A 56 1.15 -5.23 1.04
C SER A 56 1.28 -6.02 -0.26
N LEU A 57 2.22 -5.62 -1.10
CA LEU A 57 2.44 -6.30 -2.38
C LEU A 57 3.26 -7.57 -2.20
N SER A 58 3.51 -7.92 -0.94
CA SER A 58 4.28 -9.12 -0.62
C SER A 58 3.38 -10.20 -0.01
N THR A 59 2.53 -9.79 0.92
CA THR A 59 1.62 -10.72 1.58
C THR A 59 0.21 -10.58 1.03
N GLY A 60 -0.18 -9.37 0.69
CA GLY A 60 -1.51 -9.12 0.15
C GLY A 60 -2.55 -8.95 1.24
N ARG A 61 -2.13 -8.39 2.37
CA ARG A 61 -3.03 -8.16 3.49
C ARG A 61 -3.59 -6.74 3.47
N GLU A 62 -4.92 -6.63 3.49
CA GLU A 62 -5.57 -5.33 3.47
C GLU A 62 -5.83 -4.83 4.89
N SER A 63 -5.22 -3.70 5.23
CA SER A 63 -5.39 -3.12 6.56
C SER A 63 -5.34 -1.59 6.49
N TYR A 64 -5.70 -0.95 7.59
CA TYR A 64 -5.71 0.51 7.66
C TYR A 64 -4.65 1.01 8.63
N ILE A 65 -3.72 1.82 8.11
CA ILE A 65 -2.65 2.37 8.93
C ILE A 65 -2.53 3.88 8.73
N PRO A 66 -2.05 4.58 9.77
CA PRO A 66 -1.87 6.03 9.72
C PRO A 66 -0.73 6.45 8.81
N GLY A 67 -0.99 7.43 7.95
CA GLY A 67 0.03 7.91 7.03
C GLY A 67 1.37 8.10 7.71
N ILE A 68 1.34 8.52 8.97
CA ILE A 68 2.56 8.75 9.72
C ILE A 68 3.37 7.47 9.86
N CYS A 69 2.69 6.34 9.97
CA CYS A 69 3.34 5.04 10.10
C CYS A 69 3.96 4.61 8.76
N VAL A 70 3.57 5.29 7.70
CA VAL A 70 4.08 4.97 6.37
C VAL A 70 4.69 6.20 5.71
N ALA A 71 5.34 6.00 4.57
CA ALA A 71 5.96 7.09 3.83
C ALA A 71 5.59 7.05 2.35
N ARG A 72 5.19 8.19 1.82
CA ARG A 72 4.81 8.29 0.41
C ARG A 72 6.01 8.02 -0.50
N VAL A 73 6.06 6.82 -1.07
CA VAL A 73 7.15 6.45 -1.97
C VAL A 73 7.02 7.15 -3.31
N SER A 74 8.16 7.49 -3.90
CA SER A 74 8.18 8.16 -5.19
C SER A 74 8.59 7.20 -6.30
N GLY A 75 9.70 6.50 -6.09
CA GLY A 75 10.19 5.56 -7.07
C GLY A 75 11.52 4.93 -6.68
N PRO A 76 11.93 3.89 -7.41
CA PRO A 76 13.18 3.18 -7.15
C PRO A 76 14.41 4.03 -7.47
N SER A 77 15.58 3.42 -7.35
CA SER A 77 16.84 4.13 -7.64
C SER A 77 17.71 3.31 -8.58
N SER A 78 17.84 2.02 -8.30
CA SER A 78 18.64 1.13 -9.12
C SER A 78 17.79 0.40 -10.15
N GLY A 79 18.01 0.71 -11.43
CA GLY A 79 17.24 0.08 -12.48
C GLY A 79 17.90 0.23 -13.85
N GLY A 1 -23.38 -8.12 -28.88
CA GLY A 1 -23.09 -8.22 -27.46
C GLY A 1 -21.95 -9.18 -27.17
N SER A 2 -21.75 -9.48 -25.89
CA SER A 2 -20.68 -10.39 -25.48
C SER A 2 -21.27 -11.73 -25.02
N SER A 3 -20.65 -12.82 -25.48
CA SER A 3 -21.11 -14.15 -25.11
C SER A 3 -19.99 -14.96 -24.46
N GLY A 4 -19.80 -14.76 -23.16
CA GLY A 4 -18.76 -15.46 -22.43
C GLY A 4 -17.40 -14.84 -22.64
N SER A 5 -16.98 -14.01 -21.69
CA SER A 5 -15.68 -13.34 -21.76
C SER A 5 -14.86 -13.60 -20.51
N SER A 6 -13.54 -13.50 -20.65
CA SER A 6 -12.64 -13.73 -19.53
C SER A 6 -12.61 -12.54 -18.59
N GLY A 7 -12.39 -11.35 -19.15
CA GLY A 7 -12.35 -10.14 -18.35
C GLY A 7 -11.69 -8.99 -19.07
N PRO A 8 -12.20 -7.77 -18.86
CA PRO A 8 -11.68 -6.56 -19.49
C PRO A 8 -10.31 -6.17 -18.95
N LEU A 9 -9.78 -5.05 -19.42
CA LEU A 9 -8.47 -4.57 -18.98
C LEU A 9 -8.50 -4.16 -17.52
N PRO A 10 -7.34 -4.22 -16.85
CA PRO A 10 -7.21 -3.85 -15.45
C PRO A 10 -7.37 -2.35 -15.22
N ASN A 11 -6.88 -1.56 -16.17
CA ASN A 11 -6.98 -0.11 -16.07
C ASN A 11 -6.45 0.55 -17.35
N PRO A 12 -7.03 1.71 -17.69
CA PRO A 12 -6.64 2.47 -18.89
C PRO A 12 -5.25 3.09 -18.75
N GLU A 13 -4.64 2.91 -17.59
CA GLU A 13 -3.31 3.45 -17.33
C GLU A 13 -3.30 4.97 -17.49
N GLY A 14 -4.38 5.61 -17.04
CA GLY A 14 -4.47 7.06 -17.14
C GLY A 14 -3.87 7.76 -15.93
N LEU A 15 -4.11 7.21 -14.74
CA LEU A 15 -3.59 7.79 -13.52
C LEU A 15 -2.64 6.82 -12.81
N ASP A 16 -1.68 7.36 -12.07
CA ASP A 16 -0.72 6.55 -11.34
C ASP A 16 -1.25 6.18 -9.96
N SER A 17 -0.54 5.28 -9.28
CA SER A 17 -0.95 4.84 -7.95
C SER A 17 -0.01 5.40 -6.88
N ASP A 18 -0.52 5.52 -5.66
CA ASP A 18 0.26 6.04 -4.55
C ASP A 18 0.78 4.90 -3.67
N PHE A 19 2.10 4.90 -3.43
CA PHE A 19 2.72 3.87 -2.61
C PHE A 19 3.10 4.43 -1.24
N LEU A 20 3.03 3.58 -0.22
CA LEU A 20 3.37 3.99 1.14
C LEU A 20 4.30 2.97 1.79
N ALA A 21 5.56 3.36 1.97
CA ALA A 21 6.55 2.49 2.58
C ALA A 21 6.40 2.47 4.11
N VAL A 22 6.32 1.28 4.67
CA VAL A 22 6.17 1.12 6.12
C VAL A 22 7.40 1.63 6.85
N LEU A 23 7.31 2.85 7.38
CA LEU A 23 8.41 3.45 8.11
C LEU A 23 8.77 2.62 9.34
N SER A 24 7.79 1.89 9.87
CA SER A 24 8.00 1.06 11.04
C SER A 24 6.84 0.10 11.24
N ASP A 25 7.15 -1.18 11.47
CA ASP A 25 6.14 -2.20 11.68
C ASP A 25 5.03 -1.69 12.58
N TYR A 26 3.79 -2.08 12.28
CA TYR A 26 2.65 -1.66 13.06
C TYR A 26 1.45 -2.56 12.81
N PRO A 27 0.58 -2.70 13.82
CA PRO A 27 0.76 -2.03 15.11
C PRO A 27 1.94 -2.60 15.90
N SER A 28 2.23 -1.97 17.04
CA SER A 28 3.33 -2.41 17.89
C SER A 28 3.02 -3.76 18.52
N PRO A 29 4.08 -4.50 18.90
CA PRO A 29 3.95 -5.82 19.52
C PRO A 29 3.38 -5.74 20.94
N ASP A 30 2.99 -4.54 21.35
CA ASP A 30 2.42 -4.32 22.67
C ASP A 30 0.91 -4.10 22.59
N ILE A 31 0.40 -4.00 21.37
CA ILE A 31 -1.03 -3.79 21.15
C ILE A 31 -1.61 -4.86 20.24
N SER A 32 -1.00 -5.02 19.07
CA SER A 32 -1.46 -6.01 18.10
C SER A 32 -0.33 -6.40 17.14
N PRO A 33 -0.52 -7.52 16.43
CA PRO A 33 0.47 -8.03 15.47
C PRO A 33 0.59 -7.15 14.24
N PRO A 34 1.83 -6.86 13.82
CA PRO A 34 2.10 -6.03 12.65
C PRO A 34 1.73 -6.71 11.35
N ILE A 35 0.90 -6.05 10.55
CA ILE A 35 0.47 -6.61 9.27
C ILE A 35 1.44 -6.25 8.15
N PHE A 36 2.18 -5.17 8.36
CA PHE A 36 3.15 -4.72 7.37
C PHE A 36 4.47 -4.34 8.03
N ARG A 37 5.45 -5.24 7.95
CA ARG A 37 6.76 -5.02 8.53
C ARG A 37 7.43 -3.78 7.93
N ARG A 38 8.39 -3.22 8.65
CA ARG A 38 9.11 -2.04 8.19
C ARG A 38 9.75 -2.30 6.83
N GLY A 39 9.78 -1.27 5.98
CA GLY A 39 10.37 -1.41 4.67
C GLY A 39 9.40 -2.00 3.66
N GLU A 40 8.32 -2.60 4.15
CA GLU A 40 7.33 -3.22 3.29
C GLU A 40 6.56 -2.15 2.50
N LYS A 41 6.32 -2.43 1.22
CA LYS A 41 5.59 -1.50 0.36
C LYS A 41 4.10 -1.82 0.37
N LEU A 42 3.29 -0.76 0.34
CA LEU A 42 1.84 -0.92 0.34
C LEU A 42 1.18 0.07 -0.63
N ARG A 43 0.22 -0.42 -1.41
CA ARG A 43 -0.47 0.41 -2.37
C ARG A 43 -1.68 1.09 -1.73
N VAL A 44 -1.83 2.39 -1.97
CA VAL A 44 -2.93 3.16 -1.42
C VAL A 44 -4.26 2.72 -2.04
N ILE A 45 -5.12 2.13 -1.22
CA ILE A 45 -6.43 1.68 -1.69
C ILE A 45 -7.48 2.76 -1.51
N SER A 46 -7.55 3.32 -0.30
CA SER A 46 -8.52 4.37 0.01
C SER A 46 -7.93 5.39 0.97
N ASP A 47 -8.39 6.62 0.86
CA ASP A 47 -7.91 7.71 1.72
C ASP A 47 -9.02 8.20 2.64
N GLU A 48 -8.83 8.02 3.95
CA GLU A 48 -9.81 8.46 4.93
C GLU A 48 -9.19 9.43 5.93
N GLY A 49 -9.17 10.71 5.56
CA GLY A 49 -8.61 11.73 6.43
C GLY A 49 -7.15 11.45 6.76
N GLY A 50 -6.86 11.28 8.05
CA GLY A 50 -5.49 11.03 8.47
C GLY A 50 -5.08 9.58 8.27
N TRP A 51 -6.07 8.69 8.24
CA TRP A 51 -5.82 7.27 8.04
C TRP A 51 -6.31 6.80 6.68
N TRP A 52 -5.53 5.93 6.04
CA TRP A 52 -5.90 5.41 4.72
C TRP A 52 -5.69 3.90 4.68
N LYS A 53 -6.28 3.26 3.66
CA LYS A 53 -6.18 1.82 3.49
C LYS A 53 -5.09 1.48 2.47
N ALA A 54 -4.40 0.36 2.70
CA ALA A 54 -3.34 -0.08 1.81
C ALA A 54 -3.13 -1.58 1.90
N ILE A 55 -2.53 -2.16 0.86
CA ILE A 55 -2.27 -3.59 0.84
C ILE A 55 -0.81 -3.88 0.51
N SER A 56 -0.27 -4.93 1.11
CA SER A 56 1.12 -5.31 0.89
C SER A 56 1.28 -6.04 -0.44
N LEU A 57 2.23 -5.58 -1.25
CA LEU A 57 2.48 -6.18 -2.55
C LEU A 57 3.32 -7.45 -2.41
N SER A 58 3.52 -7.89 -1.17
CA SER A 58 4.30 -9.09 -0.90
C SER A 58 3.43 -10.19 -0.31
N THR A 59 2.58 -9.80 0.65
CA THR A 59 1.70 -10.76 1.31
C THR A 59 0.28 -10.67 0.75
N GLY A 60 -0.18 -9.44 0.52
CA GLY A 60 -1.52 -9.24 -0.01
C GLY A 60 -2.55 -9.03 1.08
N ARG A 61 -2.10 -8.54 2.22
CA ARG A 61 -3.00 -8.30 3.36
C ARG A 61 -3.53 -6.87 3.33
N GLU A 62 -4.85 -6.74 3.36
CA GLU A 62 -5.49 -5.42 3.35
C GLU A 62 -5.76 -4.93 4.77
N SER A 63 -5.14 -3.82 5.14
CA SER A 63 -5.32 -3.25 6.47
C SER A 63 -5.23 -1.72 6.42
N TYR A 64 -5.59 -1.08 7.52
CA TYR A 64 -5.57 0.38 7.61
C TYR A 64 -4.49 0.84 8.59
N ILE A 65 -3.53 1.60 8.07
CA ILE A 65 -2.43 2.11 8.89
C ILE A 65 -2.33 3.63 8.78
N PRO A 66 -1.84 4.28 9.84
CA PRO A 66 -1.67 5.73 9.89
C PRO A 66 -0.56 6.21 8.96
N GLY A 67 -0.85 7.25 8.19
CA GLY A 67 0.14 7.78 7.27
C GLY A 67 1.49 7.98 7.92
N ILE A 68 1.48 8.28 9.22
CA ILE A 68 2.72 8.48 9.96
C ILE A 68 3.56 7.21 10.00
N CYS A 69 2.88 6.06 10.02
CA CYS A 69 3.56 4.78 10.07
C CYS A 69 4.14 4.42 8.70
N VAL A 70 3.73 5.16 7.68
CA VAL A 70 4.21 4.92 6.32
C VAL A 70 4.75 6.20 5.70
N ALA A 71 5.31 6.08 4.50
CA ALA A 71 5.87 7.23 3.79
C ALA A 71 5.57 7.15 2.30
N ARG A 72 5.25 8.29 1.71
CA ARG A 72 4.94 8.35 0.28
C ARG A 72 6.20 8.07 -0.55
N VAL A 73 6.22 6.92 -1.22
CA VAL A 73 7.35 6.55 -2.05
C VAL A 73 7.28 7.20 -3.43
N SER A 74 8.43 7.56 -3.97
CA SER A 74 8.50 8.21 -5.28
C SER A 74 9.93 8.21 -5.81
N GLY A 75 10.06 8.02 -7.12
CA GLY A 75 11.38 8.01 -7.74
C GLY A 75 11.45 7.10 -8.94
N PRO A 76 12.66 6.68 -9.31
CA PRO A 76 12.89 5.80 -10.45
C PRO A 76 12.36 4.40 -10.22
N SER A 77 11.74 4.18 -9.06
CA SER A 77 11.20 2.87 -8.71
C SER A 77 10.66 2.16 -9.95
N SER A 78 10.99 0.88 -10.07
CA SER A 78 10.53 0.09 -11.21
C SER A 78 9.23 -0.63 -10.89
N GLY A 79 8.62 -1.24 -11.90
CA GLY A 79 7.37 -1.96 -11.70
C GLY A 79 6.26 -1.43 -12.58
N GLY A 1 -18.01 -4.20 -44.06
CA GLY A 1 -17.86 -5.58 -43.66
C GLY A 1 -17.22 -5.72 -42.29
N SER A 2 -17.94 -6.37 -41.37
CA SER A 2 -17.43 -6.56 -40.01
C SER A 2 -17.27 -8.05 -39.71
N SER A 3 -16.09 -8.42 -39.22
CA SER A 3 -15.80 -9.81 -38.89
C SER A 3 -14.73 -9.90 -37.81
N GLY A 4 -14.83 -10.92 -36.96
CA GLY A 4 -13.88 -11.10 -35.90
C GLY A 4 -13.86 -9.94 -34.92
N SER A 5 -13.48 -10.21 -33.68
CA SER A 5 -13.43 -9.19 -32.65
C SER A 5 -12.11 -8.41 -32.72
N SER A 6 -12.12 -7.19 -32.17
CA SER A 6 -10.93 -6.35 -32.17
C SER A 6 -10.95 -5.39 -30.99
N GLY A 7 -9.91 -5.46 -30.17
CA GLY A 7 -9.82 -4.59 -29.01
C GLY A 7 -9.20 -5.28 -27.81
N PRO A 8 -8.31 -4.57 -27.10
CA PRO A 8 -7.62 -5.11 -25.92
C PRO A 8 -8.57 -5.28 -24.74
N LEU A 9 -8.01 -5.66 -23.60
CA LEU A 9 -8.79 -5.86 -22.39
C LEU A 9 -8.89 -4.57 -21.57
N PRO A 10 -9.92 -4.48 -20.73
CA PRO A 10 -10.14 -3.30 -19.88
C PRO A 10 -9.10 -3.18 -18.77
N ASN A 11 -8.14 -4.10 -18.76
CA ASN A 11 -7.08 -4.10 -17.76
C ASN A 11 -6.70 -2.67 -17.38
N PRO A 12 -6.55 -2.43 -16.06
CA PRO A 12 -6.19 -1.12 -15.54
C PRO A 12 -4.75 -0.73 -15.88
N GLU A 13 -4.07 -1.61 -16.60
CA GLU A 13 -2.68 -1.36 -16.99
C GLU A 13 -2.51 0.05 -17.54
N GLY A 14 -1.98 0.94 -16.72
CA GLY A 14 -1.78 2.32 -17.14
C GLY A 14 -1.85 3.29 -15.98
N LEU A 15 -2.88 3.16 -15.16
CA LEU A 15 -3.05 4.04 -14.01
C LEU A 15 -2.31 3.51 -12.79
N ASP A 16 -1.29 4.26 -12.37
CA ASP A 16 -0.49 3.87 -11.21
C ASP A 16 -1.11 4.37 -9.91
N SER A 17 -0.79 3.71 -8.80
CA SER A 17 -1.32 4.10 -7.50
C SER A 17 -0.20 4.53 -6.56
N ASP A 18 -0.54 5.40 -5.61
CA ASP A 18 0.44 5.89 -4.65
C ASP A 18 0.91 4.77 -3.73
N PHE A 19 2.22 4.71 -3.51
CA PHE A 19 2.80 3.68 -2.66
C PHE A 19 3.22 4.26 -1.31
N LEU A 20 3.17 3.42 -0.28
CA LEU A 20 3.54 3.85 1.07
C LEU A 20 4.48 2.85 1.73
N ALA A 21 5.70 3.28 2.00
CA ALA A 21 6.69 2.41 2.63
C ALA A 21 6.56 2.44 4.15
N VAL A 22 6.30 1.28 4.74
CA VAL A 22 6.16 1.17 6.19
C VAL A 22 7.38 1.73 6.91
N LEU A 23 7.22 2.90 7.51
CA LEU A 23 8.32 3.54 8.25
C LEU A 23 8.70 2.73 9.48
N SER A 24 7.70 2.10 10.10
CA SER A 24 7.93 1.28 11.29
C SER A 24 6.82 0.26 11.46
N ASP A 25 7.22 -1.00 11.64
CA ASP A 25 6.25 -2.09 11.82
C ASP A 25 5.11 -1.65 12.74
N TYR A 26 3.89 -1.96 12.33
CA TYR A 26 2.71 -1.59 13.11
C TYR A 26 1.56 -2.56 12.85
N PRO A 27 0.70 -2.75 13.86
CA PRO A 27 0.85 -2.09 15.17
C PRO A 27 2.06 -2.61 15.94
N SER A 28 2.22 -2.13 17.17
CA SER A 28 3.34 -2.54 18.01
C SER A 28 3.12 -3.96 18.54
N PRO A 29 4.23 -4.63 18.88
CA PRO A 29 4.20 -6.00 19.39
C PRO A 29 3.60 -6.08 20.79
N ASP A 30 3.15 -4.94 21.31
CA ASP A 30 2.56 -4.88 22.64
C ASP A 30 1.05 -4.69 22.55
N ILE A 31 0.58 -4.28 21.38
CA ILE A 31 -0.85 -4.07 21.16
C ILE A 31 -1.42 -5.09 20.19
N SER A 32 -0.73 -5.30 19.07
CA SER A 32 -1.16 -6.25 18.07
C SER A 32 -0.04 -6.57 17.09
N PRO A 33 -0.18 -7.68 16.37
CA PRO A 33 0.82 -8.13 15.38
C PRO A 33 0.87 -7.22 14.17
N PRO A 34 2.09 -6.88 13.72
CA PRO A 34 2.30 -6.02 12.56
C PRO A 34 1.92 -6.70 11.25
N ILE A 35 1.04 -6.05 10.49
CA ILE A 35 0.59 -6.60 9.22
C ILE A 35 1.51 -6.18 8.08
N PHE A 36 2.20 -5.06 8.27
CA PHE A 36 3.13 -4.55 7.26
C PHE A 36 4.47 -4.20 7.89
N ARG A 37 5.38 -5.17 7.94
CA ARG A 37 6.70 -4.95 8.50
C ARG A 37 7.35 -3.71 7.92
N ARG A 38 8.31 -3.14 8.65
CA ARG A 38 9.00 -1.94 8.21
C ARG A 38 9.70 -2.19 6.87
N GLY A 39 9.84 -1.12 6.08
CA GLY A 39 10.48 -1.25 4.78
C GLY A 39 9.61 -1.94 3.77
N GLU A 40 8.46 -2.44 4.22
CA GLU A 40 7.53 -3.13 3.33
C GLU A 40 6.76 -2.14 2.47
N LYS A 41 6.64 -2.43 1.18
CA LYS A 41 5.93 -1.58 0.25
C LYS A 41 4.43 -1.88 0.25
N LEU A 42 3.62 -0.84 0.23
CA LEU A 42 2.17 -1.00 0.22
C LEU A 42 1.53 -0.11 -0.84
N ARG A 43 0.35 -0.51 -1.31
CA ARG A 43 -0.37 0.24 -2.32
C ARG A 43 -1.55 1.00 -1.70
N VAL A 44 -1.66 2.27 -2.02
CA VAL A 44 -2.75 3.10 -1.50
C VAL A 44 -4.08 2.72 -2.13
N ILE A 45 -4.97 2.17 -1.31
CA ILE A 45 -6.29 1.76 -1.79
C ILE A 45 -7.29 2.91 -1.71
N SER A 46 -7.38 3.53 -0.52
CA SER A 46 -8.29 4.64 -0.32
C SER A 46 -7.76 5.58 0.77
N ASP A 47 -8.26 6.81 0.76
CA ASP A 47 -7.84 7.80 1.73
C ASP A 47 -9.01 8.24 2.61
N GLU A 48 -8.94 7.86 3.89
CA GLU A 48 -10.01 8.20 4.83
C GLU A 48 -9.52 9.23 5.85
N GLY A 49 -9.62 10.51 5.48
CA GLY A 49 -9.18 11.57 6.38
C GLY A 49 -7.71 11.46 6.74
N GLY A 50 -7.43 11.38 8.03
CA GLY A 50 -6.06 11.26 8.50
C GLY A 50 -5.48 9.89 8.25
N TRP A 51 -6.35 8.90 8.11
CA TRP A 51 -5.92 7.53 7.87
C TRP A 51 -6.35 7.04 6.49
N TRP A 52 -5.59 6.12 5.92
CA TRP A 52 -5.90 5.58 4.59
C TRP A 52 -5.73 4.06 4.57
N LYS A 53 -6.28 3.42 3.55
CA LYS A 53 -6.20 1.98 3.41
C LYS A 53 -5.11 1.60 2.41
N ALA A 54 -4.42 0.49 2.69
CA ALA A 54 -3.36 0.01 1.81
C ALA A 54 -3.17 -1.50 1.95
N ILE A 55 -2.54 -2.10 0.95
CA ILE A 55 -2.29 -3.54 0.96
C ILE A 55 -0.83 -3.86 0.67
N SER A 56 -0.33 -4.91 1.28
CA SER A 56 1.06 -5.33 1.08
C SER A 56 1.21 -6.12 -0.21
N LEU A 57 2.17 -5.70 -1.03
CA LEU A 57 2.43 -6.37 -2.31
C LEU A 57 3.20 -7.67 -2.09
N SER A 58 3.36 -8.06 -0.84
CA SER A 58 4.09 -9.28 -0.50
C SER A 58 3.12 -10.43 -0.21
N THR A 59 2.17 -10.18 0.68
CA THR A 59 1.18 -11.19 1.04
C THR A 59 -0.19 -10.86 0.46
N GLY A 60 -0.59 -9.60 0.59
CA GLY A 60 -1.88 -9.17 0.08
C GLY A 60 -2.88 -8.90 1.18
N ARG A 61 -2.39 -8.49 2.35
CA ARG A 61 -3.25 -8.21 3.49
C ARG A 61 -3.75 -6.77 3.45
N GLU A 62 -5.06 -6.60 3.47
CA GLU A 62 -5.67 -5.27 3.44
C GLU A 62 -5.95 -4.76 4.84
N SER A 63 -5.30 -3.66 5.21
CA SER A 63 -5.48 -3.07 6.53
C SER A 63 -5.36 -1.56 6.47
N TYR A 64 -5.79 -0.89 7.54
CA TYR A 64 -5.73 0.57 7.62
C TYR A 64 -4.63 1.02 8.58
N ILE A 65 -3.72 1.84 8.08
CA ILE A 65 -2.62 2.34 8.90
C ILE A 65 -2.46 3.85 8.72
N PRO A 66 -1.95 4.52 9.78
CA PRO A 66 -1.74 5.97 9.76
C PRO A 66 -0.60 6.37 8.83
N GLY A 67 -0.85 7.38 8.01
CA GLY A 67 0.17 7.85 7.08
C GLY A 67 1.51 8.06 7.75
N ILE A 68 1.49 8.42 9.03
CA ILE A 68 2.71 8.64 9.78
C ILE A 68 3.52 7.36 9.91
N CYS A 69 2.83 6.23 9.96
CA CYS A 69 3.49 4.93 10.08
C CYS A 69 4.08 4.50 8.73
N VAL A 70 3.71 5.21 7.68
CA VAL A 70 4.21 4.90 6.34
C VAL A 70 4.81 6.14 5.68
N ALA A 71 5.49 5.92 4.55
CA ALA A 71 6.10 7.02 3.82
C ALA A 71 5.68 7.01 2.35
N ARG A 72 5.22 8.16 1.86
CA ARG A 72 4.78 8.28 0.48
C ARG A 72 5.94 8.07 -0.48
N VAL A 73 5.93 6.94 -1.18
CA VAL A 73 7.00 6.62 -2.13
C VAL A 73 6.64 7.11 -3.53
N SER A 74 7.65 7.24 -4.38
CA SER A 74 7.45 7.71 -5.74
C SER A 74 8.34 6.95 -6.72
N GLY A 75 7.91 6.88 -7.98
CA GLY A 75 8.69 6.18 -8.98
C GLY A 75 9.82 7.02 -9.53
N PRO A 76 10.79 6.35 -10.18
CA PRO A 76 11.95 7.02 -10.77
C PRO A 76 11.60 7.88 -11.97
N SER A 77 10.31 7.91 -12.29
CA SER A 77 9.82 8.69 -13.44
C SER A 77 10.38 10.11 -13.39
N SER A 78 10.22 10.76 -12.24
CA SER A 78 10.70 12.13 -12.07
C SER A 78 12.02 12.34 -12.81
N GLY A 79 12.06 13.34 -13.67
CA GLY A 79 13.26 13.63 -14.42
C GLY A 79 13.97 14.87 -13.93
N GLY A 1 -19.40 18.04 -17.32
CA GLY A 1 -18.20 17.73 -18.07
C GLY A 1 -16.94 17.84 -17.21
N SER A 2 -16.27 18.98 -17.30
CA SER A 2 -15.05 19.21 -16.54
C SER A 2 -14.21 17.94 -16.47
N SER A 3 -14.12 17.23 -17.60
CA SER A 3 -13.34 16.00 -17.66
C SER A 3 -11.96 16.26 -18.25
N GLY A 4 -11.01 15.39 -17.91
CA GLY A 4 -9.66 15.54 -18.41
C GLY A 4 -9.38 14.64 -19.60
N SER A 5 -8.84 13.46 -19.33
CA SER A 5 -8.51 12.51 -20.38
C SER A 5 -7.92 13.21 -21.60
N SER A 6 -6.99 14.13 -21.34
CA SER A 6 -6.35 14.89 -22.41
C SER A 6 -6.10 14.00 -23.63
N GLY A 7 -5.71 12.75 -23.37
CA GLY A 7 -5.45 11.82 -24.45
C GLY A 7 -4.37 10.82 -24.09
N PRO A 8 -4.07 9.90 -25.03
CA PRO A 8 -3.06 8.86 -24.83
C PRO A 8 -1.64 9.44 -24.80
N LEU A 9 -0.71 8.64 -24.29
CA LEU A 9 0.68 9.07 -24.20
C LEU A 9 1.61 8.02 -24.78
N PRO A 10 2.76 8.46 -25.31
CA PRO A 10 3.76 7.57 -25.91
C PRO A 10 4.46 6.71 -24.88
N ASN A 11 4.21 7.00 -23.60
CA ASN A 11 4.83 6.25 -22.52
C ASN A 11 3.76 5.56 -21.66
N PRO A 12 4.01 4.28 -21.34
CA PRO A 12 3.09 3.48 -20.52
C PRO A 12 3.03 3.95 -19.07
N GLU A 13 3.89 4.91 -18.74
CA GLU A 13 3.95 5.44 -17.38
C GLU A 13 2.95 6.58 -17.20
N GLY A 14 1.71 6.35 -17.62
CA GLY A 14 0.69 7.37 -17.50
C GLY A 14 0.02 7.37 -16.14
N LEU A 15 -0.92 6.45 -15.95
CA LEU A 15 -1.65 6.34 -14.69
C LEU A 15 -0.82 5.59 -13.65
N ASP A 16 -0.23 6.34 -12.72
CA ASP A 16 0.59 5.75 -11.67
C ASP A 16 -0.26 5.41 -10.45
N SER A 17 0.39 4.88 -9.41
CA SER A 17 -0.30 4.51 -8.18
C SER A 17 0.40 5.10 -6.97
N ASP A 18 -0.36 5.35 -5.91
CA ASP A 18 0.19 5.92 -4.68
C ASP A 18 0.70 4.81 -3.77
N PHE A 19 2.01 4.80 -3.53
CA PHE A 19 2.63 3.80 -2.67
C PHE A 19 3.07 4.43 -1.35
N LEU A 20 3.14 3.59 -0.31
CA LEU A 20 3.55 4.06 1.02
C LEU A 20 4.44 3.03 1.70
N ALA A 21 5.70 3.41 1.92
CA ALA A 21 6.66 2.52 2.56
C ALA A 21 6.51 2.55 4.08
N VAL A 22 6.39 1.38 4.70
CA VAL A 22 6.23 1.28 6.14
C VAL A 22 7.48 1.78 6.86
N LEU A 23 7.36 2.94 7.50
CA LEU A 23 8.47 3.52 8.24
C LEU A 23 8.82 2.69 9.47
N SER A 24 7.81 2.05 10.06
CA SER A 24 8.01 1.23 11.24
C SER A 24 6.84 0.27 11.42
N ASP A 25 7.15 -1.02 11.53
CA ASP A 25 6.13 -2.05 11.72
C ASP A 25 4.99 -1.53 12.59
N TYR A 26 3.79 -2.02 12.33
CA TYR A 26 2.61 -1.61 13.08
C TYR A 26 1.44 -2.55 12.83
N PRO A 27 0.58 -2.70 13.84
CA PRO A 27 0.74 -2.02 15.13
C PRO A 27 1.93 -2.55 15.93
N SER A 28 2.08 -2.06 17.16
CA SER A 28 3.17 -2.48 18.02
C SER A 28 2.97 -3.92 18.49
N PRO A 29 4.08 -4.61 18.80
CA PRO A 29 4.05 -6.00 19.27
C PRO A 29 3.47 -6.12 20.67
N ASP A 30 3.02 -5.00 21.23
CA ASP A 30 2.44 -4.98 22.56
C ASP A 30 0.92 -4.81 22.49
N ILE A 31 0.45 -4.25 21.39
CA ILE A 31 -0.98 -4.03 21.19
C ILE A 31 -1.57 -5.07 20.24
N SER A 32 -1.02 -5.12 19.03
CA SER A 32 -1.49 -6.07 18.02
C SER A 32 -0.35 -6.46 17.08
N PRO A 33 -0.57 -7.57 16.34
CA PRO A 33 0.43 -8.07 15.39
C PRO A 33 0.58 -7.17 14.17
N PRO A 34 1.83 -6.87 13.81
CA PRO A 34 2.14 -6.03 12.65
C PRO A 34 1.81 -6.70 11.33
N ILE A 35 0.96 -6.06 10.54
CA ILE A 35 0.56 -6.59 9.24
C ILE A 35 1.55 -6.17 8.15
N PHE A 36 2.22 -5.04 8.37
CA PHE A 36 3.18 -4.53 7.40
C PHE A 36 4.51 -4.21 8.07
N ARG A 37 5.46 -5.13 7.96
CA ARG A 37 6.78 -4.95 8.56
C ARG A 37 7.49 -3.75 7.94
N ARG A 38 8.45 -3.20 8.68
CA ARG A 38 9.22 -2.04 8.21
C ARG A 38 9.89 -2.35 6.87
N GLY A 39 9.95 -1.34 6.00
CA GLY A 39 10.57 -1.52 4.70
C GLY A 39 9.65 -2.24 3.72
N GLU A 40 8.39 -2.42 4.11
CA GLU A 40 7.43 -3.10 3.27
C GLU A 40 6.64 -2.10 2.43
N LYS A 41 6.47 -2.42 1.14
CA LYS A 41 5.74 -1.56 0.23
C LYS A 41 4.25 -1.86 0.26
N LEU A 42 3.44 -0.81 0.21
CA LEU A 42 1.99 -0.97 0.24
C LEU A 42 1.32 -0.04 -0.77
N ARG A 43 0.21 -0.49 -1.35
CA ARG A 43 -0.52 0.30 -2.33
C ARG A 43 -1.74 0.97 -1.70
N VAL A 44 -1.82 2.29 -1.83
CA VAL A 44 -2.93 3.04 -1.28
C VAL A 44 -4.25 2.65 -1.91
N ILE A 45 -5.10 1.99 -1.14
CA ILE A 45 -6.40 1.54 -1.62
C ILE A 45 -7.44 2.65 -1.51
N SER A 46 -7.49 3.29 -0.35
CA SER A 46 -8.44 4.37 -0.11
C SER A 46 -7.87 5.39 0.88
N ASP A 47 -8.41 6.61 0.83
CA ASP A 47 -7.95 7.67 1.72
C ASP A 47 -9.08 8.13 2.64
N GLU A 48 -8.92 7.88 3.93
CA GLU A 48 -9.92 8.26 4.91
C GLU A 48 -9.37 9.31 5.87
N GLY A 49 -9.46 10.57 5.48
CA GLY A 49 -8.97 11.65 6.33
C GLY A 49 -7.50 11.49 6.65
N GLY A 50 -7.19 11.36 7.94
CA GLY A 50 -5.81 11.20 8.36
C GLY A 50 -5.31 9.79 8.20
N TRP A 51 -6.22 8.83 8.16
CA TRP A 51 -5.86 7.42 8.00
C TRP A 51 -6.33 6.89 6.66
N TRP A 52 -5.48 6.14 5.99
CA TRP A 52 -5.80 5.57 4.69
C TRP A 52 -5.61 4.06 4.69
N LYS A 53 -6.16 3.39 3.69
CA LYS A 53 -6.05 1.94 3.58
C LYS A 53 -5.01 1.56 2.52
N ALA A 54 -4.33 0.43 2.75
CA ALA A 54 -3.31 -0.04 1.83
C ALA A 54 -3.12 -1.55 1.95
N ILE A 55 -2.49 -2.15 0.96
CA ILE A 55 -2.23 -3.59 0.96
C ILE A 55 -0.78 -3.90 0.63
N SER A 56 -0.29 -5.01 1.15
CA SER A 56 1.10 -5.42 0.90
C SER A 56 1.22 -6.15 -0.42
N LEU A 57 2.16 -5.69 -1.26
CA LEU A 57 2.39 -6.30 -2.56
C LEU A 57 3.19 -7.59 -2.44
N SER A 58 3.37 -8.04 -1.20
CA SER A 58 4.13 -9.26 -0.94
C SER A 58 3.24 -10.32 -0.30
N THR A 59 2.43 -9.90 0.68
CA THR A 59 1.54 -10.81 1.37
C THR A 59 0.11 -10.69 0.84
N GLY A 60 -0.33 -9.44 0.63
CA GLY A 60 -1.68 -9.21 0.14
C GLY A 60 -2.67 -8.96 1.26
N ARG A 61 -2.18 -8.48 2.39
CA ARG A 61 -3.03 -8.20 3.54
C ARG A 61 -3.56 -6.77 3.49
N GLU A 62 -4.88 -6.63 3.54
CA GLU A 62 -5.52 -5.32 3.50
C GLU A 62 -5.77 -4.80 4.92
N SER A 63 -5.15 -3.68 5.25
CA SER A 63 -5.30 -3.08 6.58
C SER A 63 -5.20 -1.57 6.50
N TYR A 64 -5.60 -0.89 7.57
CA TYR A 64 -5.54 0.56 7.62
C TYR A 64 -4.45 1.04 8.58
N ILE A 65 -3.52 1.84 8.06
CA ILE A 65 -2.43 2.35 8.86
C ILE A 65 -2.30 3.86 8.70
N PRO A 66 -1.79 4.54 9.75
CA PRO A 66 -1.61 5.98 9.75
C PRO A 66 -0.48 6.42 8.81
N GLY A 67 -0.75 7.47 8.03
CA GLY A 67 0.25 7.96 7.10
C GLY A 67 1.60 8.16 7.75
N ILE A 68 1.60 8.47 9.04
CA ILE A 68 2.83 8.69 9.78
C ILE A 68 3.65 7.41 9.88
N CYS A 69 2.95 6.28 9.90
CA CYS A 69 3.61 4.97 9.99
C CYS A 69 4.17 4.55 8.64
N VAL A 70 3.86 5.33 7.60
CA VAL A 70 4.33 5.04 6.26
C VAL A 70 4.90 6.29 5.59
N ALA A 71 5.59 6.08 4.47
CA ALA A 71 6.18 7.19 3.73
C ALA A 71 5.79 7.15 2.26
N ARG A 72 5.41 8.29 1.72
CA ARG A 72 5.01 8.39 0.32
C ARG A 72 6.20 8.08 -0.60
N VAL A 73 6.11 6.96 -1.31
CA VAL A 73 7.17 6.55 -2.22
C VAL A 73 6.97 7.17 -3.60
N SER A 74 8.07 7.51 -4.26
CA SER A 74 8.02 8.10 -5.59
C SER A 74 9.18 7.62 -6.45
N GLY A 75 8.85 6.95 -7.55
CA GLY A 75 9.87 6.44 -8.45
C GLY A 75 10.30 7.47 -9.49
N PRO A 76 11.47 7.26 -10.08
CA PRO A 76 12.03 8.15 -11.10
C PRO A 76 11.24 8.09 -12.40
N SER A 77 10.86 6.88 -12.81
CA SER A 77 10.11 6.68 -14.04
C SER A 77 8.82 7.50 -14.01
N SER A 78 8.10 7.45 -12.90
CA SER A 78 6.85 8.16 -12.75
C SER A 78 6.92 9.15 -11.59
N GLY A 79 6.72 10.43 -11.90
CA GLY A 79 6.77 11.45 -10.87
C GLY A 79 8.19 11.81 -10.46
N GLY A 1 8.66 -7.81 -4.32
CA GLY A 1 9.02 -9.21 -4.30
C GLY A 1 7.80 -10.12 -4.36
N SER A 2 7.65 -10.83 -5.47
CA SER A 2 6.52 -11.74 -5.65
C SER A 2 5.22 -10.95 -5.75
N SER A 3 5.25 -9.85 -6.50
CA SER A 3 4.07 -9.02 -6.67
C SER A 3 2.97 -9.78 -7.41
N GLY A 4 2.00 -10.27 -6.65
CA GLY A 4 0.90 -11.01 -7.25
C GLY A 4 0.36 -10.35 -8.50
N SER A 5 0.32 -11.10 -9.60
CA SER A 5 -0.17 -10.58 -10.87
C SER A 5 -1.69 -10.55 -10.90
N SER A 6 -2.26 -9.42 -10.48
CA SER A 6 -3.71 -9.27 -10.45
C SER A 6 -4.12 -7.94 -11.07
N GLY A 7 -5.05 -8.01 -12.03
CA GLY A 7 -5.52 -6.81 -12.69
C GLY A 7 -4.47 -6.20 -13.62
N PRO A 8 -4.87 -5.17 -14.37
CA PRO A 8 -3.97 -4.49 -15.31
C PRO A 8 -2.89 -3.69 -14.60
N LEU A 9 -1.68 -3.70 -15.14
CA LEU A 9 -0.56 -2.98 -14.56
C LEU A 9 -0.82 -1.48 -14.57
N PRO A 10 -0.36 -0.79 -13.52
CA PRO A 10 -0.54 0.67 -13.38
C PRO A 10 0.30 1.44 -14.39
N ASN A 11 -0.19 1.53 -15.62
CA ASN A 11 0.52 2.25 -16.68
C ASN A 11 0.94 3.64 -16.20
N PRO A 12 2.25 3.82 -16.02
CA PRO A 12 2.82 5.09 -15.57
C PRO A 12 2.72 6.18 -16.63
N GLU A 13 2.25 5.80 -17.81
CA GLU A 13 2.10 6.76 -18.91
C GLU A 13 0.76 7.49 -18.82
N GLY A 14 0.32 7.73 -17.59
CA GLY A 14 -0.95 8.42 -17.39
C GLY A 14 -1.38 8.40 -15.94
N LEU A 15 -2.02 7.32 -15.52
CA LEU A 15 -2.50 7.18 -14.15
C LEU A 15 -1.56 6.30 -13.33
N ASP A 16 -1.04 6.86 -12.25
CA ASP A 16 -0.12 6.12 -11.38
C ASP A 16 -0.79 5.80 -10.04
N SER A 17 -0.08 5.05 -9.20
CA SER A 17 -0.61 4.66 -7.90
C SER A 17 0.25 5.23 -6.77
N ASP A 18 -0.38 5.50 -5.63
CA ASP A 18 0.33 6.04 -4.49
C ASP A 18 0.79 4.93 -3.54
N PHE A 19 2.10 4.80 -3.39
CA PHE A 19 2.68 3.77 -2.53
C PHE A 19 3.14 4.37 -1.21
N LEU A 20 3.15 3.55 -0.16
CA LEU A 20 3.57 3.99 1.16
C LEU A 20 4.45 2.95 1.84
N ALA A 21 5.72 3.27 2.03
CA ALA A 21 6.66 2.37 2.67
C ALA A 21 6.51 2.40 4.18
N VAL A 22 6.30 1.23 4.77
CA VAL A 22 6.15 1.12 6.23
C VAL A 22 7.40 1.59 6.95
N LEU A 23 7.37 2.83 7.43
CA LEU A 23 8.51 3.40 8.15
C LEU A 23 8.87 2.54 9.35
N SER A 24 7.87 1.94 9.97
CA SER A 24 8.09 1.10 11.13
C SER A 24 6.93 0.11 11.32
N ASP A 25 7.27 -1.15 11.56
CA ASP A 25 6.26 -2.18 11.76
C ASP A 25 5.14 -1.69 12.66
N TYR A 26 3.90 -1.96 12.28
CA TYR A 26 2.75 -1.54 13.05
C TYR A 26 1.56 -2.47 12.82
N PRO A 27 0.70 -2.61 13.84
CA PRO A 27 0.88 -1.92 15.12
C PRO A 27 2.07 -2.46 15.92
N SER A 28 2.23 -1.95 17.13
CA SER A 28 3.34 -2.38 17.99
C SER A 28 3.06 -3.76 18.57
N PRO A 29 4.14 -4.47 18.94
CA PRO A 29 4.03 -5.82 19.52
C PRO A 29 3.45 -5.81 20.93
N ASP A 30 3.09 -4.61 21.40
CA ASP A 30 2.52 -4.46 22.73
C ASP A 30 1.02 -4.15 22.65
N ILE A 31 0.53 -3.96 21.42
CA ILE A 31 -0.87 -3.65 21.20
C ILE A 31 -1.51 -4.65 20.26
N SER A 32 -0.83 -4.94 19.15
CA SER A 32 -1.33 -5.89 18.16
C SER A 32 -0.23 -6.30 17.19
N PRO A 33 -0.45 -7.42 16.49
CA PRO A 33 0.52 -7.94 15.52
C PRO A 33 0.62 -7.07 14.27
N PRO A 34 1.86 -6.79 13.85
CA PRO A 34 2.13 -5.97 12.66
C PRO A 34 1.73 -6.68 11.37
N ILE A 35 0.89 -6.01 10.58
CA ILE A 35 0.43 -6.56 9.31
C ILE A 35 1.41 -6.23 8.18
N PHE A 36 2.15 -5.15 8.35
CA PHE A 36 3.11 -4.72 7.34
C PHE A 36 4.44 -4.32 7.99
N ARG A 37 5.38 -5.26 8.00
CA ARG A 37 6.69 -5.02 8.60
C ARG A 37 7.34 -3.78 7.99
N ARG A 38 8.35 -3.25 8.67
CA ARG A 38 9.06 -2.06 8.20
C ARG A 38 9.68 -2.32 6.83
N GLY A 39 9.79 -1.26 6.03
CA GLY A 39 10.37 -1.38 4.71
C GLY A 39 9.42 -2.02 3.71
N GLU A 40 8.31 -2.55 4.21
CA GLU A 40 7.32 -3.20 3.36
C GLU A 40 6.58 -2.17 2.52
N LYS A 41 6.37 -2.51 1.25
CA LYS A 41 5.67 -1.62 0.33
C LYS A 41 4.18 -1.91 0.31
N LEU A 42 3.38 -0.84 0.28
CA LEU A 42 1.93 -0.98 0.28
C LEU A 42 1.30 -0.01 -0.70
N ARG A 43 0.24 -0.45 -1.38
CA ARG A 43 -0.46 0.39 -2.35
C ARG A 43 -1.66 1.08 -1.71
N VAL A 44 -1.77 2.39 -1.92
CA VAL A 44 -2.87 3.16 -1.37
C VAL A 44 -4.19 2.77 -2.01
N ILE A 45 -5.05 2.11 -1.23
CA ILE A 45 -6.36 1.69 -1.73
C ILE A 45 -7.38 2.81 -1.63
N SER A 46 -7.41 3.48 -0.48
CA SER A 46 -8.34 4.58 -0.25
C SER A 46 -7.82 5.52 0.83
N ASP A 47 -8.22 6.78 0.75
CA ASP A 47 -7.81 7.78 1.72
C ASP A 47 -8.97 8.22 2.60
N GLU A 48 -8.86 7.95 3.89
CA GLU A 48 -9.91 8.31 4.84
C GLU A 48 -9.38 9.26 5.90
N GLY A 49 -9.39 10.56 5.60
CA GLY A 49 -8.91 11.54 6.55
C GLY A 49 -7.44 11.36 6.87
N GLY A 50 -7.14 11.20 8.17
CA GLY A 50 -5.77 11.01 8.59
C GLY A 50 -5.27 9.61 8.35
N TRP A 51 -6.20 8.66 8.27
CA TRP A 51 -5.85 7.26 8.04
C TRP A 51 -6.33 6.80 6.66
N TRP A 52 -5.56 5.90 6.06
CA TRP A 52 -5.91 5.38 4.73
C TRP A 52 -5.72 3.86 4.68
N LYS A 53 -6.30 3.24 3.66
CA LYS A 53 -6.19 1.80 3.49
C LYS A 53 -5.12 1.44 2.46
N ALA A 54 -4.42 0.35 2.71
CA ALA A 54 -3.37 -0.10 1.79
C ALA A 54 -3.19 -1.62 1.87
N ILE A 55 -2.53 -2.18 0.86
CA ILE A 55 -2.30 -3.62 0.81
C ILE A 55 -0.85 -3.93 0.44
N SER A 56 -0.26 -4.89 1.14
CA SER A 56 1.12 -5.28 0.88
C SER A 56 1.24 -6.02 -0.45
N LEU A 57 2.18 -5.56 -1.27
CA LEU A 57 2.40 -6.18 -2.58
C LEU A 57 3.20 -7.47 -2.45
N SER A 58 3.41 -7.91 -1.21
CA SER A 58 4.16 -9.13 -0.95
C SER A 58 3.24 -10.21 -0.39
N THR A 59 2.41 -9.85 0.57
CA THR A 59 1.49 -10.78 1.19
C THR A 59 0.07 -10.60 0.66
N GLY A 60 -0.29 -9.36 0.33
CA GLY A 60 -1.61 -9.08 -0.18
C GLY A 60 -2.64 -8.90 0.92
N ARG A 61 -2.19 -8.44 2.07
CA ARG A 61 -3.09 -8.24 3.21
C ARG A 61 -3.63 -6.82 3.23
N GLU A 62 -4.95 -6.69 3.24
CA GLU A 62 -5.60 -5.38 3.25
C GLU A 62 -5.86 -4.92 4.67
N SER A 63 -5.23 -3.80 5.05
CA SER A 63 -5.39 -3.26 6.40
C SER A 63 -5.31 -1.73 6.37
N TYR A 64 -5.70 -1.10 7.48
CA TYR A 64 -5.67 0.34 7.58
C TYR A 64 -4.59 0.80 8.55
N ILE A 65 -3.60 1.52 8.03
CA ILE A 65 -2.50 2.02 8.84
C ILE A 65 -2.38 3.54 8.73
N PRO A 66 -1.86 4.17 9.80
CA PRO A 66 -1.68 5.62 9.84
C PRO A 66 -0.57 6.09 8.91
N GLY A 67 -0.84 7.16 8.15
CA GLY A 67 0.15 7.69 7.23
C GLY A 67 1.49 7.91 7.89
N ILE A 68 1.48 8.18 9.19
CA ILE A 68 2.71 8.42 9.93
C ILE A 68 3.55 7.16 10.00
N CYS A 69 2.90 6.01 9.94
CA CYS A 69 3.60 4.73 9.99
C CYS A 69 4.09 4.31 8.61
N VAL A 70 3.83 5.16 7.62
CA VAL A 70 4.24 4.89 6.25
C VAL A 70 4.83 6.13 5.60
N ALA A 71 5.64 5.92 4.55
CA ALA A 71 6.27 7.02 3.84
C ALA A 71 5.87 7.02 2.37
N ARG A 72 5.45 8.18 1.88
CA ARG A 72 5.03 8.32 0.49
C ARG A 72 6.20 8.08 -0.46
N VAL A 73 6.18 6.94 -1.14
CA VAL A 73 7.24 6.58 -2.08
C VAL A 73 7.05 7.29 -3.41
N SER A 74 8.16 7.68 -4.04
CA SER A 74 8.11 8.37 -5.32
C SER A 74 8.74 7.52 -6.42
N GLY A 75 7.91 6.97 -7.29
CA GLY A 75 8.40 6.15 -8.37
C GLY A 75 8.45 4.67 -8.00
N PRO A 76 8.88 3.84 -8.96
CA PRO A 76 8.97 2.38 -8.76
C PRO A 76 10.09 2.01 -7.79
N SER A 77 11.21 2.69 -7.89
CA SER A 77 12.36 2.43 -7.03
C SER A 77 12.57 0.92 -6.85
N SER A 78 12.45 0.19 -7.95
CA SER A 78 12.62 -1.27 -7.92
C SER A 78 13.85 -1.68 -8.73
N GLY A 79 14.70 -2.51 -8.13
CA GLY A 79 15.90 -2.96 -8.81
C GLY A 79 15.93 -4.47 -8.96
N GLY A 1 -25.04 -21.71 -8.85
CA GLY A 1 -23.79 -21.08 -8.49
C GLY A 1 -23.10 -20.42 -9.67
N SER A 2 -23.53 -19.20 -9.99
CA SER A 2 -22.96 -18.46 -11.11
C SER A 2 -21.90 -17.47 -10.63
N SER A 3 -20.82 -17.36 -11.39
CA SER A 3 -19.73 -16.45 -11.03
C SER A 3 -19.40 -15.53 -12.21
N GLY A 4 -18.91 -14.33 -11.89
CA GLY A 4 -18.56 -13.37 -12.92
C GLY A 4 -17.63 -13.95 -13.96
N SER A 5 -17.45 -13.24 -15.07
CA SER A 5 -16.58 -13.69 -16.14
C SER A 5 -16.22 -12.54 -17.07
N SER A 6 -14.92 -12.33 -17.26
CA SER A 6 -14.44 -11.26 -18.13
C SER A 6 -14.75 -9.89 -17.52
N GLY A 7 -14.40 -9.73 -16.25
CA GLY A 7 -14.65 -8.47 -15.56
C GLY A 7 -13.39 -7.64 -15.41
N PRO A 8 -13.53 -6.31 -15.54
CA PRO A 8 -12.40 -5.38 -15.41
C PRO A 8 -11.89 -5.29 -13.98
N LEU A 9 -10.62 -4.91 -13.83
CA LEU A 9 -10.01 -4.79 -12.52
C LEU A 9 -9.27 -3.46 -12.39
N PRO A 10 -9.12 -2.97 -11.14
CA PRO A 10 -8.44 -1.72 -10.85
C PRO A 10 -6.93 -1.81 -11.09
N ASN A 11 -6.48 -2.97 -11.56
CA ASN A 11 -5.07 -3.21 -11.82
C ASN A 11 -4.38 -1.92 -12.29
N PRO A 12 -3.13 -1.72 -11.86
CA PRO A 12 -2.35 -0.54 -12.22
C PRO A 12 -1.94 -0.53 -13.69
N GLU A 13 -2.40 -1.55 -14.42
CA GLU A 13 -2.08 -1.65 -15.84
C GLU A 13 -2.40 -0.36 -16.57
N GLY A 14 -1.43 0.56 -16.59
CA GLY A 14 -1.61 1.83 -17.25
C GLY A 14 -1.38 3.01 -16.33
N LEU A 15 -2.03 2.97 -15.16
CA LEU A 15 -1.89 4.04 -14.18
C LEU A 15 -1.20 3.54 -12.91
N ASP A 16 -0.18 4.28 -12.48
CA ASP A 16 0.56 3.92 -11.28
C ASP A 16 -0.14 4.44 -10.02
N SER A 17 -0.20 3.60 -8.99
CA SER A 17 -0.84 3.97 -7.74
C SER A 17 0.18 4.46 -6.73
N ASP A 18 -0.27 5.28 -5.79
CA ASP A 18 0.61 5.82 -4.75
C ASP A 18 1.06 4.72 -3.79
N PHE A 19 2.36 4.67 -3.51
CA PHE A 19 2.91 3.68 -2.61
C PHE A 19 3.25 4.29 -1.26
N LEU A 20 3.22 3.47 -0.21
CA LEU A 20 3.51 3.92 1.14
C LEU A 20 4.45 2.96 1.85
N ALA A 21 5.70 3.37 2.04
CA ALA A 21 6.69 2.54 2.72
C ALA A 21 6.50 2.57 4.23
N VAL A 22 6.36 1.39 4.83
CA VAL A 22 6.17 1.29 6.27
C VAL A 22 7.39 1.80 7.02
N LEU A 23 7.27 3.00 7.58
CA LEU A 23 8.37 3.62 8.32
C LEU A 23 8.72 2.78 9.55
N SER A 24 7.71 2.14 10.14
CA SER A 24 7.92 1.32 11.32
C SER A 24 6.77 0.30 11.48
N ASP A 25 7.14 -0.97 11.53
CA ASP A 25 6.15 -2.04 11.68
C ASP A 25 5.01 -1.60 12.59
N TYR A 26 3.80 -2.05 12.27
CA TYR A 26 2.63 -1.70 13.07
C TYR A 26 1.47 -2.67 12.80
N PRO A 27 0.63 -2.89 13.82
CA PRO A 27 0.80 -2.26 15.14
C PRO A 27 2.02 -2.78 15.88
N SER A 28 2.26 -2.24 17.08
CA SER A 28 3.40 -2.66 17.89
C SER A 28 3.24 -4.10 18.36
N PRO A 29 4.37 -4.77 18.61
CA PRO A 29 4.38 -6.16 19.06
C PRO A 29 3.85 -6.31 20.49
N ASP A 30 3.42 -5.20 21.08
CA ASP A 30 2.89 -5.20 22.44
C ASP A 30 1.37 -5.09 22.43
N ILE A 31 0.83 -4.52 21.35
CA ILE A 31 -0.61 -4.36 21.22
C ILE A 31 -1.20 -5.40 20.28
N SER A 32 -0.67 -5.47 19.07
CA SER A 32 -1.14 -6.42 18.06
C SER A 32 -0.04 -6.74 17.06
N PRO A 33 -0.24 -7.83 16.31
CA PRO A 33 0.73 -8.28 15.29
C PRO A 33 0.79 -7.33 14.10
N PRO A 34 2.01 -6.96 13.70
CA PRO A 34 2.23 -6.05 12.57
C PRO A 34 1.89 -6.71 11.23
N ILE A 35 0.88 -6.18 10.56
CA ILE A 35 0.45 -6.72 9.27
C ILE A 35 1.41 -6.30 8.16
N PHE A 36 2.06 -5.15 8.36
CA PHE A 36 3.00 -4.63 7.37
C PHE A 36 4.33 -4.27 8.03
N ARG A 37 5.32 -5.14 7.86
CA ARG A 37 6.64 -4.91 8.44
C ARG A 37 7.28 -3.66 7.86
N ARG A 38 8.30 -3.15 8.54
CA ARG A 38 9.00 -1.95 8.09
C ARG A 38 9.66 -2.18 6.74
N GLY A 39 9.71 -1.12 5.93
CA GLY A 39 10.32 -1.22 4.62
C GLY A 39 9.41 -1.90 3.60
N GLU A 40 8.30 -2.47 4.10
CA GLU A 40 7.35 -3.15 3.24
C GLU A 40 6.55 -2.15 2.41
N LYS A 41 6.46 -2.39 1.11
CA LYS A 41 5.72 -1.51 0.21
C LYS A 41 4.23 -1.81 0.26
N LEU A 42 3.42 -0.75 0.30
CA LEU A 42 1.97 -0.90 0.36
C LEU A 42 1.30 -0.04 -0.71
N ARG A 43 0.27 -0.59 -1.34
CA ARG A 43 -0.46 0.13 -2.39
C ARG A 43 -1.62 0.92 -1.79
N VAL A 44 -1.70 2.20 -2.15
CA VAL A 44 -2.77 3.06 -1.64
C VAL A 44 -4.12 2.66 -2.23
N ILE A 45 -5.00 2.14 -1.39
CA ILE A 45 -6.32 1.73 -1.82
C ILE A 45 -7.31 2.88 -1.77
N SER A 46 -7.40 3.53 -0.61
CA SER A 46 -8.29 4.66 -0.42
C SER A 46 -7.77 5.61 0.65
N ASP A 47 -8.26 6.84 0.63
CA ASP A 47 -7.84 7.84 1.61
C ASP A 47 -9.02 8.27 2.49
N GLU A 48 -8.95 7.92 3.76
CA GLU A 48 -10.01 8.26 4.71
C GLU A 48 -9.52 9.31 5.71
N GLY A 49 -9.63 10.58 5.33
CA GLY A 49 -9.19 11.65 6.21
C GLY A 49 -7.73 11.55 6.58
N GLY A 50 -7.44 11.47 7.87
CA GLY A 50 -6.07 11.37 8.33
C GLY A 50 -5.49 9.99 8.09
N TRP A 51 -6.35 8.99 7.98
CA TRP A 51 -5.91 7.62 7.75
C TRP A 51 -6.35 7.13 6.38
N TRP A 52 -5.60 6.19 5.82
CA TRP A 52 -5.92 5.63 4.51
C TRP A 52 -5.76 4.12 4.51
N LYS A 53 -6.32 3.47 3.49
CA LYS A 53 -6.24 2.02 3.38
C LYS A 53 -5.17 1.61 2.36
N ALA A 54 -4.43 0.56 2.68
CA ALA A 54 -3.38 0.07 1.80
C ALA A 54 -3.24 -1.44 1.91
N ILE A 55 -2.48 -2.03 1.00
CA ILE A 55 -2.26 -3.46 0.98
C ILE A 55 -0.79 -3.81 0.74
N SER A 56 -0.29 -4.81 1.45
CA SER A 56 1.10 -5.23 1.31
C SER A 56 1.28 -6.10 0.06
N LEU A 57 2.26 -5.72 -0.76
CA LEU A 57 2.54 -6.47 -2.00
C LEU A 57 3.33 -7.73 -1.69
N SER A 58 3.47 -8.05 -0.40
CA SER A 58 4.21 -9.23 0.01
C SER A 58 3.26 -10.35 0.43
N THR A 59 2.25 -9.99 1.22
CA THR A 59 1.27 -10.96 1.70
C THR A 59 -0.09 -10.72 1.06
N GLY A 60 -0.41 -9.46 0.82
CA GLY A 60 -1.69 -9.12 0.20
C GLY A 60 -2.77 -8.85 1.24
N ARG A 61 -2.35 -8.47 2.44
CA ARG A 61 -3.30 -8.18 3.52
C ARG A 61 -3.75 -6.73 3.47
N GLU A 62 -5.06 -6.51 3.49
CA GLU A 62 -5.61 -5.17 3.45
C GLU A 62 -5.92 -4.67 4.85
N SER A 63 -5.26 -3.59 5.26
CA SER A 63 -5.46 -3.01 6.58
C SER A 63 -5.28 -1.50 6.55
N TYR A 64 -5.84 -0.82 7.54
CA TYR A 64 -5.75 0.63 7.63
C TYR A 64 -4.63 1.06 8.56
N ILE A 65 -3.78 1.96 8.10
CA ILE A 65 -2.67 2.45 8.90
C ILE A 65 -2.49 3.95 8.73
N PRO A 66 -1.96 4.61 9.78
CA PRO A 66 -1.72 6.05 9.78
C PRO A 66 -0.60 6.46 8.82
N GLY A 67 -0.85 7.47 8.01
CA GLY A 67 0.15 7.93 7.06
C GLY A 67 1.49 8.15 7.71
N ILE A 68 1.49 8.49 9.00
CA ILE A 68 2.72 8.72 9.73
C ILE A 68 3.54 7.44 9.85
N CYS A 69 2.85 6.30 9.89
CA CYS A 69 3.52 5.02 10.00
C CYS A 69 4.10 4.58 8.65
N VAL A 70 3.71 5.29 7.60
CA VAL A 70 4.19 4.99 6.25
C VAL A 70 4.79 6.22 5.59
N ALA A 71 5.51 5.99 4.50
CA ALA A 71 6.14 7.09 3.76
C ALA A 71 5.72 7.09 2.30
N ARG A 72 5.29 8.25 1.81
CA ARG A 72 4.85 8.38 0.43
C ARG A 72 6.02 8.19 -0.53
N VAL A 73 6.14 6.99 -1.09
CA VAL A 73 7.21 6.68 -2.02
C VAL A 73 6.95 7.30 -3.39
N SER A 74 8.02 7.56 -4.14
CA SER A 74 7.89 8.15 -5.47
C SER A 74 8.45 7.21 -6.53
N GLY A 75 8.00 5.96 -6.50
CA GLY A 75 8.46 4.98 -7.46
C GLY A 75 9.96 5.07 -7.71
N PRO A 76 10.39 4.59 -8.89
CA PRO A 76 11.81 4.60 -9.27
C PRO A 76 12.32 6.01 -9.55
N SER A 77 13.59 6.11 -9.94
CA SER A 77 14.20 7.40 -10.23
C SER A 77 13.38 8.16 -11.27
N SER A 78 13.18 7.54 -12.44
CA SER A 78 12.43 8.16 -13.52
C SER A 78 11.42 7.17 -14.10
N GLY A 79 10.44 7.70 -14.83
CA GLY A 79 9.42 6.85 -15.43
C GLY A 79 9.98 5.99 -16.54
N GLY A 1 -7.86 -20.73 -14.47
CA GLY A 1 -7.75 -19.74 -13.41
C GLY A 1 -9.08 -19.44 -12.76
N SER A 2 -9.21 -18.24 -12.20
CA SER A 2 -10.45 -17.84 -11.54
C SER A 2 -11.41 -17.19 -12.53
N SER A 3 -10.89 -16.26 -13.34
CA SER A 3 -11.69 -15.58 -14.33
C SER A 3 -12.21 -16.55 -15.39
N GLY A 4 -11.32 -17.38 -15.90
CA GLY A 4 -11.70 -18.35 -16.91
C GLY A 4 -11.47 -17.84 -18.32
N SER A 5 -12.46 -18.02 -19.18
CA SER A 5 -12.36 -17.57 -20.57
C SER A 5 -13.12 -16.27 -20.78
N SER A 6 -12.38 -15.17 -20.86
CA SER A 6 -13.00 -13.86 -21.06
C SER A 6 -11.93 -12.81 -21.37
N GLY A 7 -12.38 -11.64 -21.81
CA GLY A 7 -11.45 -10.57 -22.14
C GLY A 7 -11.40 -9.50 -21.07
N PRO A 8 -10.31 -8.71 -21.06
CA PRO A 8 -10.12 -7.64 -20.08
C PRO A 8 -11.08 -6.47 -20.30
N LEU A 9 -10.98 -5.47 -19.44
CA LEU A 9 -11.85 -4.29 -19.55
C LEU A 9 -11.02 -3.01 -19.57
N PRO A 10 -11.47 -2.02 -20.34
CA PRO A 10 -10.79 -0.73 -20.47
C PRO A 10 -10.89 0.10 -19.19
N ASN A 11 -10.04 -0.21 -18.22
CA ASN A 11 -10.03 0.50 -16.95
C ASN A 11 -9.40 1.88 -17.10
N PRO A 12 -9.93 2.86 -16.37
CA PRO A 12 -9.43 4.25 -16.41
C PRO A 12 -8.06 4.38 -15.77
N GLU A 13 -7.52 3.26 -15.28
CA GLU A 13 -6.21 3.25 -14.64
C GLU A 13 -5.13 3.69 -15.62
N GLY A 14 -4.59 4.89 -15.41
CA GLY A 14 -3.55 5.40 -16.28
C GLY A 14 -2.17 5.27 -15.67
N LEU A 15 -2.02 5.73 -14.44
CA LEU A 15 -0.74 5.66 -13.75
C LEU A 15 -0.85 4.85 -12.46
N ASP A 16 0.26 4.29 -12.01
CA ASP A 16 0.29 3.49 -10.80
C ASP A 16 -0.32 4.26 -9.63
N SER A 17 -0.79 3.53 -8.61
CA SER A 17 -1.39 4.14 -7.44
C SER A 17 -0.32 4.59 -6.45
N ASP A 18 -0.67 5.53 -5.58
CA ASP A 18 0.24 6.04 -4.57
C ASP A 18 0.72 4.92 -3.65
N PHE A 19 2.03 4.82 -3.46
CA PHE A 19 2.60 3.80 -2.59
C PHE A 19 3.01 4.39 -1.25
N LEU A 20 2.98 3.56 -0.21
CA LEU A 20 3.35 3.99 1.13
C LEU A 20 4.25 2.97 1.81
N ALA A 21 5.52 3.32 1.97
CA ALA A 21 6.48 2.44 2.61
C ALA A 21 6.35 2.48 4.13
N VAL A 22 6.29 1.31 4.75
CA VAL A 22 6.16 1.21 6.19
C VAL A 22 7.41 1.75 6.90
N LEU A 23 7.26 2.90 7.54
CA LEU A 23 8.38 3.53 8.25
C LEU A 23 8.68 2.79 9.56
N SER A 24 7.63 2.20 10.13
CA SER A 24 7.78 1.47 11.39
C SER A 24 6.65 0.45 11.56
N ASP A 25 7.02 -0.83 11.57
CA ASP A 25 6.05 -1.90 11.72
C ASP A 25 4.92 -1.47 12.65
N TYR A 26 3.69 -1.86 12.30
CA TYR A 26 2.52 -1.52 13.11
C TYR A 26 1.39 -2.49 12.85
N PRO A 27 0.56 -2.74 13.89
CA PRO A 27 0.75 -2.10 15.19
C PRO A 27 1.98 -2.61 15.93
N SER A 28 2.15 -2.17 17.17
CA SER A 28 3.30 -2.57 17.98
C SER A 28 3.09 -3.98 18.52
N PRO A 29 4.20 -4.64 18.89
CA PRO A 29 4.18 -6.00 19.43
C PRO A 29 3.57 -6.05 20.83
N ASP A 30 3.06 -4.92 21.29
CA ASP A 30 2.45 -4.84 22.61
C ASP A 30 0.93 -4.79 22.50
N ILE A 31 0.43 -4.25 21.38
CA ILE A 31 -0.99 -4.15 21.16
C ILE A 31 -1.49 -5.24 20.21
N SER A 32 -0.85 -5.34 19.05
CA SER A 32 -1.22 -6.34 18.06
C SER A 32 -0.07 -6.59 17.08
N PRO A 33 -0.16 -7.71 16.34
CA PRO A 33 0.86 -8.09 15.36
C PRO A 33 0.86 -7.17 14.14
N PRO A 34 2.06 -6.80 13.68
CA PRO A 34 2.23 -5.91 12.52
C PRO A 34 1.83 -6.59 11.22
N ILE A 35 0.93 -5.97 10.48
CA ILE A 35 0.46 -6.52 9.21
C ILE A 35 1.36 -6.08 8.06
N PHE A 36 2.10 -5.00 8.28
CA PHE A 36 3.01 -4.47 7.27
C PHE A 36 4.37 -4.13 7.87
N ARG A 37 5.25 -5.11 7.93
CA ARG A 37 6.58 -4.91 8.49
C ARG A 37 7.25 -3.68 7.88
N ARG A 38 8.21 -3.12 8.61
CA ARG A 38 8.91 -1.93 8.14
C ARG A 38 9.65 -2.22 6.83
N GLY A 39 9.69 -1.22 5.95
CA GLY A 39 10.36 -1.39 4.67
C GLY A 39 9.47 -2.05 3.64
N GLU A 40 8.32 -2.55 4.07
CA GLU A 40 7.38 -3.21 3.17
C GLU A 40 6.62 -2.18 2.34
N LYS A 41 6.48 -2.46 1.05
CA LYS A 41 5.77 -1.57 0.15
C LYS A 41 4.27 -1.84 0.19
N LEU A 42 3.48 -0.76 0.20
CA LEU A 42 2.03 -0.88 0.25
C LEU A 42 1.38 0.02 -0.80
N ARG A 43 0.21 -0.41 -1.29
CA ARG A 43 -0.50 0.36 -2.30
C ARG A 43 -1.72 1.06 -1.69
N VAL A 44 -1.82 2.36 -1.94
CA VAL A 44 -2.93 3.16 -1.42
C VAL A 44 -4.26 2.69 -2.00
N ILE A 45 -5.09 2.08 -1.16
CA ILE A 45 -6.40 1.58 -1.58
C ILE A 45 -7.45 2.67 -1.46
N SER A 46 -7.54 3.28 -0.28
CA SER A 46 -8.51 4.34 -0.05
C SER A 46 -7.96 5.38 0.93
N ASP A 47 -8.17 6.65 0.61
CA ASP A 47 -7.68 7.74 1.45
C ASP A 47 -8.81 8.29 2.31
N GLU A 48 -8.68 8.14 3.63
CA GLU A 48 -9.68 8.63 4.56
C GLU A 48 -9.06 9.53 5.63
N GLY A 49 -8.93 10.82 5.31
CA GLY A 49 -8.35 11.75 6.26
C GLY A 49 -6.92 11.40 6.60
N GLY A 50 -6.64 11.23 7.90
CA GLY A 50 -5.30 10.90 8.33
C GLY A 50 -5.02 9.41 8.25
N TRP A 51 -6.08 8.61 8.17
CA TRP A 51 -5.94 7.16 8.09
C TRP A 51 -6.42 6.64 6.75
N TRP A 52 -5.55 5.94 6.03
CA TRP A 52 -5.88 5.39 4.73
C TRP A 52 -5.67 3.88 4.71
N LYS A 53 -6.24 3.22 3.70
CA LYS A 53 -6.11 1.77 3.56
C LYS A 53 -5.03 1.43 2.55
N ALA A 54 -4.31 0.33 2.81
CA ALA A 54 -3.24 -0.12 1.94
C ALA A 54 -3.04 -1.63 2.04
N ILE A 55 -2.55 -2.23 0.96
CA ILE A 55 -2.31 -3.66 0.93
C ILE A 55 -0.87 -3.97 0.53
N SER A 56 -0.22 -4.84 1.29
CA SER A 56 1.16 -5.23 1.00
C SER A 56 1.25 -6.05 -0.28
N LEU A 57 2.13 -5.63 -1.18
CA LEU A 57 2.32 -6.33 -2.45
C LEU A 57 3.17 -7.58 -2.26
N SER A 58 3.43 -7.93 -1.01
CA SER A 58 4.23 -9.11 -0.69
C SER A 58 3.37 -10.22 -0.11
N THR A 59 2.50 -9.85 0.83
CA THR A 59 1.62 -10.82 1.48
C THR A 59 0.21 -10.73 0.91
N GLY A 60 -0.25 -9.51 0.66
CA GLY A 60 -1.58 -9.30 0.12
C GLY A 60 -2.63 -9.12 1.20
N ARG A 61 -2.22 -8.52 2.32
CA ARG A 61 -3.12 -8.28 3.43
C ARG A 61 -3.66 -6.85 3.40
N GLU A 62 -4.98 -6.72 3.45
CA GLU A 62 -5.63 -5.41 3.43
C GLU A 62 -5.88 -4.90 4.84
N SER A 63 -5.24 -3.79 5.19
CA SER A 63 -5.40 -3.20 6.51
C SER A 63 -5.29 -1.69 6.45
N TYR A 64 -5.64 -1.03 7.55
CA TYR A 64 -5.59 0.44 7.62
C TYR A 64 -4.46 0.89 8.55
N ILE A 65 -3.71 1.89 8.11
CA ILE A 65 -2.61 2.42 8.91
C ILE A 65 -2.47 3.92 8.71
N PRO A 66 -1.97 4.61 9.75
CA PRO A 66 -1.77 6.06 9.73
C PRO A 66 -0.65 6.48 8.77
N GLY A 67 -0.92 7.49 7.96
CA GLY A 67 0.07 7.97 7.02
C GLY A 67 1.42 8.19 7.66
N ILE A 68 1.42 8.54 8.94
CA ILE A 68 2.66 8.78 9.67
C ILE A 68 3.48 7.50 9.81
N CYS A 69 2.79 6.36 9.85
CA CYS A 69 3.45 5.06 9.98
C CYS A 69 4.02 4.62 8.63
N VAL A 70 3.75 5.40 7.59
CA VAL A 70 4.23 5.09 6.25
C VAL A 70 4.78 6.33 5.56
N ALA A 71 5.43 6.13 4.42
CA ALA A 71 6.01 7.22 3.66
C ALA A 71 5.68 7.10 2.18
N ARG A 72 5.35 8.22 1.54
CA ARG A 72 5.02 8.23 0.13
C ARG A 72 6.25 7.92 -0.72
N VAL A 73 6.23 6.75 -1.38
CA VAL A 73 7.34 6.33 -2.22
C VAL A 73 7.23 6.95 -3.62
N SER A 74 8.37 7.30 -4.19
CA SER A 74 8.41 7.91 -5.53
C SER A 74 8.01 6.88 -6.59
N GLY A 75 8.57 5.68 -6.48
CA GLY A 75 8.27 4.63 -7.44
C GLY A 75 9.51 3.95 -7.97
N PRO A 76 9.39 3.32 -9.15
CA PRO A 76 10.51 2.62 -9.79
C PRO A 76 11.59 3.57 -10.29
N SER A 77 12.82 3.07 -10.38
CA SER A 77 13.94 3.89 -10.85
C SER A 77 14.66 3.20 -12.01
N SER A 78 15.09 1.97 -11.79
CA SER A 78 15.80 1.21 -12.82
C SER A 78 14.82 0.36 -13.63
N GLY A 79 14.25 0.97 -14.67
CA GLY A 79 13.31 0.25 -15.51
C GLY A 79 12.61 1.16 -16.50
N GLY A 1 -15.77 22.63 -29.02
CA GLY A 1 -16.34 21.31 -29.11
C GLY A 1 -15.66 20.32 -28.18
N SER A 2 -16.47 19.50 -27.51
CA SER A 2 -15.95 18.51 -26.57
C SER A 2 -16.58 17.15 -26.81
N SER A 3 -15.76 16.17 -27.19
CA SER A 3 -16.25 14.82 -27.45
C SER A 3 -15.14 13.79 -27.26
N GLY A 4 -15.51 12.58 -26.88
CA GLY A 4 -14.53 11.52 -26.67
C GLY A 4 -14.95 10.55 -25.59
N SER A 5 -14.29 9.40 -25.55
CA SER A 5 -14.60 8.37 -24.56
C SER A 5 -14.25 8.85 -23.15
N SER A 6 -15.27 9.02 -22.32
CA SER A 6 -15.07 9.47 -20.94
C SER A 6 -14.89 8.29 -20.00
N GLY A 7 -14.55 8.58 -18.76
CA GLY A 7 -14.36 7.54 -17.77
C GLY A 7 -13.05 6.80 -17.96
N PRO A 8 -12.43 6.38 -16.84
CA PRO A 8 -11.16 5.66 -16.85
C PRO A 8 -11.29 4.25 -17.41
N LEU A 9 -10.29 3.80 -18.14
CA LEU A 9 -10.29 2.46 -18.74
C LEU A 9 -10.68 1.42 -17.70
N PRO A 10 -11.45 0.41 -18.14
CA PRO A 10 -11.90 -0.68 -17.27
C PRO A 10 -10.76 -1.60 -16.84
N ASN A 11 -9.61 -1.43 -17.47
CA ASN A 11 -8.44 -2.24 -17.16
C ASN A 11 -7.50 -1.51 -16.20
N PRO A 12 -7.36 -2.04 -14.98
CA PRO A 12 -6.49 -1.46 -13.96
C PRO A 12 -5.01 -1.59 -14.29
N GLU A 13 -4.72 -2.36 -15.34
CA GLU A 13 -3.34 -2.56 -15.77
C GLU A 13 -2.83 -1.36 -16.58
N GLY A 14 -2.30 -0.36 -15.87
CA GLY A 14 -1.79 0.81 -16.53
C GLY A 14 -1.21 1.82 -15.56
N LEU A 15 -2.04 2.75 -15.10
CA LEU A 15 -1.61 3.78 -14.17
C LEU A 15 -1.55 3.22 -12.74
N ASP A 16 -0.35 3.13 -12.19
CA ASP A 16 -0.16 2.62 -10.84
C ASP A 16 -0.82 3.54 -9.82
N SER A 17 -0.71 3.18 -8.54
CA SER A 17 -1.29 3.98 -7.46
C SER A 17 -0.22 4.41 -6.47
N ASP A 18 -0.56 5.41 -5.65
CA ASP A 18 0.37 5.92 -4.65
C ASP A 18 0.83 4.81 -3.73
N PHE A 19 2.15 4.71 -3.52
CA PHE A 19 2.72 3.69 -2.66
C PHE A 19 3.12 4.28 -1.31
N LEU A 20 3.10 3.45 -0.28
CA LEU A 20 3.46 3.89 1.07
C LEU A 20 4.40 2.88 1.74
N ALA A 21 5.64 3.30 1.96
CA ALA A 21 6.63 2.44 2.60
C ALA A 21 6.48 2.46 4.12
N VAL A 22 6.22 1.30 4.70
CA VAL A 22 6.06 1.19 6.15
C VAL A 22 7.29 1.70 6.88
N LEU A 23 7.22 2.94 7.36
CA LEU A 23 8.33 3.54 8.09
C LEU A 23 8.71 2.71 9.31
N SER A 24 7.75 1.93 9.80
CA SER A 24 7.97 1.09 10.98
C SER A 24 6.82 0.13 11.18
N ASP A 25 7.14 -1.14 11.43
CA ASP A 25 6.13 -2.17 11.65
C ASP A 25 5.00 -1.64 12.52
N TYR A 26 3.79 -2.12 12.26
CA TYR A 26 2.62 -1.70 13.03
C TYR A 26 1.44 -2.63 12.80
N PRO A 27 0.59 -2.77 13.82
CA PRO A 27 0.76 -2.06 15.10
C PRO A 27 1.94 -2.58 15.90
N SER A 28 2.10 -2.08 17.11
CA SER A 28 3.20 -2.49 17.98
C SER A 28 2.97 -3.90 18.51
N PRO A 29 4.07 -4.58 18.86
CA PRO A 29 4.02 -5.95 19.38
C PRO A 29 3.42 -6.01 20.78
N ASP A 30 2.99 -4.86 21.29
CA ASP A 30 2.40 -4.78 22.61
C ASP A 30 0.89 -4.53 22.53
N ILE A 31 0.44 -4.07 21.35
CA ILE A 31 -0.97 -3.78 21.15
C ILE A 31 -1.61 -4.81 20.21
N SER A 32 -0.92 -5.09 19.10
CA SER A 32 -1.42 -6.05 18.13
C SER A 32 -0.30 -6.47 17.17
N PRO A 33 -0.53 -7.59 16.45
CA PRO A 33 0.44 -8.12 15.49
C PRO A 33 0.57 -7.24 14.26
N PRO A 34 1.82 -6.93 13.87
CA PRO A 34 2.10 -6.09 12.70
C PRO A 34 1.77 -6.81 11.39
N ILE A 35 0.95 -6.16 10.57
CA ILE A 35 0.55 -6.73 9.29
C ILE A 35 1.51 -6.31 8.19
N PHE A 36 2.19 -5.19 8.39
CA PHE A 36 3.15 -4.68 7.41
C PHE A 36 4.47 -4.33 8.09
N ARG A 37 5.46 -5.20 7.92
CA ARG A 37 6.79 -4.98 8.51
C ARG A 37 7.45 -3.74 7.92
N ARG A 38 8.43 -3.21 8.62
CA ARG A 38 9.15 -2.02 8.16
C ARG A 38 9.79 -2.27 6.80
N GLY A 39 9.91 -1.21 6.01
CA GLY A 39 10.50 -1.33 4.69
C GLY A 39 9.55 -1.95 3.69
N GLU A 40 8.43 -2.47 4.17
CA GLU A 40 7.44 -3.09 3.30
C GLU A 40 6.72 -2.06 2.45
N LYS A 41 6.22 -2.48 1.31
CA LYS A 41 5.50 -1.59 0.41
C LYS A 41 4.01 -1.88 0.42
N LEU A 42 3.20 -0.82 0.39
CA LEU A 42 1.75 -0.97 0.39
C LEU A 42 1.10 -0.02 -0.62
N ARG A 43 0.14 -0.54 -1.37
CA ARG A 43 -0.56 0.25 -2.38
C ARG A 43 -1.74 0.99 -1.76
N VAL A 44 -1.82 2.29 -2.03
CA VAL A 44 -2.91 3.11 -1.50
C VAL A 44 -4.25 2.70 -2.10
N ILE A 45 -5.09 2.08 -1.28
CA ILE A 45 -6.40 1.63 -1.72
C ILE A 45 -7.45 2.74 -1.55
N SER A 46 -7.52 3.30 -0.34
CA SER A 46 -8.47 4.36 -0.05
C SER A 46 -7.87 5.37 0.92
N ASP A 47 -8.38 6.60 0.87
CA ASP A 47 -7.89 7.66 1.74
C ASP A 47 -9.01 8.19 2.64
N GLU A 48 -8.89 7.94 3.94
CA GLU A 48 -9.89 8.39 4.90
C GLU A 48 -9.29 9.39 5.89
N GLY A 49 -9.29 10.66 5.50
CA GLY A 49 -8.75 11.70 6.35
C GLY A 49 -7.29 11.47 6.68
N GLY A 50 -6.97 11.40 7.98
CA GLY A 50 -5.60 11.19 8.40
C GLY A 50 -5.15 9.75 8.21
N TRP A 51 -6.12 8.84 8.12
CA TRP A 51 -5.82 7.42 7.95
C TRP A 51 -6.30 6.93 6.58
N TRP A 52 -5.53 6.02 5.99
CA TRP A 52 -5.87 5.48 4.68
C TRP A 52 -5.69 3.96 4.66
N LYS A 53 -6.27 3.32 3.66
CA LYS A 53 -6.17 1.86 3.52
C LYS A 53 -5.12 1.49 2.48
N ALA A 54 -4.37 0.42 2.76
CA ALA A 54 -3.33 -0.04 1.85
C ALA A 54 -3.15 -1.56 1.96
N ILE A 55 -2.52 -2.14 0.95
CA ILE A 55 -2.28 -3.57 0.93
C ILE A 55 -0.84 -3.89 0.52
N SER A 56 -0.22 -4.81 1.25
CA SER A 56 1.16 -5.20 0.96
C SER A 56 1.24 -5.99 -0.34
N LEU A 57 2.13 -5.56 -1.23
CA LEU A 57 2.30 -6.23 -2.51
C LEU A 57 3.14 -7.50 -2.35
N SER A 58 3.51 -7.81 -1.12
CA SER A 58 4.32 -8.99 -0.83
C SER A 58 3.44 -10.14 -0.33
N THR A 59 2.57 -9.83 0.62
CA THR A 59 1.67 -10.84 1.18
C THR A 59 0.24 -10.65 0.66
N GLY A 60 -0.16 -9.40 0.51
CA GLY A 60 -1.50 -9.11 0.02
C GLY A 60 -2.49 -8.89 1.15
N ARG A 61 -2.00 -8.40 2.28
CA ARG A 61 -2.85 -8.15 3.44
C ARG A 61 -3.41 -6.73 3.40
N GLU A 62 -4.73 -6.62 3.52
CA GLU A 62 -5.40 -5.31 3.51
C GLU A 62 -5.67 -4.83 4.93
N SER A 63 -5.06 -3.69 5.28
CA SER A 63 -5.24 -3.12 6.61
C SER A 63 -5.19 -1.60 6.55
N TYR A 64 -5.59 -0.95 7.65
CA TYR A 64 -5.61 0.51 7.72
C TYR A 64 -4.52 1.01 8.68
N ILE A 65 -3.54 1.71 8.12
CA ILE A 65 -2.45 2.25 8.93
C ILE A 65 -2.34 3.76 8.76
N PRO A 66 -1.85 4.44 9.81
CA PRO A 66 -1.68 5.89 9.81
C PRO A 66 -0.57 6.34 8.87
N GLY A 67 -0.86 7.37 8.08
CA GLY A 67 0.13 7.88 7.15
C GLY A 67 1.49 8.09 7.79
N ILE A 68 1.48 8.40 9.08
CA ILE A 68 2.72 8.62 9.82
C ILE A 68 3.55 7.35 9.90
N CYS A 69 2.88 6.21 9.95
CA CYS A 69 3.55 4.92 10.02
C CYS A 69 4.06 4.49 8.65
N VAL A 70 3.73 5.27 7.63
CA VAL A 70 4.16 4.98 6.27
C VAL A 70 4.74 6.22 5.59
N ALA A 71 5.42 6.02 4.46
CA ALA A 71 6.02 7.11 3.72
C ALA A 71 5.65 7.04 2.24
N ARG A 72 5.17 8.16 1.71
CA ARG A 72 4.77 8.22 0.30
C ARG A 72 5.98 8.00 -0.61
N VAL A 73 6.03 6.84 -1.24
CA VAL A 73 7.13 6.50 -2.14
C VAL A 73 7.03 7.30 -3.45
N SER A 74 8.19 7.72 -3.96
CA SER A 74 8.24 8.49 -5.20
C SER A 74 7.14 8.03 -6.16
N GLY A 75 6.48 8.99 -6.80
CA GLY A 75 5.43 8.67 -7.74
C GLY A 75 4.80 9.90 -8.36
N PRO A 76 3.79 9.69 -9.22
CA PRO A 76 3.08 10.79 -9.89
C PRO A 76 2.24 11.62 -8.94
N SER A 77 2.48 12.92 -8.92
CA SER A 77 1.74 13.83 -8.04
C SER A 77 0.30 14.00 -8.53
N SER A 78 0.16 14.21 -9.83
CA SER A 78 -1.16 14.40 -10.43
C SER A 78 -2.07 13.21 -10.13
N GLY A 79 -3.32 13.52 -9.78
CA GLY A 79 -4.27 12.46 -9.47
C GLY A 79 -5.69 12.85 -9.82
N GLY A 1 -10.96 -14.69 -35.82
CA GLY A 1 -11.16 -14.60 -34.39
C GLY A 1 -10.68 -13.28 -33.82
N SER A 2 -10.74 -13.15 -32.51
CA SER A 2 -10.31 -11.93 -31.83
C SER A 2 -9.24 -12.23 -30.78
N SER A 3 -9.49 -13.26 -29.99
CA SER A 3 -8.55 -13.66 -28.93
C SER A 3 -7.14 -13.84 -29.50
N GLY A 4 -6.16 -13.30 -28.79
CA GLY A 4 -4.78 -13.41 -29.23
C GLY A 4 -3.79 -13.00 -28.16
N SER A 5 -4.05 -11.87 -27.51
CA SER A 5 -3.18 -11.37 -26.45
C SER A 5 -3.33 -12.20 -25.18
N SER A 6 -2.20 -12.70 -24.68
CA SER A 6 -2.21 -13.51 -23.47
C SER A 6 -1.63 -12.74 -22.29
N GLY A 7 -2.51 -12.31 -21.38
CA GLY A 7 -2.06 -11.56 -20.23
C GLY A 7 -2.98 -10.39 -19.90
N PRO A 8 -2.42 -9.18 -19.92
CA PRO A 8 -3.18 -7.95 -19.62
C PRO A 8 -4.17 -7.61 -20.72
N LEU A 9 -4.83 -6.46 -20.59
CA LEU A 9 -5.81 -6.03 -21.57
C LEU A 9 -5.14 -5.27 -22.72
N PRO A 10 -5.80 -5.26 -23.89
CA PRO A 10 -5.28 -4.57 -25.07
C PRO A 10 -5.32 -3.05 -24.92
N ASN A 11 -5.75 -2.59 -23.76
CA ASN A 11 -5.83 -1.16 -23.49
C ASN A 11 -4.49 -0.62 -22.98
N PRO A 12 -4.10 0.55 -23.50
CA PRO A 12 -2.84 1.20 -23.12
C PRO A 12 -2.86 1.73 -21.69
N GLU A 13 -3.97 1.48 -21.00
CA GLU A 13 -4.13 1.93 -19.62
C GLU A 13 -2.79 1.88 -18.87
N GLY A 14 -2.31 3.05 -18.46
CA GLY A 14 -1.05 3.12 -17.75
C GLY A 14 -1.05 4.18 -16.66
N LEU A 15 -1.83 3.95 -15.61
CA LEU A 15 -1.92 4.91 -14.51
C LEU A 15 -1.19 4.37 -13.28
N ASP A 16 -0.35 5.22 -12.69
CA ASP A 16 0.40 4.84 -11.50
C ASP A 16 -0.40 5.11 -10.23
N SER A 17 -0.20 4.28 -9.22
CA SER A 17 -0.90 4.43 -7.95
C SER A 17 0.02 4.96 -6.86
N ASP A 18 -0.56 5.38 -5.75
CA ASP A 18 0.22 5.91 -4.63
C ASP A 18 0.72 4.78 -3.74
N PHE A 19 2.02 4.82 -3.43
CA PHE A 19 2.63 3.80 -2.59
C PHE A 19 3.03 4.38 -1.24
N LEU A 20 3.00 3.54 -0.20
CA LEU A 20 3.37 3.96 1.14
C LEU A 20 4.32 2.98 1.79
N ALA A 21 5.55 3.41 2.04
CA ALA A 21 6.56 2.57 2.66
C ALA A 21 6.41 2.55 4.18
N VAL A 22 6.32 1.35 4.74
CA VAL A 22 6.17 1.19 6.18
C VAL A 22 7.39 1.71 6.93
N LEU A 23 7.30 2.92 7.43
CA LEU A 23 8.40 3.53 8.17
C LEU A 23 8.76 2.69 9.40
N SER A 24 7.76 2.04 9.97
CA SER A 24 7.97 1.21 11.15
C SER A 24 6.83 0.22 11.33
N ASP A 25 7.16 -1.06 11.48
CA ASP A 25 6.16 -2.10 11.67
C ASP A 25 5.06 -1.63 12.60
N TYR A 26 3.82 -1.97 12.26
CA TYR A 26 2.68 -1.57 13.07
C TYR A 26 1.48 -2.49 12.81
N PRO A 27 0.64 -2.67 13.84
CA PRO A 27 0.83 -2.03 15.14
C PRO A 27 2.03 -2.61 15.90
N SER A 28 2.22 -2.15 17.13
CA SER A 28 3.33 -2.61 17.95
C SER A 28 3.05 -4.00 18.52
N PRO A 29 4.12 -4.71 18.90
CA PRO A 29 4.01 -6.06 19.45
C PRO A 29 3.40 -6.07 20.84
N ASP A 30 2.98 -4.90 21.31
CA ASP A 30 2.37 -4.78 22.62
C ASP A 30 0.85 -4.65 22.51
N ILE A 31 0.39 -4.22 21.35
CA ILE A 31 -1.05 -4.06 21.10
C ILE A 31 -1.57 -5.12 20.14
N SER A 32 -0.94 -5.20 18.97
CA SER A 32 -1.34 -6.17 17.95
C SER A 32 -0.17 -6.49 17.02
N PRO A 33 -0.31 -7.60 16.27
CA PRO A 33 0.72 -8.05 15.33
C PRO A 33 0.82 -7.12 14.12
N PRO A 34 2.07 -6.83 13.71
CA PRO A 34 2.32 -5.97 12.55
C PRO A 34 1.94 -6.61 11.23
N ILE A 35 1.00 -5.99 10.52
CA ILE A 35 0.54 -6.52 9.24
C ILE A 35 1.48 -6.11 8.11
N PHE A 36 2.17 -4.99 8.30
CA PHE A 36 3.10 -4.48 7.30
C PHE A 36 4.45 -4.14 7.93
N ARG A 37 5.39 -5.08 7.86
CA ARG A 37 6.72 -4.88 8.41
C ARG A 37 7.37 -3.63 7.84
N ARG A 38 8.36 -3.09 8.56
CA ARG A 38 9.06 -1.90 8.11
C ARG A 38 9.76 -2.13 6.78
N GLY A 39 9.79 -1.11 5.94
CA GLY A 39 10.45 -1.23 4.65
C GLY A 39 9.54 -1.86 3.61
N GLU A 40 8.45 -2.47 4.07
CA GLU A 40 7.51 -3.13 3.17
C GLU A 40 6.69 -2.10 2.38
N LYS A 41 6.52 -2.34 1.09
CA LYS A 41 5.77 -1.44 0.23
C LYS A 41 4.28 -1.77 0.27
N LEU A 42 3.44 -0.75 0.34
CA LEU A 42 2.00 -0.94 0.37
C LEU A 42 1.30 -0.01 -0.63
N ARG A 43 0.28 -0.54 -1.29
CA ARG A 43 -0.47 0.24 -2.27
C ARG A 43 -1.65 0.95 -1.63
N VAL A 44 -1.83 2.23 -1.95
CA VAL A 44 -2.92 3.02 -1.40
C VAL A 44 -4.26 2.58 -1.98
N ILE A 45 -5.10 1.99 -1.13
CA ILE A 45 -6.41 1.53 -1.56
C ILE A 45 -7.44 2.66 -1.48
N SER A 46 -7.44 3.37 -0.36
CA SER A 46 -8.37 4.47 -0.16
C SER A 46 -7.82 5.47 0.85
N ASP A 47 -8.16 6.74 0.67
CA ASP A 47 -7.70 7.80 1.55
C ASP A 47 -8.85 8.34 2.40
N GLU A 48 -8.75 8.15 3.71
CA GLU A 48 -9.78 8.62 4.64
C GLU A 48 -9.20 9.57 5.67
N GLY A 49 -9.12 10.85 5.31
CA GLY A 49 -8.58 11.84 6.22
C GLY A 49 -7.15 11.55 6.61
N GLY A 50 -6.91 11.38 7.91
CA GLY A 50 -5.57 11.10 8.40
C GLY A 50 -5.20 9.64 8.25
N TRP A 51 -6.22 8.78 8.19
CA TRP A 51 -5.99 7.34 8.06
C TRP A 51 -6.44 6.84 6.69
N TRP A 52 -5.64 5.97 6.09
CA TRP A 52 -5.97 5.42 4.78
C TRP A 52 -5.77 3.91 4.76
N LYS A 53 -6.32 3.25 3.74
CA LYS A 53 -6.21 1.80 3.61
C LYS A 53 -5.14 1.43 2.59
N ALA A 54 -4.39 0.38 2.88
CA ALA A 54 -3.34 -0.08 1.97
C ALA A 54 -3.18 -1.59 2.04
N ILE A 55 -2.43 -2.16 1.10
CA ILE A 55 -2.20 -3.59 1.06
C ILE A 55 -0.74 -3.90 0.73
N SER A 56 -0.20 -4.94 1.35
CA SER A 56 1.18 -5.34 1.12
C SER A 56 1.32 -6.08 -0.21
N LEU A 57 2.32 -5.71 -0.99
CA LEU A 57 2.57 -6.34 -2.29
C LEU A 57 3.36 -7.63 -2.12
N SER A 58 3.53 -8.05 -0.87
CA SER A 58 4.27 -9.28 -0.58
C SER A 58 3.32 -10.42 -0.20
N THR A 59 2.32 -10.09 0.61
CA THR A 59 1.35 -11.08 1.05
C THR A 59 -0.03 -10.77 0.50
N GLY A 60 -0.42 -9.50 0.56
CA GLY A 60 -1.73 -9.09 0.07
C GLY A 60 -2.73 -8.86 1.18
N ARG A 61 -2.22 -8.49 2.35
CA ARG A 61 -3.09 -8.23 3.51
C ARG A 61 -3.64 -6.81 3.47
N GLU A 62 -4.96 -6.69 3.47
CA GLU A 62 -5.61 -5.39 3.43
C GLU A 62 -5.90 -4.88 4.84
N SER A 63 -5.28 -3.76 5.20
CA SER A 63 -5.46 -3.17 6.53
C SER A 63 -5.38 -1.65 6.47
N TYR A 64 -5.75 -1.00 7.56
CA TYR A 64 -5.72 0.46 7.63
C TYR A 64 -4.64 0.93 8.61
N ILE A 65 -3.66 1.67 8.08
CA ILE A 65 -2.58 2.19 8.90
C ILE A 65 -2.45 3.71 8.76
N PRO A 66 -1.96 4.36 9.82
CA PRO A 66 -1.77 5.81 9.84
C PRO A 66 -0.65 6.27 8.91
N GLY A 67 -0.93 7.29 8.10
CA GLY A 67 0.07 7.80 7.18
C GLY A 67 1.42 7.98 7.85
N ILE A 68 1.41 8.35 9.13
CA ILE A 68 2.64 8.56 9.87
C ILE A 68 3.47 7.28 9.95
N CYS A 69 2.79 6.14 10.00
CA CYS A 69 3.45 4.85 10.09
C CYS A 69 4.08 4.48 8.73
N VAL A 70 3.66 5.17 7.68
CA VAL A 70 4.17 4.92 6.35
C VAL A 70 4.72 6.20 5.72
N ALA A 71 5.30 6.06 4.53
CA ALA A 71 5.86 7.21 3.81
C ALA A 71 5.49 7.17 2.34
N ARG A 72 5.07 8.31 1.81
CA ARG A 72 4.69 8.41 0.40
C ARG A 72 5.89 8.20 -0.50
N VAL A 73 5.99 7.00 -1.08
CA VAL A 73 7.10 6.67 -1.97
C VAL A 73 6.94 7.36 -3.32
N SER A 74 8.06 7.77 -3.90
CA SER A 74 8.04 8.44 -5.20
C SER A 74 7.28 9.77 -5.11
N GLY A 75 7.61 10.57 -4.11
CA GLY A 75 6.95 11.85 -3.94
C GLY A 75 7.78 13.01 -4.44
N PRO A 76 7.20 14.22 -4.40
CA PRO A 76 7.88 15.43 -4.85
C PRO A 76 9.02 15.84 -3.92
N SER A 77 9.23 15.05 -2.87
CA SER A 77 10.28 15.34 -1.90
C SER A 77 11.50 15.95 -2.58
N SER A 78 12.02 17.03 -2.01
CA SER A 78 13.17 17.72 -2.56
C SER A 78 14.45 16.93 -2.27
N GLY A 79 15.51 17.25 -3.02
CA GLY A 79 16.78 16.57 -2.85
C GLY A 79 17.76 16.87 -3.96
N GLY A 1 11.40 -13.21 -5.00
CA GLY A 1 11.03 -14.40 -5.75
C GLY A 1 10.14 -14.08 -6.93
N SER A 2 10.76 -13.86 -8.09
CA SER A 2 10.03 -13.53 -9.31
C SER A 2 9.52 -14.81 -9.99
N SER A 3 8.48 -14.67 -10.79
CA SER A 3 7.90 -15.80 -11.50
C SER A 3 6.84 -15.34 -12.49
N GLY A 4 7.14 -15.51 -13.78
CA GLY A 4 6.20 -15.11 -14.81
C GLY A 4 6.04 -13.60 -14.90
N SER A 5 5.80 -13.10 -16.11
CA SER A 5 5.65 -11.67 -16.31
C SER A 5 4.18 -11.28 -16.27
N SER A 6 3.71 -10.87 -15.09
CA SER A 6 2.32 -10.46 -14.91
C SER A 6 2.22 -8.98 -14.61
N GLY A 7 3.12 -8.20 -15.20
CA GLY A 7 3.12 -6.76 -14.99
C GLY A 7 1.79 -6.12 -15.35
N PRO A 8 1.81 -4.81 -15.63
CA PRO A 8 0.61 -4.06 -15.99
C PRO A 8 0.09 -4.43 -17.37
N LEU A 9 -0.85 -3.64 -17.89
CA LEU A 9 -1.42 -3.89 -19.20
C LEU A 9 -1.01 -2.81 -20.19
N PRO A 10 -0.96 -3.18 -21.49
CA PRO A 10 -0.58 -2.25 -22.56
C PRO A 10 -1.63 -1.19 -22.80
N ASN A 11 -2.89 -1.60 -22.87
CA ASN A 11 -3.99 -0.67 -23.10
C ASN A 11 -3.72 0.67 -22.42
N PRO A 12 -4.27 1.75 -23.02
CA PRO A 12 -4.10 3.10 -22.50
C PRO A 12 -4.85 3.32 -21.19
N GLU A 13 -5.50 2.27 -20.70
CA GLU A 13 -6.26 2.34 -19.46
C GLU A 13 -5.46 1.76 -18.30
N GLY A 14 -4.44 2.49 -17.85
CA GLY A 14 -3.62 2.03 -16.75
C GLY A 14 -2.85 3.16 -16.09
N LEU A 15 -3.37 3.63 -14.96
CA LEU A 15 -2.74 4.72 -14.23
C LEU A 15 -2.02 4.20 -12.98
N ASP A 16 -0.93 4.84 -12.60
CA ASP A 16 -0.16 4.44 -11.43
C ASP A 16 -0.96 4.70 -10.15
N SER A 17 -0.46 4.15 -9.04
CA SER A 17 -1.13 4.32 -7.75
C SER A 17 -0.13 4.78 -6.69
N ASP A 18 -0.65 5.48 -5.68
CA ASP A 18 0.19 5.97 -4.60
C ASP A 18 0.64 4.83 -3.69
N PHE A 19 1.95 4.74 -3.45
CA PHE A 19 2.50 3.69 -2.61
C PHE A 19 2.99 4.28 -1.28
N LEU A 20 3.02 3.44 -0.25
CA LEU A 20 3.47 3.86 1.07
C LEU A 20 4.32 2.79 1.73
N ALA A 21 5.61 3.06 1.89
CA ALA A 21 6.53 2.12 2.52
C ALA A 21 6.45 2.20 4.03
N VAL A 22 6.15 1.06 4.67
CA VAL A 22 6.04 1.01 6.11
C VAL A 22 7.32 1.51 6.78
N LEU A 23 7.27 2.73 7.32
CA LEU A 23 8.41 3.33 7.98
C LEU A 23 8.78 2.55 9.25
N SER A 24 7.77 2.01 9.91
CA SER A 24 7.98 1.24 11.13
C SER A 24 6.84 0.25 11.37
N ASP A 25 7.19 -1.00 11.61
CA ASP A 25 6.20 -2.04 11.84
C ASP A 25 5.05 -1.51 12.70
N TYR A 26 3.85 -2.02 12.45
CA TYR A 26 2.68 -1.59 13.20
C TYR A 26 1.51 -2.55 12.97
N PRO A 27 0.65 -2.70 13.99
CA PRO A 27 0.81 -1.99 15.26
C PRO A 27 2.00 -2.49 16.06
N SER A 28 2.16 -1.98 17.28
CA SER A 28 3.26 -2.38 18.15
C SER A 28 3.07 -3.81 18.64
N PRO A 29 4.20 -4.48 18.96
CA PRO A 29 4.18 -5.86 19.44
C PRO A 29 3.60 -5.98 20.85
N ASP A 30 3.17 -4.84 21.40
CA ASP A 30 2.59 -4.83 22.74
C ASP A 30 1.07 -4.63 22.66
N ILE A 31 0.60 -4.14 21.52
CA ILE A 31 -0.83 -3.91 21.33
C ILE A 31 -1.43 -4.95 20.39
N SER A 32 -0.84 -5.09 19.21
CA SER A 32 -1.32 -6.05 18.21
C SER A 32 -0.21 -6.44 17.25
N PRO A 33 -0.40 -7.56 16.54
CA PRO A 33 0.58 -8.07 15.58
C PRO A 33 0.69 -7.19 14.33
N PRO A 34 1.94 -6.90 13.93
CA PRO A 34 2.21 -6.07 12.75
C PRO A 34 1.83 -6.75 11.45
N ILE A 35 0.93 -6.13 10.69
CA ILE A 35 0.48 -6.68 9.43
C ILE A 35 1.42 -6.28 8.30
N PHE A 36 2.03 -5.11 8.42
CA PHE A 36 2.94 -4.61 7.41
C PHE A 36 4.31 -4.29 8.01
N ARG A 37 5.19 -5.29 8.02
CA ARG A 37 6.53 -5.12 8.56
C ARG A 37 7.21 -3.87 8.00
N ARG A 38 8.24 -3.40 8.69
CA ARG A 38 8.97 -2.21 8.24
C ARG A 38 9.70 -2.47 6.93
N GLY A 39 9.76 -1.45 6.08
CA GLY A 39 10.43 -1.59 4.80
C GLY A 39 9.52 -2.18 3.74
N GLU A 40 8.36 -2.66 4.14
CA GLU A 40 7.40 -3.25 3.22
C GLU A 40 6.56 -2.17 2.54
N LYS A 41 6.43 -2.27 1.22
CA LYS A 41 5.66 -1.31 0.45
C LYS A 41 4.20 -1.73 0.36
N LEU A 42 3.30 -0.75 0.39
CA LEU A 42 1.87 -1.03 0.31
C LEU A 42 1.19 -0.07 -0.66
N ARG A 43 0.23 -0.59 -1.42
CA ARG A 43 -0.51 0.22 -2.40
C ARG A 43 -1.68 0.92 -1.73
N VAL A 44 -1.76 2.24 -1.91
CA VAL A 44 -2.84 3.03 -1.33
C VAL A 44 -4.19 2.63 -1.92
N ILE A 45 -5.03 2.02 -1.09
CA ILE A 45 -6.35 1.59 -1.54
C ILE A 45 -7.33 2.76 -1.57
N SER A 46 -7.45 3.45 -0.45
CA SER A 46 -8.35 4.60 -0.35
C SER A 46 -7.90 5.55 0.75
N ASP A 47 -8.21 6.83 0.58
CA ASP A 47 -7.83 7.84 1.55
C ASP A 47 -9.03 8.24 2.42
N GLU A 48 -8.89 8.08 3.72
CA GLU A 48 -9.97 8.41 4.65
C GLU A 48 -9.47 9.36 5.74
N GLY A 49 -9.50 10.66 5.45
CA GLY A 49 -9.05 11.64 6.41
C GLY A 49 -7.58 11.50 6.74
N GLY A 50 -7.27 11.29 8.02
CA GLY A 50 -5.90 11.14 8.44
C GLY A 50 -5.40 9.72 8.29
N TRP A 51 -6.32 8.77 8.19
CA TRP A 51 -5.96 7.37 8.04
C TRP A 51 -6.42 6.83 6.68
N TRP A 52 -5.58 6.00 6.07
CA TRP A 52 -5.91 5.41 4.77
C TRP A 52 -5.63 3.92 4.77
N LYS A 53 -6.17 3.22 3.78
CA LYS A 53 -5.98 1.78 3.65
C LYS A 53 -4.93 1.45 2.60
N ALA A 54 -4.25 0.33 2.78
CA ALA A 54 -3.23 -0.10 1.84
C ALA A 54 -2.97 -1.60 1.95
N ILE A 55 -2.56 -2.21 0.84
CA ILE A 55 -2.29 -3.64 0.82
C ILE A 55 -0.82 -3.91 0.49
N SER A 56 -0.26 -4.95 1.12
CA SER A 56 1.13 -5.31 0.90
C SER A 56 1.32 -5.94 -0.47
N LEU A 57 2.32 -5.45 -1.21
CA LEU A 57 2.61 -5.97 -2.54
C LEU A 57 3.37 -7.28 -2.45
N SER A 58 3.47 -7.83 -1.25
CA SER A 58 4.18 -9.09 -1.03
C SER A 58 3.23 -10.17 -0.53
N THR A 59 2.49 -9.87 0.54
CA THR A 59 1.54 -10.80 1.12
C THR A 59 0.13 -10.56 0.59
N GLY A 60 -0.19 -9.29 0.35
CA GLY A 60 -1.51 -8.94 -0.14
C GLY A 60 -2.52 -8.75 0.97
N ARG A 61 -2.04 -8.28 2.11
CA ARG A 61 -2.91 -8.05 3.26
C ARG A 61 -3.46 -6.62 3.26
N GLU A 62 -4.78 -6.49 3.25
CA GLU A 62 -5.42 -5.18 3.24
C GLU A 62 -5.72 -4.72 4.67
N SER A 63 -5.10 -3.61 5.05
CA SER A 63 -5.29 -3.05 6.39
C SER A 63 -5.21 -1.53 6.36
N TYR A 64 -5.59 -0.91 7.47
CA TYR A 64 -5.56 0.55 7.58
C TYR A 64 -4.46 1.00 8.54
N ILE A 65 -3.55 1.82 8.04
CA ILE A 65 -2.45 2.33 8.85
C ILE A 65 -2.30 3.84 8.69
N PRO A 66 -1.78 4.50 9.74
CA PRO A 66 -1.57 5.95 9.74
C PRO A 66 -0.45 6.38 8.79
N GLY A 67 -0.72 7.39 7.97
CA GLY A 67 0.27 7.87 7.04
C GLY A 67 1.63 8.07 7.68
N ILE A 68 1.62 8.40 8.97
CA ILE A 68 2.86 8.62 9.71
C ILE A 68 3.68 7.35 9.81
N CYS A 69 2.98 6.22 9.89
CA CYS A 69 3.65 4.92 9.99
C CYS A 69 4.16 4.47 8.62
N VAL A 70 3.80 5.20 7.59
CA VAL A 70 4.22 4.88 6.23
C VAL A 70 4.84 6.09 5.54
N ALA A 71 5.54 5.85 4.44
CA ALA A 71 6.18 6.91 3.68
C ALA A 71 5.87 6.81 2.20
N ARG A 72 5.53 7.94 1.59
CA ARG A 72 5.19 7.97 0.17
C ARG A 72 6.38 7.52 -0.67
N VAL A 73 6.26 6.35 -1.29
CA VAL A 73 7.32 5.80 -2.12
C VAL A 73 7.44 6.58 -3.42
N SER A 74 8.68 6.82 -3.85
CA SER A 74 8.94 7.55 -5.08
C SER A 74 9.44 6.62 -6.18
N GLY A 75 8.51 5.90 -6.81
CA GLY A 75 8.88 4.99 -7.87
C GLY A 75 9.91 3.97 -7.43
N PRO A 76 10.03 2.87 -8.19
CA PRO A 76 10.99 1.79 -7.89
C PRO A 76 12.43 2.23 -8.11
N SER A 77 13.36 1.41 -7.63
CA SER A 77 14.79 1.71 -7.78
C SER A 77 15.27 1.37 -9.19
N SER A 78 16.06 2.27 -9.76
CA SER A 78 16.59 2.08 -11.11
C SER A 78 17.25 0.71 -11.23
N GLY A 79 16.58 -0.22 -11.93
CA GLY A 79 17.12 -1.55 -12.11
C GLY A 79 16.55 -2.23 -13.34
N GLY A 1 -3.12 -11.94 -27.62
CA GLY A 1 -4.30 -12.48 -28.25
C GLY A 1 -4.92 -13.62 -27.46
N SER A 2 -5.51 -13.29 -26.32
CA SER A 2 -6.14 -14.30 -25.46
C SER A 2 -7.64 -14.33 -25.69
N SER A 3 -8.23 -15.52 -25.50
CA SER A 3 -9.66 -15.70 -25.68
C SER A 3 -10.31 -16.27 -24.43
N GLY A 4 -9.77 -17.38 -23.95
CA GLY A 4 -10.30 -18.02 -22.76
C GLY A 4 -9.86 -17.33 -21.48
N SER A 5 -8.57 -16.96 -21.43
CA SER A 5 -8.02 -16.28 -20.26
C SER A 5 -8.79 -15.00 -19.97
N SER A 6 -8.79 -14.60 -18.69
CA SER A 6 -9.49 -13.38 -18.27
C SER A 6 -9.07 -12.98 -16.86
N GLY A 7 -9.18 -11.69 -16.57
CA GLY A 7 -8.82 -11.20 -15.25
C GLY A 7 -8.56 -9.70 -15.24
N PRO A 8 -7.40 -9.30 -15.78
CA PRO A 8 -7.00 -7.88 -15.84
C PRO A 8 -7.86 -7.10 -16.84
N LEU A 9 -8.15 -5.85 -16.49
CA LEU A 9 -8.96 -4.99 -17.35
C LEU A 9 -8.08 -4.28 -18.38
N PRO A 10 -8.69 -3.88 -19.50
CA PRO A 10 -7.98 -3.18 -20.58
C PRO A 10 -7.56 -1.77 -20.18
N ASN A 11 -7.83 -1.41 -18.93
CA ASN A 11 -7.48 -0.08 -18.43
C ASN A 11 -6.18 0.41 -19.05
N PRO A 12 -6.10 1.72 -19.31
CA PRO A 12 -4.92 2.34 -19.90
C PRO A 12 -3.73 2.37 -18.95
N GLU A 13 -3.92 1.80 -17.76
CA GLU A 13 -2.87 1.76 -16.76
C GLU A 13 -1.97 2.99 -16.85
N GLY A 14 -2.59 4.16 -16.91
CA GLY A 14 -1.84 5.40 -17.00
C GLY A 14 -1.75 6.12 -15.67
N LEU A 15 -2.84 6.10 -14.91
CA LEU A 15 -2.87 6.76 -13.61
C LEU A 15 -2.03 5.99 -12.59
N ASP A 16 -0.82 6.50 -12.33
CA ASP A 16 0.08 5.87 -11.37
C ASP A 16 -0.52 5.88 -9.97
N SER A 17 -0.38 4.77 -9.26
CA SER A 17 -0.91 4.64 -7.90
C SER A 17 0.09 5.16 -6.88
N ASP A 18 -0.40 5.45 -5.68
CA ASP A 18 0.45 5.96 -4.60
C ASP A 18 0.93 4.80 -3.72
N PHE A 19 2.22 4.83 -3.37
CA PHE A 19 2.80 3.79 -2.52
C PHE A 19 3.18 4.36 -1.16
N LEU A 20 3.15 3.51 -0.14
CA LEU A 20 3.50 3.92 1.21
C LEU A 20 4.41 2.90 1.88
N ALA A 21 5.66 3.28 2.09
CA ALA A 21 6.64 2.39 2.72
C ALA A 21 6.48 2.42 4.24
N VAL A 22 6.24 1.24 4.82
CA VAL A 22 6.08 1.12 6.26
C VAL A 22 7.32 1.62 6.99
N LEU A 23 7.25 2.85 7.51
CA LEU A 23 8.36 3.44 8.24
C LEU A 23 8.72 2.60 9.46
N SER A 24 7.72 2.02 10.11
CA SER A 24 7.93 1.19 11.29
C SER A 24 6.78 0.21 11.47
N ASP A 25 7.12 -1.07 11.60
CA ASP A 25 6.12 -2.12 11.79
C ASP A 25 5.02 -1.64 12.73
N TYR A 26 3.78 -1.91 12.35
CA TYR A 26 2.63 -1.52 13.16
C TYR A 26 1.45 -2.47 12.94
N PRO A 27 0.62 -2.63 13.98
CA PRO A 27 0.83 -1.96 15.27
C PRO A 27 2.04 -2.50 16.02
N SER A 28 2.28 -1.97 17.21
CA SER A 28 3.41 -2.38 18.02
C SER A 28 3.22 -3.81 18.53
N PRO A 29 4.35 -4.51 18.79
CA PRO A 29 4.33 -5.89 19.28
C PRO A 29 3.81 -5.99 20.70
N ASP A 30 3.41 -4.86 21.27
CA ASP A 30 2.89 -4.82 22.64
C ASP A 30 1.39 -4.61 22.64
N ILE A 31 0.83 -4.29 21.47
CA ILE A 31 -0.60 -4.06 21.34
C ILE A 31 -1.23 -5.07 20.38
N SER A 32 -0.66 -5.17 19.18
CA SER A 32 -1.17 -6.10 18.18
C SER A 32 -0.07 -6.46 17.18
N PRO A 33 -0.29 -7.55 16.44
CA PRO A 33 0.66 -8.04 15.43
C PRO A 33 0.74 -7.12 14.22
N PRO A 34 1.98 -6.82 13.78
CA PRO A 34 2.22 -5.95 12.63
C PRO A 34 1.80 -6.61 11.31
N ILE A 35 0.79 -6.04 10.68
CA ILE A 35 0.30 -6.57 9.40
C ILE A 35 1.26 -6.23 8.26
N PHE A 36 1.94 -5.10 8.39
CA PHE A 36 2.89 -4.66 7.36
C PHE A 36 4.22 -4.26 8.00
N ARG A 37 5.16 -5.21 8.02
CA ARG A 37 6.47 -4.95 8.60
C ARG A 37 7.12 -3.73 7.96
N ARG A 38 8.10 -3.16 8.65
CA ARG A 38 8.80 -1.98 8.17
C ARG A 38 9.52 -2.29 6.86
N GLY A 39 9.70 -1.26 6.03
CA GLY A 39 10.38 -1.43 4.76
C GLY A 39 9.47 -2.03 3.70
N GLU A 40 8.37 -2.64 4.14
CA GLU A 40 7.43 -3.26 3.22
C GLU A 40 6.65 -2.21 2.44
N LYS A 41 6.57 -2.39 1.12
CA LYS A 41 5.86 -1.44 0.27
C LYS A 41 4.37 -1.77 0.21
N LEU A 42 3.53 -0.75 0.32
CA LEU A 42 2.09 -0.93 0.28
C LEU A 42 1.45 -0.01 -0.75
N ARG A 43 0.35 -0.46 -1.35
CA ARG A 43 -0.35 0.32 -2.34
C ARG A 43 -1.55 1.04 -1.73
N VAL A 44 -1.66 2.34 -2.00
CA VAL A 44 -2.76 3.13 -1.47
C VAL A 44 -4.08 2.74 -2.12
N ILE A 45 -4.98 2.19 -1.31
CA ILE A 45 -6.29 1.76 -1.80
C ILE A 45 -7.31 2.89 -1.68
N SER A 46 -7.44 3.43 -0.48
CA SER A 46 -8.38 4.52 -0.22
C SER A 46 -7.84 5.48 0.82
N ASP A 47 -8.30 6.73 0.76
CA ASP A 47 -7.85 7.75 1.71
C ASP A 47 -9.04 8.30 2.50
N GLU A 48 -8.99 8.14 3.82
CA GLU A 48 -10.07 8.62 4.68
C GLU A 48 -9.50 9.49 5.81
N GLY A 49 -9.58 10.80 5.63
CA GLY A 49 -9.07 11.72 6.63
C GLY A 49 -7.59 11.51 6.92
N GLY A 50 -7.25 11.40 8.20
CA GLY A 50 -5.86 11.21 8.58
C GLY A 50 -5.44 9.75 8.51
N TRP A 51 -6.32 8.91 7.96
CA TRP A 51 -6.03 7.49 7.83
C TRP A 51 -6.43 6.97 6.45
N TRP A 52 -5.62 6.08 5.89
CA TRP A 52 -5.90 5.51 4.58
C TRP A 52 -5.68 4.00 4.60
N LYS A 53 -6.20 3.33 3.58
CA LYS A 53 -6.06 1.88 3.46
C LYS A 53 -5.02 1.51 2.43
N ALA A 54 -4.32 0.40 2.67
CA ALA A 54 -3.29 -0.07 1.75
C ALA A 54 -3.11 -1.58 1.85
N ILE A 55 -2.53 -2.17 0.82
CA ILE A 55 -2.29 -3.61 0.79
C ILE A 55 -0.83 -3.93 0.51
N SER A 56 -0.31 -4.95 1.17
CA SER A 56 1.08 -5.35 0.99
C SER A 56 1.25 -6.15 -0.30
N LEU A 57 2.23 -5.76 -1.10
CA LEU A 57 2.50 -6.44 -2.38
C LEU A 57 3.32 -7.71 -2.15
N SER A 58 3.47 -8.08 -0.88
CA SER A 58 4.23 -9.27 -0.53
C SER A 58 3.30 -10.45 -0.26
N THR A 59 2.30 -10.22 0.57
CA THR A 59 1.33 -11.26 0.92
C THR A 59 -0.05 -10.94 0.36
N GLY A 60 -0.42 -9.67 0.42
CA GLY A 60 -1.72 -9.25 -0.09
C GLY A 60 -2.70 -8.95 1.03
N ARG A 61 -2.18 -8.54 2.19
CA ARG A 61 -3.02 -8.22 3.34
C ARG A 61 -3.56 -6.80 3.24
N GLU A 62 -4.88 -6.66 3.37
CA GLU A 62 -5.51 -5.35 3.30
C GLU A 62 -5.85 -4.83 4.70
N SER A 63 -5.24 -3.72 5.08
CA SER A 63 -5.47 -3.12 6.38
C SER A 63 -5.36 -1.59 6.32
N TYR A 64 -5.77 -0.93 7.38
CA TYR A 64 -5.72 0.52 7.46
C TYR A 64 -4.66 0.99 8.44
N ILE A 65 -3.68 1.73 7.94
CA ILE A 65 -2.60 2.24 8.77
C ILE A 65 -2.46 3.76 8.63
N PRO A 66 -2.01 4.41 9.71
CA PRO A 66 -1.82 5.86 9.73
C PRO A 66 -0.66 6.31 8.85
N GLY A 67 -0.90 7.35 8.05
CA GLY A 67 0.14 7.86 7.17
C GLY A 67 1.47 8.03 7.87
N ILE A 68 1.41 8.33 9.16
CA ILE A 68 2.63 8.52 9.95
C ILE A 68 3.43 7.23 10.05
N CYS A 69 2.72 6.10 10.07
CA CYS A 69 3.36 4.80 10.16
C CYS A 69 3.88 4.35 8.79
N VAL A 70 3.73 5.22 7.80
CA VAL A 70 4.19 4.91 6.44
C VAL A 70 4.80 6.14 5.78
N ALA A 71 5.42 5.93 4.63
CA ALA A 71 6.05 7.02 3.89
C ALA A 71 5.66 6.99 2.42
N ARG A 72 5.14 8.11 1.92
CA ARG A 72 4.73 8.21 0.53
C ARG A 72 5.93 8.10 -0.41
N VAL A 73 6.02 6.96 -1.09
CA VAL A 73 7.12 6.72 -2.02
C VAL A 73 6.86 7.40 -3.37
N SER A 74 7.93 7.88 -4.00
CA SER A 74 7.81 8.55 -5.28
C SER A 74 9.07 8.36 -6.12
N GLY A 75 8.97 8.63 -7.41
CA GLY A 75 10.12 8.48 -8.30
C GLY A 75 9.71 8.12 -9.71
N PRO A 76 10.71 7.85 -10.56
CA PRO A 76 10.47 7.49 -11.97
C PRO A 76 9.85 6.12 -12.11
N SER A 77 9.57 5.48 -10.99
CA SER A 77 8.97 4.15 -10.99
C SER A 77 7.89 4.03 -12.08
N SER A 78 7.65 2.81 -12.54
CA SER A 78 6.67 2.57 -13.58
C SER A 78 6.03 1.19 -13.41
N GLY A 79 4.70 1.15 -13.50
CA GLY A 79 3.99 -0.12 -13.36
C GLY A 79 2.83 -0.02 -12.39
N GLY A 1 -3.79 -29.11 -7.21
CA GLY A 1 -3.50 -28.41 -8.45
C GLY A 1 -3.44 -26.90 -8.27
N SER A 2 -3.82 -26.17 -9.31
CA SER A 2 -3.80 -24.71 -9.26
C SER A 2 -5.21 -24.15 -9.05
N SER A 3 -5.40 -23.47 -7.92
CA SER A 3 -6.70 -22.89 -7.60
C SER A 3 -6.57 -21.40 -7.29
N GLY A 4 -7.69 -20.68 -7.38
CA GLY A 4 -7.67 -19.26 -7.11
C GLY A 4 -8.10 -18.43 -8.31
N SER A 5 -7.73 -17.15 -8.30
CA SER A 5 -8.08 -16.26 -9.40
C SER A 5 -6.82 -15.72 -10.09
N SER A 6 -6.86 -15.68 -11.42
CA SER A 6 -5.73 -15.20 -12.20
C SER A 6 -5.57 -13.69 -12.05
N GLY A 7 -4.42 -13.18 -12.45
CA GLY A 7 -4.16 -11.75 -12.36
C GLY A 7 -3.57 -11.19 -13.63
N PRO A 8 -3.92 -9.93 -13.94
CA PRO A 8 -3.42 -9.24 -15.14
C PRO A 8 -1.94 -8.91 -15.06
N LEU A 9 -1.41 -8.32 -16.12
CA LEU A 9 0.00 -7.95 -16.16
C LEU A 9 0.46 -7.39 -14.82
N PRO A 10 1.76 -7.53 -14.53
CA PRO A 10 2.35 -7.05 -13.28
C PRO A 10 2.39 -5.53 -13.21
N ASN A 11 2.31 -4.88 -14.37
CA ASN A 11 2.34 -3.42 -14.44
C ASN A 11 1.02 -2.87 -14.97
N PRO A 12 0.56 -1.76 -14.38
CA PRO A 12 -0.69 -1.11 -14.77
C PRO A 12 -0.60 -0.46 -16.14
N GLU A 13 0.55 -0.60 -16.79
CA GLU A 13 0.76 -0.03 -18.11
C GLU A 13 0.04 1.31 -18.24
N GLY A 14 -0.07 2.04 -17.13
CA GLY A 14 -0.74 3.31 -17.15
C GLY A 14 -0.26 4.23 -16.04
N LEU A 15 -1.10 4.42 -15.03
CA LEU A 15 -0.76 5.28 -13.90
C LEU A 15 -0.78 4.49 -12.58
N ASP A 16 0.40 4.14 -12.09
CA ASP A 16 0.51 3.40 -10.84
C ASP A 16 -0.19 4.13 -9.70
N SER A 17 -0.49 3.41 -8.63
CA SER A 17 -1.16 3.99 -7.47
C SER A 17 -0.15 4.49 -6.45
N ASP A 18 -0.62 5.33 -5.53
CA ASP A 18 0.25 5.89 -4.49
C ASP A 18 0.83 4.77 -3.62
N PHE A 19 2.14 4.83 -3.38
CA PHE A 19 2.81 3.83 -2.56
C PHE A 19 3.23 4.42 -1.21
N LEU A 20 3.17 3.60 -0.17
CA LEU A 20 3.54 4.05 1.17
C LEU A 20 4.43 3.01 1.85
N ALA A 21 5.71 3.36 2.04
CA ALA A 21 6.65 2.46 2.69
C ALA A 21 6.50 2.50 4.20
N VAL A 22 6.34 1.33 4.80
CA VAL A 22 6.17 1.22 6.24
C VAL A 22 7.40 1.74 6.97
N LEU A 23 7.31 2.97 7.48
CA LEU A 23 8.41 3.59 8.21
C LEU A 23 8.76 2.78 9.45
N SER A 24 7.76 2.14 10.04
CA SER A 24 7.97 1.34 11.24
C SER A 24 6.83 0.34 11.42
N ASP A 25 7.18 -0.93 11.61
CA ASP A 25 6.20 -1.98 11.80
C ASP A 25 5.05 -1.50 12.69
N TYR A 26 3.83 -1.90 12.35
CA TYR A 26 2.66 -1.50 13.12
C TYR A 26 1.49 -2.46 12.88
N PRO A 27 0.64 -2.63 13.89
CA PRO A 27 0.81 -1.95 15.19
C PRO A 27 2.00 -2.47 15.96
N SER A 28 2.16 -1.99 17.20
CA SER A 28 3.27 -2.41 18.05
C SER A 28 3.05 -3.83 18.57
N PRO A 29 4.16 -4.51 18.87
CA PRO A 29 4.13 -5.89 19.38
C PRO A 29 3.56 -5.97 20.80
N ASP A 30 3.16 -4.83 21.34
CA ASP A 30 2.59 -4.77 22.68
C ASP A 30 1.08 -4.56 22.62
N ILE A 31 0.59 -4.16 21.45
CA ILE A 31 -0.83 -3.93 21.27
C ILE A 31 -1.45 -4.95 20.31
N SER A 32 -0.84 -5.09 19.15
CA SER A 32 -1.32 -6.04 18.14
C SER A 32 -0.20 -6.41 17.16
N PRO A 33 -0.40 -7.51 16.44
CA PRO A 33 0.57 -8.00 15.45
C PRO A 33 0.66 -7.11 14.24
N PRO A 34 1.90 -6.80 13.82
CA PRO A 34 2.15 -5.94 12.65
C PRO A 34 1.77 -6.62 11.34
N ILE A 35 0.90 -5.97 10.57
CA ILE A 35 0.46 -6.52 9.29
C ILE A 35 1.41 -6.12 8.17
N PHE A 36 2.11 -5.00 8.37
CA PHE A 36 3.06 -4.51 7.36
C PHE A 36 4.40 -4.18 8.01
N ARG A 37 5.32 -5.14 7.98
CA ARG A 37 6.64 -4.95 8.56
C ARG A 37 7.34 -3.75 7.94
N ARG A 38 8.20 -3.11 8.73
CA ARG A 38 8.93 -1.93 8.26
C ARG A 38 9.60 -2.21 6.92
N GLY A 39 9.71 -1.19 6.09
CA GLY A 39 10.34 -1.34 4.80
C GLY A 39 9.41 -1.96 3.77
N GLU A 40 8.34 -2.59 4.24
CA GLU A 40 7.38 -3.22 3.36
C GLU A 40 6.61 -2.19 2.55
N LYS A 41 6.39 -2.48 1.27
CA LYS A 41 5.68 -1.56 0.39
C LYS A 41 4.18 -1.87 0.41
N LEU A 42 3.37 -0.81 0.33
CA LEU A 42 1.93 -0.96 0.33
C LEU A 42 1.28 0.01 -0.66
N ARG A 43 0.22 -0.46 -1.32
CA ARG A 43 -0.48 0.35 -2.30
C ARG A 43 -1.69 1.03 -1.67
N VAL A 44 -1.83 2.33 -1.91
CA VAL A 44 -2.94 3.10 -1.37
C VAL A 44 -4.26 2.68 -2.00
N ILE A 45 -5.12 2.08 -1.19
CA ILE A 45 -6.42 1.62 -1.67
C ILE A 45 -7.48 2.70 -1.47
N SER A 46 -7.60 3.19 -0.24
CA SER A 46 -8.58 4.22 0.08
C SER A 46 -7.97 5.30 0.99
N ASP A 47 -8.36 6.55 0.77
CA ASP A 47 -7.85 7.66 1.56
C ASP A 47 -8.95 8.23 2.45
N GLU A 48 -8.77 8.11 3.76
CA GLU A 48 -9.75 8.62 4.71
C GLU A 48 -9.09 9.53 5.74
N GLY A 49 -8.95 10.81 5.38
CA GLY A 49 -8.34 11.77 6.28
C GLY A 49 -6.91 11.40 6.63
N GLY A 50 -6.62 11.31 7.92
CA GLY A 50 -5.28 10.96 8.36
C GLY A 50 -5.00 9.47 8.26
N TRP A 51 -6.06 8.67 8.17
CA TRP A 51 -5.92 7.23 8.07
C TRP A 51 -6.41 6.73 6.72
N TRP A 52 -5.60 5.90 6.06
CA TRP A 52 -5.95 5.34 4.76
C TRP A 52 -5.73 3.84 4.73
N LYS A 53 -6.31 3.18 3.72
CA LYS A 53 -6.18 1.74 3.58
C LYS A 53 -5.12 1.39 2.54
N ALA A 54 -4.39 0.30 2.78
CA ALA A 54 -3.36 -0.14 1.87
C ALA A 54 -3.17 -1.65 1.94
N ILE A 55 -2.56 -2.21 0.90
CA ILE A 55 -2.32 -3.64 0.84
C ILE A 55 -0.88 -3.95 0.47
N SER A 56 -0.30 -4.96 1.12
CA SER A 56 1.08 -5.35 0.87
C SER A 56 1.21 -6.05 -0.48
N LEU A 57 2.15 -5.58 -1.28
CA LEU A 57 2.38 -6.16 -2.61
C LEU A 57 3.18 -7.45 -2.50
N SER A 58 3.43 -7.90 -1.28
CA SER A 58 4.18 -9.13 -1.04
C SER A 58 3.25 -10.25 -0.59
N THR A 59 2.44 -9.97 0.41
CA THR A 59 1.51 -10.96 0.95
C THR A 59 0.10 -10.75 0.40
N GLY A 60 -0.33 -9.48 0.37
CA GLY A 60 -1.65 -9.17 -0.14
C GLY A 60 -2.66 -8.93 0.98
N ARG A 61 -2.17 -8.51 2.13
CA ARG A 61 -3.03 -8.25 3.28
C ARG A 61 -3.60 -6.84 3.23
N GLU A 62 -4.91 -6.72 3.35
CA GLU A 62 -5.58 -5.43 3.33
C GLU A 62 -5.87 -4.93 4.74
N SER A 63 -5.26 -3.80 5.09
CA SER A 63 -5.44 -3.22 6.42
C SER A 63 -5.37 -1.70 6.36
N TYR A 64 -5.75 -1.05 7.45
CA TYR A 64 -5.73 0.40 7.52
C TYR A 64 -4.67 0.89 8.51
N ILE A 65 -3.66 1.58 7.99
CA ILE A 65 -2.59 2.11 8.82
C ILE A 65 -2.46 3.62 8.67
N PRO A 66 -1.99 4.28 9.74
CA PRO A 66 -1.81 5.74 9.75
C PRO A 66 -0.67 6.19 8.85
N GLY A 67 -0.91 7.25 8.09
CA GLY A 67 0.11 7.77 7.19
C GLY A 67 1.45 7.94 7.87
N ILE A 68 1.41 8.36 9.13
CA ILE A 68 2.64 8.57 9.89
C ILE A 68 3.45 7.28 10.01
N CYS A 69 2.76 6.15 9.92
CA CYS A 69 3.41 4.85 10.01
C CYS A 69 3.99 4.44 8.66
N VAL A 70 3.69 5.22 7.63
CA VAL A 70 4.18 4.93 6.29
C VAL A 70 4.79 6.18 5.66
N ALA A 71 5.55 5.98 4.58
CA ALA A 71 6.18 7.09 3.87
C ALA A 71 5.83 7.07 2.40
N ARG A 72 5.46 8.24 1.87
CA ARG A 72 5.10 8.36 0.46
C ARG A 72 6.27 7.98 -0.44
N VAL A 73 6.27 6.73 -0.91
CA VAL A 73 7.33 6.24 -1.78
C VAL A 73 7.20 6.81 -3.19
N SER A 74 8.33 7.16 -3.79
CA SER A 74 8.34 7.73 -5.14
C SER A 74 9.19 6.87 -6.08
N GLY A 75 8.91 5.57 -6.09
CA GLY A 75 9.66 4.66 -6.95
C GLY A 75 9.25 3.22 -6.76
N PRO A 76 9.66 2.36 -7.70
CA PRO A 76 9.35 0.93 -7.66
C PRO A 76 10.09 0.21 -6.53
N SER A 77 9.86 -1.09 -6.41
CA SER A 77 10.50 -1.90 -5.39
C SER A 77 11.99 -2.05 -5.66
N SER A 78 12.79 -1.12 -5.15
CA SER A 78 14.23 -1.15 -5.36
C SER A 78 14.90 -2.10 -4.36
N GLY A 79 14.63 -1.87 -3.08
CA GLY A 79 15.22 -2.72 -2.04
C GLY A 79 16.60 -2.25 -1.64
N GLY A 1 16.13 1.24 -10.38
CA GLY A 1 16.61 1.10 -11.73
C GLY A 1 15.60 1.56 -12.77
N SER A 2 15.24 0.67 -13.68
CA SER A 2 14.27 1.00 -14.72
C SER A 2 13.11 0.00 -14.72
N SER A 3 12.13 0.24 -13.86
CA SER A 3 10.97 -0.64 -13.75
C SER A 3 9.91 -0.02 -12.86
N GLY A 4 8.72 0.19 -13.41
CA GLY A 4 7.63 0.78 -12.65
C GLY A 4 6.90 1.86 -13.43
N SER A 5 7.62 2.92 -13.76
CA SER A 5 7.04 4.04 -14.49
C SER A 5 7.90 4.41 -15.70
N SER A 6 8.40 3.39 -16.40
CA SER A 6 9.24 3.60 -17.57
C SER A 6 8.42 4.11 -18.74
N GLY A 7 8.60 5.39 -19.07
CA GLY A 7 7.86 5.99 -20.16
C GLY A 7 6.46 5.42 -20.30
N PRO A 8 5.59 5.75 -19.32
CA PRO A 8 4.20 5.28 -19.31
C PRO A 8 3.36 5.92 -20.42
N LEU A 9 2.15 5.43 -20.60
CA LEU A 9 1.25 5.96 -21.61
C LEU A 9 0.28 6.97 -21.01
N PRO A 10 -0.18 7.91 -21.84
CA PRO A 10 -1.12 8.96 -21.42
C PRO A 10 -2.51 8.40 -21.13
N ASN A 11 -2.99 7.52 -22.00
CA ASN A 11 -4.30 6.91 -21.82
C ASN A 11 -4.50 6.42 -20.38
N PRO A 12 -5.76 6.24 -19.99
CA PRO A 12 -6.12 5.77 -18.64
C PRO A 12 -5.73 4.32 -18.42
N GLU A 13 -5.16 3.69 -19.44
CA GLU A 13 -4.74 2.30 -19.35
C GLU A 13 -3.63 2.12 -18.33
N GLY A 14 -3.95 1.46 -17.22
CA GLY A 14 -2.97 1.24 -16.18
C GLY A 14 -2.55 2.52 -15.49
N LEU A 15 -3.31 2.92 -14.49
CA LEU A 15 -3.02 4.14 -13.74
C LEU A 15 -2.20 3.83 -12.50
N ASP A 16 -1.00 4.39 -12.43
CA ASP A 16 -0.12 4.18 -11.28
C ASP A 16 -0.78 4.65 -9.99
N SER A 17 -0.52 3.93 -8.91
CA SER A 17 -1.10 4.27 -7.61
C SER A 17 -0.02 4.71 -6.63
N ASP A 18 -0.41 5.50 -5.64
CA ASP A 18 0.53 6.00 -4.64
C ASP A 18 1.03 4.85 -3.75
N PHE A 19 2.32 4.86 -3.47
CA PHE A 19 2.93 3.83 -2.64
C PHE A 19 3.29 4.37 -1.26
N LEU A 20 3.26 3.51 -0.26
CA LEU A 20 3.58 3.90 1.10
C LEU A 20 4.55 2.92 1.74
N ALA A 21 5.70 3.42 2.17
CA ALA A 21 6.71 2.58 2.81
C ALA A 21 6.54 2.57 4.32
N VAL A 22 6.31 1.39 4.87
CA VAL A 22 6.13 1.24 6.31
C VAL A 22 7.35 1.72 7.07
N LEU A 23 7.31 2.96 7.54
CA LEU A 23 8.42 3.55 8.28
C LEU A 23 8.79 2.68 9.48
N SER A 24 7.79 2.06 10.09
CA SER A 24 8.01 1.20 11.24
C SER A 24 6.85 0.21 11.41
N ASP A 25 7.20 -1.07 11.53
CA ASP A 25 6.19 -2.11 11.70
C ASP A 25 5.09 -1.66 12.65
N TYR A 26 3.85 -1.98 12.29
CA TYR A 26 2.70 -1.59 13.11
C TYR A 26 1.53 -2.54 12.86
N PRO A 27 0.70 -2.75 13.90
CA PRO A 27 0.92 -2.12 15.20
C PRO A 27 2.13 -2.68 15.93
N SER A 28 2.33 -2.25 17.17
CA SER A 28 3.46 -2.71 17.97
C SER A 28 3.25 -4.14 18.45
N PRO A 29 4.36 -4.84 18.73
CA PRO A 29 4.32 -6.23 19.20
C PRO A 29 3.77 -6.34 20.63
N ASP A 30 3.35 -5.22 21.18
CA ASP A 30 2.80 -5.18 22.54
C ASP A 30 1.29 -4.96 22.51
N ILE A 31 0.80 -4.46 21.38
CA ILE A 31 -0.63 -4.20 21.22
C ILE A 31 -1.26 -5.20 20.25
N SER A 32 -0.63 -5.39 19.10
CA SER A 32 -1.13 -6.31 18.09
C SER A 32 -0.05 -6.64 17.07
N PRO A 33 -0.27 -7.72 16.30
CA PRO A 33 0.68 -8.18 15.28
C PRO A 33 0.74 -7.22 14.09
N PRO A 34 1.97 -6.87 13.68
CA PRO A 34 2.18 -5.97 12.55
C PRO A 34 1.81 -6.59 11.21
N ILE A 35 0.83 -6.00 10.53
CA ILE A 35 0.39 -6.50 9.24
C ILE A 35 1.33 -6.09 8.12
N PHE A 36 2.00 -4.95 8.31
CA PHE A 36 2.93 -4.43 7.32
C PHE A 36 4.29 -4.14 7.95
N ARG A 37 5.22 -5.08 7.81
CA ARG A 37 6.56 -4.92 8.37
C ARG A 37 7.22 -3.65 7.84
N ARG A 38 8.24 -3.18 8.55
CA ARG A 38 8.96 -1.97 8.15
C ARG A 38 9.63 -2.17 6.80
N GLY A 39 9.67 -1.10 6.00
CA GLY A 39 10.29 -1.17 4.69
C GLY A 39 9.39 -1.84 3.67
N GLU A 40 8.32 -2.45 4.14
CA GLU A 40 7.37 -3.13 3.25
C GLU A 40 6.57 -2.12 2.44
N LYS A 41 6.52 -2.34 1.12
CA LYS A 41 5.79 -1.46 0.23
C LYS A 41 4.29 -1.78 0.24
N LEU A 42 3.46 -0.75 0.28
CA LEU A 42 2.02 -0.92 0.30
C LEU A 42 1.35 0.01 -0.71
N ARG A 43 0.34 -0.51 -1.40
CA ARG A 43 -0.39 0.28 -2.39
C ARG A 43 -1.57 1.00 -1.74
N VAL A 44 -1.69 2.30 -2.02
CA VAL A 44 -2.77 3.10 -1.47
C VAL A 44 -4.11 2.67 -2.04
N ILE A 45 -4.95 2.07 -1.21
CA ILE A 45 -6.27 1.62 -1.63
C ILE A 45 -7.26 2.77 -1.66
N SER A 46 -7.39 3.46 -0.54
CA SER A 46 -8.32 4.59 -0.43
C SER A 46 -7.91 5.52 0.70
N ASP A 47 -8.16 6.81 0.52
CA ASP A 47 -7.82 7.81 1.52
C ASP A 47 -9.03 8.17 2.38
N GLU A 48 -8.96 7.85 3.67
CA GLU A 48 -10.06 8.13 4.59
C GLU A 48 -9.64 9.17 5.62
N GLY A 49 -9.78 10.45 5.25
CA GLY A 49 -9.42 11.52 6.16
C GLY A 49 -7.95 11.50 6.53
N GLY A 50 -7.66 11.43 7.82
CA GLY A 50 -6.28 11.39 8.27
C GLY A 50 -5.64 10.03 8.09
N TRP A 51 -6.46 9.00 8.01
CA TRP A 51 -5.95 7.63 7.84
C TRP A 51 -6.37 7.08 6.48
N TRP A 52 -5.55 6.18 5.94
CA TRP A 52 -5.83 5.57 4.64
C TRP A 52 -5.56 4.07 4.68
N LYS A 53 -6.09 3.36 3.69
CA LYS A 53 -5.90 1.91 3.61
C LYS A 53 -4.85 1.56 2.56
N ALA A 54 -4.16 0.44 2.78
CA ALA A 54 -3.13 -0.02 1.85
C ALA A 54 -2.87 -1.51 2.02
N ILE A 55 -2.60 -2.19 0.90
CA ILE A 55 -2.33 -3.61 0.92
C ILE A 55 -0.86 -3.90 0.66
N SER A 56 -0.33 -4.93 1.31
CA SER A 56 1.07 -5.31 1.15
C SER A 56 1.26 -6.19 -0.07
N LEU A 57 2.23 -5.83 -0.91
CA LEU A 57 2.52 -6.58 -2.12
C LEU A 57 3.28 -7.86 -1.80
N SER A 58 3.42 -8.15 -0.51
CA SER A 58 4.14 -9.34 -0.07
C SER A 58 3.17 -10.50 0.18
N THR A 59 2.14 -10.24 0.97
CA THR A 59 1.15 -11.26 1.28
C THR A 59 -0.20 -10.94 0.65
N GLY A 60 -0.59 -9.67 0.73
CA GLY A 60 -1.86 -9.24 0.15
C GLY A 60 -2.89 -8.92 1.20
N ARG A 61 -2.43 -8.52 2.39
CA ARG A 61 -3.33 -8.19 3.49
C ARG A 61 -3.75 -6.71 3.40
N GLU A 62 -5.06 -6.49 3.45
CA GLU A 62 -5.61 -5.13 3.37
C GLU A 62 -5.95 -4.61 4.77
N SER A 63 -5.29 -3.54 5.17
CA SER A 63 -5.52 -2.94 6.48
C SER A 63 -5.33 -1.43 6.43
N TYR A 64 -5.75 -0.75 7.49
CA TYR A 64 -5.64 0.71 7.57
C TYR A 64 -4.53 1.12 8.53
N ILE A 65 -3.65 1.98 8.06
CA ILE A 65 -2.53 2.46 8.89
C ILE A 65 -2.37 3.97 8.76
N PRO A 66 -1.85 4.59 9.83
CA PRO A 66 -1.63 6.04 9.87
C PRO A 66 -0.49 6.48 8.95
N GLY A 67 -0.75 7.53 8.17
CA GLY A 67 0.27 8.03 7.26
C GLY A 67 1.62 8.21 7.93
N ILE A 68 1.60 8.50 9.22
CA ILE A 68 2.83 8.70 9.97
C ILE A 68 3.64 7.41 10.06
N CYS A 69 2.94 6.28 10.04
CA CYS A 69 3.58 4.98 10.12
C CYS A 69 4.13 4.56 8.76
N VAL A 70 3.82 5.36 7.73
CA VAL A 70 4.28 5.07 6.38
C VAL A 70 4.82 6.33 5.71
N ALA A 71 5.43 6.15 4.54
CA ALA A 71 6.00 7.26 3.80
C ALA A 71 5.63 7.19 2.32
N ARG A 72 5.16 8.30 1.77
CA ARG A 72 4.76 8.36 0.36
C ARG A 72 5.98 8.23 -0.55
N VAL A 73 6.13 7.08 -1.19
CA VAL A 73 7.25 6.83 -2.09
C VAL A 73 7.07 7.58 -3.40
N SER A 74 8.17 8.07 -3.95
CA SER A 74 8.14 8.82 -5.21
C SER A 74 8.53 7.92 -6.38
N GLY A 75 8.04 6.69 -6.36
CA GLY A 75 8.35 5.76 -7.43
C GLY A 75 9.80 5.31 -7.40
N PRO A 76 10.28 4.77 -8.54
CA PRO A 76 11.66 4.29 -8.66
C PRO A 76 12.66 5.42 -8.66
N SER A 77 13.37 5.57 -7.55
CA SER A 77 14.38 6.63 -7.41
C SER A 77 15.74 6.14 -7.88
N SER A 78 15.95 6.14 -9.19
CA SER A 78 17.21 5.69 -9.78
C SER A 78 17.99 6.87 -10.34
N GLY A 79 18.00 7.97 -9.61
CA GLY A 79 18.70 9.16 -10.06
C GLY A 79 20.02 9.35 -9.32
N GLY A 1 -15.15 -12.40 -6.11
CA GLY A 1 -14.77 -11.53 -7.22
C GLY A 1 -13.49 -10.78 -6.95
N SER A 2 -12.43 -11.11 -7.68
CA SER A 2 -11.15 -10.47 -7.51
C SER A 2 -11.03 -9.24 -8.42
N SER A 3 -10.42 -8.17 -7.88
CA SER A 3 -10.25 -6.93 -8.64
C SER A 3 -11.55 -6.55 -9.35
N GLY A 4 -12.67 -6.70 -8.65
CA GLY A 4 -13.96 -6.36 -9.22
C GLY A 4 -14.58 -7.53 -9.97
N SER A 5 -15.46 -7.21 -10.91
CA SER A 5 -16.13 -8.24 -11.70
C SER A 5 -15.50 -8.36 -13.09
N SER A 6 -15.54 -7.26 -13.83
CA SER A 6 -14.97 -7.25 -15.19
C SER A 6 -13.88 -6.19 -15.31
N GLY A 7 -13.13 -6.24 -16.40
CA GLY A 7 -12.06 -5.28 -16.62
C GLY A 7 -10.69 -5.93 -16.58
N PRO A 8 -9.68 -5.22 -17.11
CA PRO A 8 -8.30 -5.71 -17.15
C PRO A 8 -7.66 -5.78 -15.77
N LEU A 9 -6.78 -6.75 -15.58
CA LEU A 9 -6.11 -6.92 -14.30
C LEU A 9 -5.62 -5.59 -13.75
N PRO A 10 -5.60 -5.47 -12.42
CA PRO A 10 -5.15 -4.25 -11.74
C PRO A 10 -3.65 -4.01 -11.89
N ASN A 11 -3.25 -3.48 -13.04
CA ASN A 11 -1.84 -3.21 -13.31
C ASN A 11 -1.59 -1.72 -13.43
N PRO A 12 -0.43 -1.26 -12.92
CA PRO A 12 -0.04 0.15 -12.95
C PRO A 12 0.28 0.63 -14.37
N GLU A 13 0.20 -0.29 -15.32
CA GLU A 13 0.48 0.04 -16.72
C GLU A 13 -0.39 1.19 -17.20
N GLY A 14 0.24 2.33 -17.45
CA GLY A 14 -0.50 3.50 -17.91
C GLY A 14 -0.98 4.36 -16.77
N LEU A 15 -1.63 3.75 -15.79
CA LEU A 15 -2.15 4.48 -14.64
C LEU A 15 -1.13 4.48 -13.49
N ASP A 16 -0.99 5.61 -12.83
CA ASP A 16 -0.06 5.75 -11.72
C ASP A 16 -0.75 5.44 -10.40
N SER A 17 -0.02 4.82 -9.47
CA SER A 17 -0.56 4.48 -8.17
C SER A 17 0.28 5.09 -7.05
N ASP A 18 -0.32 5.19 -5.86
CA ASP A 18 0.37 5.75 -4.71
C ASP A 18 0.93 4.66 -3.81
N PHE A 19 2.24 4.64 -3.63
CA PHE A 19 2.90 3.64 -2.80
C PHE A 19 3.26 4.22 -1.44
N LEU A 20 3.14 3.40 -0.40
CA LEU A 20 3.45 3.83 0.96
C LEU A 20 4.39 2.83 1.64
N ALA A 21 5.64 3.24 1.84
CA ALA A 21 6.62 2.38 2.48
C ALA A 21 6.50 2.45 4.00
N VAL A 22 6.29 1.29 4.62
CA VAL A 22 6.15 1.22 6.07
C VAL A 22 7.39 1.76 6.77
N LEU A 23 7.27 2.98 7.31
CA LEU A 23 8.38 3.61 8.01
C LEU A 23 8.71 2.88 9.30
N SER A 24 7.67 2.33 9.94
CA SER A 24 7.84 1.60 11.19
C SER A 24 6.74 0.56 11.37
N ASP A 25 7.13 -0.70 11.50
CA ASP A 25 6.17 -1.77 11.69
C ASP A 25 5.00 -1.33 12.55
N TYR A 26 3.84 -1.91 12.31
CA TYR A 26 2.63 -1.56 13.06
C TYR A 26 1.50 -2.54 12.76
N PRO A 27 0.62 -2.74 13.74
CA PRO A 27 0.72 -2.08 15.05
C PRO A 27 1.89 -2.60 15.87
N SER A 28 2.01 -2.12 17.10
CA SER A 28 3.09 -2.52 17.99
C SER A 28 2.87 -3.93 18.51
N PRO A 29 3.96 -4.61 18.88
CA PRO A 29 3.91 -5.98 19.41
C PRO A 29 3.28 -6.04 20.80
N ASP A 30 2.82 -4.89 21.29
CA ASP A 30 2.20 -4.81 22.60
C ASP A 30 0.68 -4.66 22.48
N ILE A 31 0.24 -4.18 21.33
CA ILE A 31 -1.19 -3.99 21.08
C ILE A 31 -1.73 -5.05 20.14
N SER A 32 -1.03 -5.26 19.02
CA SER A 32 -1.45 -6.25 18.03
C SER A 32 -0.30 -6.57 17.07
N PRO A 33 -0.44 -7.68 16.33
CA PRO A 33 0.57 -8.12 15.37
C PRO A 33 0.65 -7.19 14.15
N PRO A 34 1.89 -6.87 13.74
CA PRO A 34 2.12 -5.98 12.59
C PRO A 34 1.76 -6.65 11.27
N ILE A 35 0.90 -5.99 10.50
CA ILE A 35 0.47 -6.51 9.21
C ILE A 35 1.44 -6.11 8.10
N PHE A 36 2.14 -5.00 8.31
CA PHE A 36 3.10 -4.50 7.32
C PHE A 36 4.42 -4.14 8.00
N ARG A 37 5.40 -5.03 7.89
CA ARG A 37 6.71 -4.81 8.48
C ARG A 37 7.39 -3.60 7.86
N ARG A 38 8.31 -2.99 8.60
CA ARG A 38 9.03 -1.82 8.11
C ARG A 38 9.72 -2.12 6.79
N GLY A 39 9.88 -1.09 5.96
CA GLY A 39 10.52 -1.26 4.67
C GLY A 39 9.62 -1.93 3.66
N GLU A 40 8.48 -2.44 4.13
CA GLU A 40 7.53 -3.11 3.25
C GLU A 40 6.80 -2.10 2.36
N LYS A 41 6.39 -2.55 1.18
CA LYS A 41 5.68 -1.68 0.24
C LYS A 41 4.18 -1.96 0.26
N LEU A 42 3.39 -0.91 0.21
CA LEU A 42 1.93 -1.03 0.22
C LEU A 42 1.29 -0.13 -0.83
N ARG A 43 0.12 -0.53 -1.31
CA ARG A 43 -0.59 0.24 -2.32
C ARG A 43 -1.78 0.98 -1.70
N VAL A 44 -1.87 2.27 -1.97
CA VAL A 44 -2.95 3.09 -1.44
C VAL A 44 -4.30 2.65 -2.02
N ILE A 45 -5.14 2.09 -1.15
CA ILE A 45 -6.47 1.63 -1.58
C ILE A 45 -7.52 2.72 -1.36
N SER A 46 -7.57 3.24 -0.13
CA SER A 46 -8.53 4.27 0.21
C SER A 46 -7.91 5.32 1.13
N ASP A 47 -8.40 6.55 1.04
CA ASP A 47 -7.89 7.64 1.86
C ASP A 47 -8.99 8.20 2.76
N GLU A 48 -8.86 7.94 4.07
CA GLU A 48 -9.83 8.42 5.04
C GLU A 48 -9.20 9.40 6.01
N GLY A 49 -9.18 10.67 5.61
CA GLY A 49 -8.60 11.70 6.46
C GLY A 49 -7.12 11.45 6.75
N GLY A 50 -6.78 11.36 8.04
CA GLY A 50 -5.41 11.13 8.43
C GLY A 50 -5.00 9.69 8.25
N TRP A 51 -5.97 8.78 8.25
CA TRP A 51 -5.70 7.36 8.08
C TRP A 51 -6.20 6.87 6.73
N TRP A 52 -5.44 5.97 6.11
CA TRP A 52 -5.81 5.42 4.82
C TRP A 52 -5.61 3.90 4.79
N LYS A 53 -6.20 3.26 3.80
CA LYS A 53 -6.09 1.80 3.66
C LYS A 53 -5.05 1.43 2.60
N ALA A 54 -4.29 0.38 2.86
CA ALA A 54 -3.26 -0.08 1.94
C ALA A 54 -3.07 -1.59 2.03
N ILE A 55 -2.50 -2.18 0.99
CA ILE A 55 -2.25 -3.61 0.96
C ILE A 55 -0.82 -3.92 0.52
N SER A 56 -0.15 -4.77 1.29
CA SER A 56 1.23 -5.14 0.98
C SER A 56 1.30 -5.96 -0.31
N LEU A 57 2.19 -5.59 -1.20
CA LEU A 57 2.36 -6.28 -2.47
C LEU A 57 3.18 -7.55 -2.28
N SER A 58 3.44 -7.91 -1.03
CA SER A 58 4.23 -9.10 -0.72
C SER A 58 3.33 -10.22 -0.21
N THR A 59 2.46 -9.88 0.74
CA THR A 59 1.54 -10.86 1.31
C THR A 59 0.13 -10.68 0.77
N GLY A 60 -0.25 -9.42 0.56
CA GLY A 60 -1.58 -9.13 0.04
C GLY A 60 -2.60 -8.92 1.14
N ARG A 61 -2.12 -8.46 2.31
CA ARG A 61 -3.00 -8.21 3.44
C ARG A 61 -3.54 -6.79 3.41
N GLU A 62 -4.87 -6.68 3.45
CA GLU A 62 -5.52 -5.37 3.42
C GLU A 62 -5.80 -4.88 4.84
N SER A 63 -5.19 -3.76 5.21
CA SER A 63 -5.38 -3.18 6.53
C SER A 63 -5.30 -1.66 6.48
N TYR A 64 -5.65 -1.01 7.58
CA TYR A 64 -5.62 0.44 7.66
C TYR A 64 -4.53 0.91 8.62
N ILE A 65 -3.57 1.65 8.09
CA ILE A 65 -2.46 2.16 8.88
C ILE A 65 -2.32 3.68 8.74
N PRO A 66 -1.79 4.32 9.77
CA PRO A 66 -1.59 5.77 9.79
C PRO A 66 -0.49 6.22 8.81
N GLY A 67 -0.76 7.31 8.10
CA GLY A 67 0.21 7.82 7.15
C GLY A 67 1.62 7.89 7.73
N ILE A 68 1.70 8.17 9.02
CA ILE A 68 2.99 8.26 9.70
C ILE A 68 3.71 6.92 9.71
N CYS A 69 2.94 5.84 9.75
CA CYS A 69 3.50 4.50 9.76
C CYS A 69 4.07 4.14 8.39
N VAL A 70 3.74 4.93 7.38
CA VAL A 70 4.21 4.71 6.02
C VAL A 70 4.80 5.98 5.42
N ALA A 71 5.44 5.83 4.27
CA ALA A 71 6.05 6.98 3.58
C ALA A 71 5.70 6.96 2.10
N ARG A 72 5.36 8.13 1.57
CA ARG A 72 4.99 8.26 0.17
C ARG A 72 6.21 8.03 -0.73
N VAL A 73 6.23 6.89 -1.42
CA VAL A 73 7.33 6.55 -2.30
C VAL A 73 7.11 7.11 -3.70
N SER A 74 8.19 7.56 -4.33
CA SER A 74 8.12 8.13 -5.67
C SER A 74 7.94 7.03 -6.71
N GLY A 75 8.78 6.01 -6.63
CA GLY A 75 8.70 4.90 -7.57
C GLY A 75 9.80 3.88 -7.37
N PRO A 76 9.63 2.69 -7.96
CA PRO A 76 10.61 1.61 -7.86
C PRO A 76 11.90 1.91 -8.61
N SER A 77 12.84 2.53 -7.92
CA SER A 77 14.13 2.88 -8.52
C SER A 77 15.24 1.97 -8.01
N SER A 78 14.93 0.68 -7.87
CA SER A 78 15.91 -0.28 -7.38
C SER A 78 17.25 -0.08 -8.06
N GLY A 79 18.29 0.18 -7.25
CA GLY A 79 19.61 0.39 -7.79
C GLY A 79 20.70 0.17 -6.75
N GLY A 1 4.32 -10.05 -18.64
CA GLY A 1 4.81 -8.75 -19.07
C GLY A 1 3.81 -7.63 -18.82
N SER A 2 3.70 -6.71 -19.77
CA SER A 2 2.78 -5.59 -19.65
C SER A 2 1.41 -6.07 -19.19
N SER A 3 0.53 -5.12 -18.87
CA SER A 3 -0.81 -5.44 -18.41
C SER A 3 -1.71 -5.82 -19.58
N GLY A 4 -1.75 -7.11 -19.90
CA GLY A 4 -2.57 -7.58 -20.99
C GLY A 4 -3.80 -8.33 -20.52
N SER A 5 -3.93 -9.58 -20.94
CA SER A 5 -5.08 -10.40 -20.56
C SER A 5 -4.64 -11.59 -19.71
N SER A 6 -3.77 -11.32 -18.73
CA SER A 6 -3.28 -12.36 -17.85
C SER A 6 -4.31 -12.72 -16.79
N GLY A 7 -4.94 -11.71 -16.21
CA GLY A 7 -5.95 -11.94 -15.20
C GLY A 7 -7.07 -10.92 -15.24
N PRO A 8 -6.77 -9.69 -14.80
CA PRO A 8 -7.75 -8.60 -14.78
C PRO A 8 -8.11 -8.12 -16.19
N LEU A 9 -9.10 -7.23 -16.27
CA LEU A 9 -9.54 -6.70 -17.56
C LEU A 9 -8.34 -6.35 -18.44
N PRO A 10 -8.49 -6.57 -19.76
CA PRO A 10 -7.44 -6.28 -20.73
C PRO A 10 -7.20 -4.78 -20.91
N ASN A 11 -8.17 -3.98 -20.46
CA ASN A 11 -8.07 -2.53 -20.57
C ASN A 11 -6.62 -2.07 -20.41
N PRO A 12 -6.29 -0.94 -21.05
CA PRO A 12 -4.94 -0.37 -21.00
C PRO A 12 -4.61 0.20 -19.62
N GLU A 13 -5.56 0.09 -18.70
CA GLU A 13 -5.36 0.60 -17.35
C GLU A 13 -3.92 0.44 -16.90
N GLY A 14 -3.12 1.48 -17.10
CA GLY A 14 -1.72 1.42 -16.70
C GLY A 14 -1.27 2.69 -16.01
N LEU A 15 -2.07 3.17 -15.08
CA LEU A 15 -1.74 4.39 -14.34
C LEU A 15 -1.03 4.05 -13.04
N ASP A 16 -0.05 4.88 -12.68
CA ASP A 16 0.71 4.67 -11.45
C ASP A 16 -0.13 5.00 -10.22
N SER A 17 -0.08 4.13 -9.22
CA SER A 17 -0.84 4.34 -7.99
C SER A 17 0.05 4.88 -6.88
N ASP A 18 -0.58 5.39 -5.82
CA ASP A 18 0.16 5.93 -4.69
C ASP A 18 0.68 4.82 -3.78
N PHE A 19 1.98 4.85 -3.50
CA PHE A 19 2.60 3.84 -2.65
C PHE A 19 3.05 4.45 -1.33
N LEU A 20 3.10 3.61 -0.30
CA LEU A 20 3.50 4.06 1.03
C LEU A 20 4.44 3.05 1.68
N ALA A 21 5.68 3.46 1.93
CA ALA A 21 6.66 2.59 2.56
C ALA A 21 6.51 2.59 4.07
N VAL A 22 6.40 1.39 4.64
CA VAL A 22 6.25 1.25 6.09
C VAL A 22 7.51 1.70 6.83
N LEU A 23 7.49 2.94 7.30
CA LEU A 23 8.63 3.49 8.03
C LEU A 23 8.98 2.63 9.24
N SER A 24 7.96 2.08 9.88
CA SER A 24 8.15 1.24 11.05
C SER A 24 6.98 0.28 11.24
N ASP A 25 7.28 -1.00 11.38
CA ASP A 25 6.24 -2.01 11.57
C ASP A 25 5.13 -1.50 12.49
N TYR A 26 3.92 -1.98 12.26
CA TYR A 26 2.77 -1.56 13.06
C TYR A 26 1.55 -2.41 12.75
N PRO A 27 0.69 -2.59 13.77
CA PRO A 27 0.89 -2.00 15.09
C PRO A 27 2.04 -2.65 15.85
N SER A 28 2.21 -2.24 17.10
CA SER A 28 3.29 -2.78 17.93
C SER A 28 2.91 -4.14 18.50
N PRO A 29 3.92 -4.93 18.89
CA PRO A 29 3.71 -6.26 19.47
C PRO A 29 3.10 -6.21 20.86
N ASP A 30 2.77 -5.00 21.31
CA ASP A 30 2.18 -4.81 22.62
C ASP A 30 0.68 -4.52 22.50
N ILE A 31 0.23 -4.23 21.29
CA ILE A 31 -1.17 -3.93 21.03
C ILE A 31 -1.77 -4.92 20.04
N SER A 32 -1.08 -5.11 18.92
CA SER A 32 -1.55 -6.03 17.89
C SER A 32 -0.41 -6.39 16.94
N PRO A 33 -0.61 -7.47 16.17
CA PRO A 33 0.39 -7.95 15.19
C PRO A 33 0.53 -7.01 14.01
N PRO A 34 1.79 -6.70 13.65
CA PRO A 34 2.10 -5.81 12.52
C PRO A 34 1.75 -6.44 11.18
N ILE A 35 0.79 -5.84 10.48
CA ILE A 35 0.37 -6.34 9.18
C ILE A 35 1.41 -6.02 8.11
N PHE A 36 2.11 -4.92 8.29
CA PHE A 36 3.14 -4.49 7.35
C PHE A 36 4.44 -4.15 8.06
N ARG A 37 5.46 -4.99 7.86
CA ARG A 37 6.75 -4.78 8.49
C ARG A 37 7.45 -3.55 7.90
N ARG A 38 8.50 -3.09 8.58
CA ARG A 38 9.25 -1.93 8.12
C ARG A 38 10.00 -2.24 6.83
N GLY A 39 10.03 -1.28 5.92
CA GLY A 39 10.72 -1.46 4.66
C GLY A 39 9.87 -2.19 3.64
N GLU A 40 8.57 -2.34 3.94
CA GLU A 40 7.65 -3.01 3.05
C GLU A 40 6.83 -2.01 2.25
N LYS A 41 6.65 -2.30 0.96
CA LYS A 41 5.89 -1.42 0.08
C LYS A 41 4.40 -1.74 0.15
N LEU A 42 3.58 -0.70 0.13
CA LEU A 42 2.13 -0.85 0.20
C LEU A 42 1.43 0.01 -0.84
N ARG A 43 0.28 -0.45 -1.31
CA ARG A 43 -0.48 0.29 -2.31
C ARG A 43 -1.69 0.97 -1.68
N VAL A 44 -1.84 2.27 -1.94
CA VAL A 44 -2.94 3.04 -1.40
C VAL A 44 -4.27 2.59 -2.00
N ILE A 45 -5.14 2.04 -1.17
CA ILE A 45 -6.44 1.57 -1.61
C ILE A 45 -7.49 2.68 -1.54
N SER A 46 -7.59 3.30 -0.36
CA SER A 46 -8.55 4.37 -0.15
C SER A 46 -8.12 5.26 1.01
N ASP A 47 -8.07 6.57 0.77
CA ASP A 47 -7.68 7.53 1.81
C ASP A 47 -8.90 7.99 2.60
N GLU A 48 -8.82 7.85 3.91
CA GLU A 48 -9.91 8.25 4.79
C GLU A 48 -9.43 9.23 5.86
N GLY A 49 -9.40 10.52 5.51
CA GLY A 49 -8.96 11.53 6.45
C GLY A 49 -7.50 11.36 6.83
N GLY A 50 -7.23 11.35 8.13
CA GLY A 50 -5.87 11.19 8.60
C GLY A 50 -5.32 9.79 8.39
N TRP A 51 -6.23 8.82 8.31
CA TRP A 51 -5.84 7.43 8.10
C TRP A 51 -6.30 6.93 6.73
N TRP A 52 -5.51 6.05 6.14
CA TRP A 52 -5.83 5.50 4.83
C TRP A 52 -5.65 3.99 4.81
N LYS A 53 -6.20 3.33 3.79
CA LYS A 53 -6.09 1.88 3.66
C LYS A 53 -5.06 1.51 2.61
N ALA A 54 -4.35 0.41 2.83
CA ALA A 54 -3.33 -0.05 1.90
C ALA A 54 -3.15 -1.56 1.99
N ILE A 55 -2.51 -2.14 0.97
CA ILE A 55 -2.28 -3.59 0.95
C ILE A 55 -0.82 -3.90 0.61
N SER A 56 -0.24 -4.82 1.36
CA SER A 56 1.15 -5.22 1.14
C SER A 56 1.28 -6.10 -0.09
N LEU A 57 2.20 -5.75 -0.99
CA LEU A 57 2.43 -6.52 -2.20
C LEU A 57 3.24 -7.77 -1.91
N SER A 58 3.43 -8.07 -0.63
CA SER A 58 4.18 -9.24 -0.22
C SER A 58 3.25 -10.41 0.08
N THR A 59 2.23 -10.15 0.89
CA THR A 59 1.27 -11.18 1.25
C THR A 59 -0.12 -10.86 0.70
N GLY A 60 -0.40 -9.57 0.55
CA GLY A 60 -1.70 -9.16 0.04
C GLY A 60 -2.70 -8.90 1.13
N ARG A 61 -2.21 -8.54 2.32
CA ARG A 61 -3.08 -8.27 3.46
C ARG A 61 -3.61 -6.84 3.41
N GLU A 62 -4.92 -6.69 3.52
CA GLU A 62 -5.55 -5.38 3.49
C GLU A 62 -5.82 -4.86 4.90
N SER A 63 -5.19 -3.76 5.26
CA SER A 63 -5.36 -3.17 6.58
C SER A 63 -5.25 -1.66 6.53
N TYR A 64 -5.59 -1.00 7.63
CA TYR A 64 -5.52 0.46 7.70
C TYR A 64 -4.41 0.91 8.64
N ILE A 65 -3.50 1.72 8.12
CA ILE A 65 -2.38 2.22 8.91
C ILE A 65 -2.25 3.74 8.78
N PRO A 66 -1.73 4.38 9.84
CA PRO A 66 -1.54 5.83 9.85
C PRO A 66 -0.43 6.29 8.92
N GLY A 67 -0.74 7.30 8.10
CA GLY A 67 0.25 7.81 7.16
C GLY A 67 1.60 8.02 7.80
N ILE A 68 1.60 8.45 9.05
CA ILE A 68 2.85 8.70 9.79
C ILE A 68 3.69 7.44 9.86
N CYS A 69 3.03 6.29 9.94
CA CYS A 69 3.73 5.01 10.02
C CYS A 69 4.32 4.62 8.67
N VAL A 70 3.87 5.31 7.62
CA VAL A 70 4.37 5.04 6.27
C VAL A 70 4.90 6.30 5.62
N ALA A 71 5.48 6.16 4.44
CA ALA A 71 6.03 7.30 3.71
C ALA A 71 5.62 7.25 2.24
N ARG A 72 5.15 8.38 1.72
CA ARG A 72 4.72 8.47 0.34
C ARG A 72 5.90 8.22 -0.61
N VAL A 73 5.90 7.04 -1.22
CA VAL A 73 6.96 6.67 -2.15
C VAL A 73 6.74 7.32 -3.52
N SER A 74 7.84 7.70 -4.17
CA SER A 74 7.78 8.33 -5.47
C SER A 74 7.84 7.30 -6.59
N GLY A 75 8.85 6.43 -6.52
CA GLY A 75 9.00 5.41 -7.53
C GLY A 75 10.14 5.69 -8.49
N PRO A 76 10.09 5.09 -9.68
CA PRO A 76 11.12 5.26 -10.71
C PRO A 76 11.11 6.67 -11.31
N SER A 77 9.91 7.24 -11.43
CA SER A 77 9.75 8.57 -11.99
C SER A 77 9.46 9.60 -10.89
N SER A 78 10.17 10.72 -10.93
CA SER A 78 9.99 11.78 -9.94
C SER A 78 8.51 12.08 -9.74
N GLY A 79 7.80 12.30 -10.84
CA GLY A 79 6.39 12.59 -10.77
C GLY A 79 5.85 13.21 -12.05
N GLY A 1 -25.26 -21.69 -2.55
CA GLY A 1 -24.01 -20.98 -2.76
C GLY A 1 -24.20 -19.68 -3.52
N SER A 2 -23.36 -18.70 -3.22
CA SER A 2 -23.44 -17.40 -3.89
C SER A 2 -22.15 -16.61 -3.71
N SER A 3 -21.47 -16.34 -4.81
CA SER A 3 -20.21 -15.60 -4.77
C SER A 3 -20.14 -14.60 -5.92
N GLY A 4 -19.95 -13.33 -5.59
CA GLY A 4 -19.86 -12.31 -6.61
C GLY A 4 -21.10 -11.43 -6.66
N SER A 5 -20.98 -10.21 -6.16
CA SER A 5 -22.11 -9.28 -6.14
C SER A 5 -21.79 -8.04 -6.97
N SER A 6 -20.70 -7.36 -6.62
CA SER A 6 -20.29 -6.15 -7.32
C SER A 6 -18.93 -5.67 -6.83
N GLY A 7 -18.39 -4.64 -7.48
CA GLY A 7 -17.10 -4.11 -7.09
C GLY A 7 -16.53 -3.18 -8.14
N PRO A 8 -15.82 -2.14 -7.68
CA PRO A 8 -15.21 -1.14 -8.56
C PRO A 8 -14.03 -1.72 -9.36
N LEU A 9 -13.64 -1.00 -10.41
CA LEU A 9 -12.52 -1.44 -11.25
C LEU A 9 -11.21 -1.39 -10.48
N PRO A 10 -10.26 -2.26 -10.88
CA PRO A 10 -8.94 -2.33 -10.25
C PRO A 10 -8.08 -1.11 -10.55
N ASN A 11 -8.07 -0.70 -11.82
CA ASN A 11 -7.29 0.46 -12.24
C ASN A 11 -7.70 0.91 -13.64
N PRO A 12 -7.69 2.23 -13.86
CA PRO A 12 -8.06 2.83 -15.15
C PRO A 12 -7.03 2.54 -16.23
N GLU A 13 -5.95 1.85 -15.84
CA GLU A 13 -4.89 1.51 -16.79
C GLU A 13 -4.28 2.78 -17.39
N GLY A 14 -4.06 3.78 -16.55
CA GLY A 14 -3.48 5.03 -17.02
C GLY A 14 -2.83 5.83 -15.90
N LEU A 15 -3.55 6.00 -14.80
CA LEU A 15 -3.05 6.75 -13.66
C LEU A 15 -2.40 5.81 -12.64
N ASP A 16 -1.14 6.08 -12.31
CA ASP A 16 -0.41 5.26 -11.35
C ASP A 16 -1.00 5.42 -9.95
N SER A 17 -0.55 4.58 -9.02
CA SER A 17 -1.04 4.63 -7.64
C SER A 17 0.04 5.12 -6.70
N ASP A 18 -0.36 5.50 -5.49
CA ASP A 18 0.57 5.99 -4.49
C ASP A 18 1.01 4.88 -3.56
N PHE A 19 2.33 4.76 -3.36
CA PHE A 19 2.88 3.73 -2.49
C PHE A 19 3.26 4.31 -1.13
N LEU A 20 3.20 3.48 -0.10
CA LEU A 20 3.53 3.90 1.26
C LEU A 20 4.45 2.90 1.93
N ALA A 21 5.71 3.30 2.15
CA ALA A 21 6.68 2.43 2.79
C ALA A 21 6.52 2.43 4.30
N VAL A 22 6.38 1.24 4.89
CA VAL A 22 6.21 1.11 6.32
C VAL A 22 7.43 1.62 7.07
N LEU A 23 7.37 2.88 7.52
CA LEU A 23 8.47 3.49 8.25
C LEU A 23 8.79 2.69 9.51
N SER A 24 7.78 2.04 10.07
CA SER A 24 7.95 1.24 11.28
C SER A 24 6.80 0.25 11.45
N ASP A 25 7.15 -1.03 11.59
CA ASP A 25 6.15 -2.08 11.76
C ASP A 25 5.00 -1.61 12.64
N TYR A 26 3.80 -2.04 12.31
CA TYR A 26 2.61 -1.65 13.07
C TYR A 26 1.46 -2.63 12.82
N PRO A 27 0.59 -2.78 13.82
CA PRO A 27 0.72 -2.08 15.10
C PRO A 27 1.91 -2.57 15.91
N SER A 28 2.20 -1.86 17.00
CA SER A 28 3.31 -2.22 17.87
C SER A 28 3.23 -3.68 18.28
N PRO A 29 4.40 -4.31 18.48
CA PRO A 29 4.48 -5.72 18.88
C PRO A 29 4.00 -5.95 20.31
N ASP A 30 3.49 -4.89 20.94
CA ASP A 30 3.00 -4.98 22.30
C ASP A 30 1.47 -4.88 22.33
N ILE A 31 0.89 -4.32 21.29
CA ILE A 31 -0.55 -4.16 21.19
C ILE A 31 -1.16 -5.22 20.28
N SER A 32 -0.64 -5.31 19.06
CA SER A 32 -1.13 -6.28 18.09
C SER A 32 -0.03 -6.65 17.09
N PRO A 33 -0.24 -7.76 16.36
CA PRO A 33 0.71 -8.24 15.36
C PRO A 33 0.78 -7.33 14.13
N PRO A 34 2.01 -7.00 13.72
CA PRO A 34 2.24 -6.12 12.56
C PRO A 34 1.88 -6.81 11.25
N ILE A 35 1.00 -6.17 10.48
CA ILE A 35 0.57 -6.71 9.20
C ILE A 35 1.48 -6.25 8.07
N PHE A 36 2.13 -5.11 8.27
CA PHE A 36 3.04 -4.56 7.27
C PHE A 36 4.40 -4.24 7.88
N ARG A 37 5.29 -5.22 7.86
CA ARG A 37 6.63 -5.06 8.41
C ARG A 37 7.30 -3.79 7.86
N ARG A 38 8.31 -3.30 8.57
CA ARG A 38 9.03 -2.10 8.15
C ARG A 38 9.68 -2.30 6.79
N GLY A 39 9.76 -1.23 6.02
CA GLY A 39 10.38 -1.31 4.70
C GLY A 39 9.45 -1.94 3.67
N GLU A 40 8.37 -2.55 4.15
CA GLU A 40 7.41 -3.19 3.25
C GLU A 40 6.63 -2.15 2.46
N LYS A 41 6.46 -2.41 1.16
CA LYS A 41 5.73 -1.49 0.29
C LYS A 41 4.23 -1.77 0.32
N LEU A 42 3.44 -0.71 0.34
CA LEU A 42 1.98 -0.84 0.38
C LEU A 42 1.33 0.11 -0.61
N ARG A 43 0.35 -0.40 -1.36
CA ARG A 43 -0.36 0.40 -2.34
C ARG A 43 -1.54 1.13 -1.70
N VAL A 44 -1.66 2.42 -1.99
CA VAL A 44 -2.74 3.22 -1.45
C VAL A 44 -4.08 2.85 -2.08
N ILE A 45 -4.93 2.19 -1.30
CA ILE A 45 -6.24 1.78 -1.79
C ILE A 45 -7.22 2.94 -1.80
N SER A 46 -7.31 3.64 -0.66
CA SER A 46 -8.21 4.78 -0.52
C SER A 46 -7.76 5.69 0.61
N ASP A 47 -8.18 6.95 0.55
CA ASP A 47 -7.82 7.94 1.56
C ASP A 47 -9.03 8.29 2.42
N GLU A 48 -8.93 8.02 3.71
CA GLU A 48 -10.02 8.31 4.64
C GLU A 48 -9.57 9.28 5.74
N GLY A 49 -9.64 10.56 5.44
CA GLY A 49 -9.22 11.57 6.41
C GLY A 49 -7.77 11.45 6.78
N GLY A 50 -7.48 11.36 8.08
CA GLY A 50 -6.12 11.24 8.54
C GLY A 50 -5.52 9.87 8.26
N TRP A 51 -6.38 8.87 8.13
CA TRP A 51 -5.93 7.51 7.87
C TRP A 51 -6.36 7.06 6.47
N TRP A 52 -5.61 6.13 5.89
CA TRP A 52 -5.90 5.62 4.56
C TRP A 52 -5.76 4.10 4.52
N LYS A 53 -6.32 3.50 3.47
CA LYS A 53 -6.26 2.05 3.31
C LYS A 53 -5.14 1.66 2.35
N ALA A 54 -4.48 0.55 2.64
CA ALA A 54 -3.39 0.06 1.81
C ALA A 54 -3.23 -1.45 1.94
N ILE A 55 -2.50 -2.06 0.99
CA ILE A 55 -2.27 -3.49 1.01
C ILE A 55 -0.80 -3.82 0.79
N SER A 56 -0.33 -4.88 1.42
CA SER A 56 1.06 -5.30 1.30
C SER A 56 1.25 -6.19 0.09
N LEU A 57 2.21 -5.82 -0.77
CA LEU A 57 2.50 -6.59 -1.97
C LEU A 57 3.28 -7.86 -1.64
N SER A 58 3.46 -8.11 -0.35
CA SER A 58 4.20 -9.28 0.11
C SER A 58 3.26 -10.47 0.31
N THR A 59 2.17 -10.23 1.05
CA THR A 59 1.20 -11.28 1.32
C THR A 59 -0.15 -10.94 0.70
N GLY A 60 -0.49 -9.66 0.67
CA GLY A 60 -1.76 -9.23 0.10
C GLY A 60 -2.79 -8.91 1.17
N ARG A 61 -2.32 -8.58 2.36
CA ARG A 61 -3.21 -8.25 3.47
C ARG A 61 -3.68 -6.80 3.38
N GLU A 62 -4.99 -6.60 3.38
CA GLU A 62 -5.57 -5.26 3.29
C GLU A 62 -5.98 -4.76 4.66
N SER A 63 -5.36 -3.67 5.10
CA SER A 63 -5.67 -3.09 6.40
C SER A 63 -5.53 -1.57 6.37
N TYR A 64 -5.98 -0.91 7.44
CA TYR A 64 -5.91 0.54 7.53
C TYR A 64 -4.79 0.97 8.48
N ILE A 65 -3.83 1.73 7.95
CA ILE A 65 -2.72 2.20 8.74
C ILE A 65 -2.56 3.71 8.63
N PRO A 66 -2.10 4.35 9.72
CA PRO A 66 -1.90 5.81 9.77
C PRO A 66 -0.74 6.26 8.89
N GLY A 67 -0.97 7.32 8.11
CA GLY A 67 0.07 7.83 7.24
C GLY A 67 1.40 7.99 7.95
N ILE A 68 1.34 8.26 9.25
CA ILE A 68 2.55 8.45 10.05
C ILE A 68 3.35 7.15 10.12
N CYS A 69 2.64 6.03 10.12
CA CYS A 69 3.28 4.72 10.20
C CYS A 69 3.82 4.30 8.83
N VAL A 70 3.75 5.21 7.87
CA VAL A 70 4.22 4.93 6.51
C VAL A 70 4.78 6.19 5.86
N ALA A 71 5.43 6.02 4.71
CA ALA A 71 6.01 7.14 3.99
C ALA A 71 5.70 7.06 2.50
N ARG A 72 5.32 8.20 1.92
CA ARG A 72 4.97 8.25 0.51
C ARG A 72 6.21 8.03 -0.36
N VAL A 73 6.23 6.89 -1.07
CA VAL A 73 7.35 6.56 -1.93
C VAL A 73 7.26 7.28 -3.26
N SER A 74 8.40 7.68 -3.81
CA SER A 74 8.44 8.39 -5.08
C SER A 74 9.05 7.51 -6.18
N GLY A 75 8.20 7.01 -7.05
CA GLY A 75 8.68 6.15 -8.14
C GLY A 75 9.68 5.11 -7.66
N PRO A 76 10.49 4.61 -8.60
CA PRO A 76 11.51 3.60 -8.29
C PRO A 76 12.65 4.15 -7.45
N SER A 77 12.50 4.09 -6.13
CA SER A 77 13.51 4.60 -5.21
C SER A 77 14.21 3.44 -4.49
N SER A 78 15.24 2.90 -5.12
CA SER A 78 16.00 1.80 -4.55
C SER A 78 16.98 2.30 -3.50
N GLY A 79 17.56 1.36 -2.74
CA GLY A 79 18.52 1.73 -1.72
C GLY A 79 17.86 2.02 -0.38
N GLY A 1 -12.62 -22.83 -34.96
CA GLY A 1 -12.68 -23.15 -33.55
C GLY A 1 -11.74 -22.32 -32.71
N SER A 2 -12.23 -21.80 -31.60
CA SER A 2 -11.42 -20.96 -30.72
C SER A 2 -10.40 -21.82 -29.96
N SER A 3 -10.90 -22.76 -29.18
CA SER A 3 -10.04 -23.64 -28.40
C SER A 3 -9.27 -22.85 -27.35
N GLY A 4 -9.95 -21.93 -26.68
CA GLY A 4 -9.32 -21.12 -25.66
C GLY A 4 -9.76 -19.68 -25.71
N SER A 5 -10.36 -19.19 -24.62
CA SER A 5 -10.84 -17.82 -24.55
C SER A 5 -9.87 -16.95 -23.76
N SER A 6 -9.73 -15.70 -24.19
CA SER A 6 -8.82 -14.76 -23.52
C SER A 6 -9.23 -13.32 -23.81
N GLY A 7 -8.84 -12.41 -22.93
CA GLY A 7 -9.17 -11.01 -23.10
C GLY A 7 -8.21 -10.09 -22.38
N PRO A 8 -8.60 -8.82 -22.20
CA PRO A 8 -7.78 -7.82 -21.53
C PRO A 8 -7.65 -8.09 -20.03
N LEU A 9 -6.52 -7.70 -19.46
CA LEU A 9 -6.28 -7.90 -18.04
C LEU A 9 -6.42 -6.59 -17.27
N PRO A 10 -6.71 -6.69 -15.97
CA PRO A 10 -6.88 -5.52 -15.10
C PRO A 10 -5.56 -4.79 -14.85
N ASN A 11 -4.49 -5.27 -15.47
CA ASN A 11 -3.17 -4.67 -15.32
C ASN A 11 -3.29 -3.15 -15.16
N PRO A 12 -2.42 -2.58 -14.31
CA PRO A 12 -2.40 -1.14 -14.05
C PRO A 12 -1.91 -0.34 -15.25
N GLU A 13 -1.58 -1.04 -16.33
CA GLU A 13 -1.09 -0.39 -17.54
C GLU A 13 -1.86 0.90 -17.81
N GLY A 14 -1.32 2.02 -17.33
CA GLY A 14 -1.97 3.30 -17.53
C GLY A 14 -1.61 4.30 -16.45
N LEU A 15 -2.31 4.23 -15.32
CA LEU A 15 -2.07 5.14 -14.20
C LEU A 15 -1.62 4.37 -12.97
N ASP A 16 -0.43 4.71 -12.47
CA ASP A 16 0.12 4.06 -11.28
C ASP A 16 -0.58 4.55 -10.02
N SER A 17 -0.53 3.75 -8.96
CA SER A 17 -1.15 4.10 -7.69
C SER A 17 -0.11 4.60 -6.70
N ASP A 18 -0.57 5.29 -5.66
CA ASP A 18 0.31 5.82 -4.64
C ASP A 18 0.81 4.72 -3.72
N PHE A 19 2.12 4.64 -3.52
CA PHE A 19 2.72 3.64 -2.67
C PHE A 19 3.17 4.24 -1.34
N LEU A 20 3.12 3.43 -0.29
CA LEU A 20 3.54 3.89 1.04
C LEU A 20 4.40 2.84 1.73
N ALA A 21 5.69 3.14 1.87
CA ALA A 21 6.62 2.23 2.52
C ALA A 21 6.49 2.31 4.04
N VAL A 22 6.28 1.16 4.67
CA VAL A 22 6.14 1.09 6.13
C VAL A 22 7.40 1.59 6.82
N LEU A 23 7.35 2.83 7.31
CA LEU A 23 8.49 3.42 7.99
C LEU A 23 8.84 2.64 9.25
N SER A 24 7.83 2.04 9.87
CA SER A 24 8.03 1.26 11.08
C SER A 24 6.89 0.27 11.29
N ASP A 25 7.24 -1.00 11.49
CA ASP A 25 6.24 -2.04 11.69
C ASP A 25 5.11 -1.55 12.59
N TYR A 26 3.90 -2.02 12.32
CA TYR A 26 2.73 -1.62 13.11
C TYR A 26 1.55 -2.54 12.84
N PRO A 27 0.71 -2.74 13.87
CA PRO A 27 0.90 -2.13 15.18
C PRO A 27 2.10 -2.70 15.92
N SER A 28 2.27 -2.28 17.17
CA SER A 28 3.39 -2.75 17.99
C SER A 28 3.11 -4.17 18.51
N PRO A 29 4.19 -4.89 18.83
CA PRO A 29 4.09 -6.26 19.35
C PRO A 29 3.52 -6.30 20.76
N ASP A 30 3.15 -5.14 21.28
CA ASP A 30 2.59 -5.05 22.64
C ASP A 30 1.08 -4.78 22.57
N ILE A 31 0.61 -4.40 21.40
CA ILE A 31 -0.81 -4.11 21.21
C ILE A 31 -1.45 -5.09 20.24
N SER A 32 -0.80 -5.30 19.10
CA SER A 32 -1.32 -6.21 18.09
C SER A 32 -0.22 -6.56 17.08
N PRO A 33 -0.45 -7.65 16.33
CA PRO A 33 0.51 -8.12 15.32
C PRO A 33 0.59 -7.19 14.12
N PRO A 34 1.83 -6.87 13.70
CA PRO A 34 2.08 -5.98 12.56
C PRO A 34 1.69 -6.62 11.24
N ILE A 35 0.76 -5.99 10.53
CA ILE A 35 0.29 -6.50 9.24
C ILE A 35 1.26 -6.11 8.13
N PHE A 36 2.03 -5.05 8.36
CA PHE A 36 2.99 -4.58 7.37
C PHE A 36 4.34 -4.27 8.03
N ARG A 37 5.28 -5.20 7.91
CA ARG A 37 6.60 -5.03 8.49
C ARG A 37 7.28 -3.78 7.94
N ARG A 38 8.33 -3.33 8.62
CA ARG A 38 9.07 -2.15 8.20
C ARG A 38 9.76 -2.39 6.86
N GLY A 39 9.78 -1.36 6.02
CA GLY A 39 10.42 -1.47 4.72
C GLY A 39 9.56 -2.21 3.72
N GLU A 40 8.32 -2.51 4.11
CA GLU A 40 7.40 -3.22 3.24
C GLU A 40 6.65 -2.25 2.34
N LYS A 41 6.39 -2.68 1.10
CA LYS A 41 5.68 -1.85 0.14
C LYS A 41 4.17 -2.03 0.27
N LEU A 42 3.43 -0.93 0.13
CA LEU A 42 1.97 -0.98 0.23
C LEU A 42 1.33 -0.07 -0.82
N ARG A 43 0.18 -0.50 -1.33
CA ARG A 43 -0.53 0.28 -2.34
C ARG A 43 -1.73 0.99 -1.72
N VAL A 44 -1.83 2.30 -1.96
CA VAL A 44 -2.93 3.10 -1.43
C VAL A 44 -4.25 2.69 -2.04
N ILE A 45 -5.09 2.03 -1.24
CA ILE A 45 -6.40 1.58 -1.71
C ILE A 45 -7.40 2.72 -1.72
N SER A 46 -7.50 3.43 -0.59
CA SER A 46 -8.43 4.55 -0.47
C SER A 46 -8.06 5.42 0.72
N ASP A 47 -8.09 6.74 0.51
CA ASP A 47 -7.76 7.68 1.57
C ASP A 47 -9.00 8.06 2.38
N GLU A 48 -8.89 7.96 3.70
CA GLU A 48 -10.01 8.28 4.57
C GLU A 48 -9.57 9.24 5.69
N GLY A 49 -9.59 10.53 5.40
CA GLY A 49 -9.20 11.52 6.38
C GLY A 49 -7.73 11.43 6.74
N GLY A 50 -7.43 11.42 8.03
CA GLY A 50 -6.05 11.33 8.48
C GLY A 50 -5.46 9.96 8.25
N TRP A 51 -6.32 8.95 8.09
CA TRP A 51 -5.87 7.59 7.87
C TRP A 51 -6.32 7.09 6.50
N TRP A 52 -5.56 6.16 5.93
CA TRP A 52 -5.88 5.60 4.63
C TRP A 52 -5.70 4.08 4.62
N LYS A 53 -6.27 3.42 3.62
CA LYS A 53 -6.16 1.98 3.50
C LYS A 53 -5.13 1.59 2.46
N ALA A 54 -4.39 0.51 2.73
CA ALA A 54 -3.36 0.04 1.82
C ALA A 54 -3.11 -1.46 2.01
N ILE A 55 -2.60 -2.11 0.97
CA ILE A 55 -2.31 -3.54 1.02
C ILE A 55 -0.86 -3.82 0.68
N SER A 56 -0.24 -4.71 1.44
CA SER A 56 1.16 -5.07 1.22
C SER A 56 1.33 -5.83 -0.09
N LEU A 57 2.26 -5.35 -0.92
CA LEU A 57 2.51 -5.99 -2.21
C LEU A 57 3.36 -7.25 -2.05
N SER A 58 3.56 -7.66 -0.80
CA SER A 58 4.35 -8.85 -0.50
C SER A 58 3.47 -9.96 0.06
N THR A 59 2.60 -9.60 1.00
CA THR A 59 1.71 -10.56 1.62
C THR A 59 0.30 -10.44 1.05
N GLY A 60 -0.11 -9.22 0.76
CA GLY A 60 -1.44 -8.99 0.21
C GLY A 60 -2.49 -8.84 1.30
N ARG A 61 -2.10 -8.26 2.42
CA ARG A 61 -3.02 -8.07 3.54
C ARG A 61 -3.60 -6.65 3.53
N GLU A 62 -4.92 -6.56 3.54
CA GLU A 62 -5.59 -5.26 3.53
C GLU A 62 -5.83 -4.76 4.94
N SER A 63 -5.23 -3.62 5.29
CA SER A 63 -5.37 -3.05 6.61
C SER A 63 -5.31 -1.52 6.54
N TYR A 64 -5.64 -0.87 7.66
CA TYR A 64 -5.62 0.59 7.73
C TYR A 64 -4.52 1.07 8.66
N ILE A 65 -3.56 1.81 8.11
CA ILE A 65 -2.46 2.33 8.90
C ILE A 65 -2.32 3.85 8.71
N PRO A 66 -1.81 4.53 9.75
CA PRO A 66 -1.61 5.97 9.71
C PRO A 66 -0.50 6.40 8.75
N GLY A 67 -0.75 7.44 7.97
CA GLY A 67 0.24 7.92 7.02
C GLY A 67 1.61 8.08 7.66
N ILE A 68 1.63 8.41 8.94
CA ILE A 68 2.88 8.60 9.67
C ILE A 68 3.67 7.29 9.75
N CYS A 69 2.94 6.19 9.80
CA CYS A 69 3.57 4.86 9.89
C CYS A 69 4.06 4.41 8.53
N VAL A 70 3.85 5.24 7.52
CA VAL A 70 4.29 4.92 6.16
C VAL A 70 4.92 6.13 5.48
N ALA A 71 5.65 5.88 4.39
CA ALA A 71 6.31 6.94 3.66
C ALA A 71 5.97 6.87 2.17
N ARG A 72 5.70 8.03 1.58
CA ARG A 72 5.37 8.10 0.16
C ARG A 72 6.54 7.65 -0.70
N VAL A 73 6.38 6.51 -1.37
CA VAL A 73 7.42 5.97 -2.22
C VAL A 73 7.27 6.47 -3.66
N SER A 74 8.40 6.61 -4.36
CA SER A 74 8.39 7.08 -5.73
C SER A 74 7.98 5.97 -6.69
N GLY A 75 8.70 4.85 -6.63
CA GLY A 75 8.40 3.73 -7.50
C GLY A 75 9.65 3.04 -8.02
N PRO A 76 9.51 2.31 -9.13
CA PRO A 76 10.63 1.60 -9.75
C PRO A 76 11.65 2.53 -10.38
N SER A 77 11.17 3.65 -10.93
CA SER A 77 12.04 4.63 -11.56
C SER A 77 11.62 6.05 -11.20
N SER A 78 12.47 7.02 -11.53
CA SER A 78 12.18 8.41 -11.24
C SER A 78 12.24 9.26 -12.52
N GLY A 79 11.09 9.77 -12.93
CA GLY A 79 11.03 10.59 -14.13
C GLY A 79 10.44 9.85 -15.31
N GLY A 1 -23.97 -22.19 -21.88
CA GLY A 1 -23.60 -21.15 -22.81
C GLY A 1 -22.16 -21.28 -23.29
N SER A 2 -21.69 -20.28 -24.02
CA SER A 2 -20.33 -20.29 -24.54
C SER A 2 -19.32 -20.16 -23.41
N SER A 3 -19.67 -19.40 -22.38
CA SER A 3 -18.79 -19.20 -21.25
C SER A 3 -17.46 -18.58 -21.69
N GLY A 4 -17.54 -17.55 -22.53
CA GLY A 4 -16.34 -16.90 -23.01
C GLY A 4 -16.58 -15.46 -23.40
N SER A 5 -15.99 -14.54 -22.64
CA SER A 5 -16.15 -13.11 -22.90
C SER A 5 -14.92 -12.33 -22.47
N SER A 6 -14.80 -11.10 -22.96
CA SER A 6 -13.67 -10.25 -22.62
C SER A 6 -13.54 -10.08 -21.10
N GLY A 7 -12.38 -10.47 -20.57
CA GLY A 7 -12.17 -10.35 -19.14
C GLY A 7 -10.71 -10.57 -18.76
N PRO A 8 -9.87 -9.54 -18.99
CA PRO A 8 -8.44 -9.62 -18.68
C PRO A 8 -8.18 -9.63 -17.17
N LEU A 9 -7.08 -10.26 -16.78
CA LEU A 9 -6.71 -10.34 -15.37
C LEU A 9 -6.82 -8.98 -14.69
N PRO A 10 -6.97 -8.98 -13.36
CA PRO A 10 -7.08 -7.75 -12.57
C PRO A 10 -5.78 -6.98 -12.52
N ASN A 11 -4.76 -7.47 -13.22
CA ASN A 11 -3.46 -6.83 -13.24
C ASN A 11 -3.61 -5.30 -13.20
N PRO A 12 -2.67 -4.64 -12.50
CA PRO A 12 -2.68 -3.18 -12.37
C PRO A 12 -2.35 -2.47 -13.69
N GLU A 13 -2.17 -3.26 -14.74
CA GLU A 13 -1.85 -2.71 -16.05
C GLU A 13 -2.78 -1.54 -16.40
N GLY A 14 -2.35 -0.34 -16.04
CA GLY A 14 -3.16 0.84 -16.31
C GLY A 14 -2.54 2.11 -15.77
N LEU A 15 -2.99 2.52 -14.58
CA LEU A 15 -2.48 3.74 -13.94
C LEU A 15 -1.88 3.41 -12.58
N ASP A 16 -0.60 3.77 -12.40
CA ASP A 16 0.08 3.52 -11.13
C ASP A 16 -0.63 4.23 -9.98
N SER A 17 -0.54 3.65 -8.79
CA SER A 17 -1.18 4.22 -7.62
C SER A 17 -0.13 4.68 -6.60
N ASP A 18 -0.58 5.41 -5.58
CA ASP A 18 0.32 5.90 -4.54
C ASP A 18 0.79 4.76 -3.65
N PHE A 19 2.08 4.77 -3.33
CA PHE A 19 2.66 3.73 -2.48
C PHE A 19 3.04 4.30 -1.11
N LEU A 20 3.00 3.44 -0.10
CA LEU A 20 3.34 3.86 1.26
C LEU A 20 4.35 2.90 1.88
N ALA A 21 5.55 3.42 2.15
CA ALA A 21 6.60 2.60 2.76
C ALA A 21 6.48 2.59 4.28
N VAL A 22 6.25 1.41 4.83
CA VAL A 22 6.10 1.24 6.27
C VAL A 22 7.32 1.80 7.01
N LEU A 23 7.16 2.98 7.60
CA LEU A 23 8.25 3.62 8.33
C LEU A 23 8.60 2.82 9.58
N SER A 24 7.61 2.15 10.15
CA SER A 24 7.82 1.35 11.35
C SER A 24 6.70 0.33 11.52
N ASP A 25 7.07 -0.95 11.51
CA ASP A 25 6.10 -2.02 11.68
C ASP A 25 4.97 -1.61 12.62
N TYR A 26 3.75 -1.99 12.29
CA TYR A 26 2.59 -1.65 13.10
C TYR A 26 1.44 -2.63 12.85
N PRO A 27 0.61 -2.85 13.88
CA PRO A 27 0.79 -2.20 15.18
C PRO A 27 2.02 -2.72 15.93
N SER A 28 2.26 -2.18 17.12
CA SER A 28 3.40 -2.58 17.93
C SER A 28 3.19 -3.97 18.52
N PRO A 29 4.30 -4.64 18.86
CA PRO A 29 4.26 -5.99 19.44
C PRO A 29 3.70 -6.00 20.86
N ASP A 30 3.25 -4.83 21.32
CA ASP A 30 2.68 -4.70 22.65
C ASP A 30 1.15 -4.67 22.59
N ILE A 31 0.62 -4.48 21.40
CA ILE A 31 -0.83 -4.43 21.21
C ILE A 31 -1.30 -5.52 20.25
N SER A 32 -0.79 -5.47 19.02
CA SER A 32 -1.17 -6.45 18.00
C SER A 32 -0.01 -6.71 17.05
N PRO A 33 -0.09 -7.82 16.30
CA PRO A 33 0.95 -8.20 15.34
C PRO A 33 0.99 -7.28 14.13
N PRO A 34 2.20 -6.91 13.69
CA PRO A 34 2.39 -6.03 12.54
C PRO A 34 2.02 -6.71 11.23
N ILE A 35 1.04 -6.13 10.53
CA ILE A 35 0.59 -6.69 9.26
C ILE A 35 1.52 -6.26 8.12
N PHE A 36 2.18 -5.11 8.30
CA PHE A 36 3.09 -4.59 7.29
C PHE A 36 4.43 -4.19 7.92
N ARG A 37 5.38 -5.13 7.90
CA ARG A 37 6.70 -4.88 8.47
C ARG A 37 7.33 -3.63 7.87
N ARG A 38 8.33 -3.08 8.55
CA ARG A 38 9.00 -1.88 8.08
C ARG A 38 9.70 -2.13 6.74
N GLY A 39 9.76 -1.10 5.91
CA GLY A 39 10.39 -1.23 4.61
C GLY A 39 9.49 -1.91 3.59
N GLU A 40 8.33 -2.38 4.05
CA GLU A 40 7.37 -3.04 3.17
C GLU A 40 6.57 -2.03 2.37
N LYS A 41 6.42 -2.29 1.08
CA LYS A 41 5.67 -1.39 0.20
C LYS A 41 4.18 -1.71 0.25
N LEU A 42 3.37 -0.66 0.29
CA LEU A 42 1.92 -0.83 0.34
C LEU A 42 1.23 0.04 -0.71
N ARG A 43 0.18 -0.50 -1.33
CA ARG A 43 -0.55 0.22 -2.35
C ARG A 43 -1.75 0.96 -1.75
N VAL A 44 -1.83 2.26 -2.01
CA VAL A 44 -2.92 3.07 -1.49
C VAL A 44 -4.26 2.66 -2.09
N ILE A 45 -5.12 2.10 -1.25
CA ILE A 45 -6.44 1.66 -1.70
C ILE A 45 -7.46 2.79 -1.60
N SER A 46 -7.56 3.39 -0.42
CA SER A 46 -8.51 4.48 -0.20
C SER A 46 -7.91 5.51 0.76
N ASP A 47 -8.25 6.78 0.53
CA ASP A 47 -7.76 7.86 1.37
C ASP A 47 -8.88 8.43 2.23
N GLU A 48 -8.72 8.33 3.55
CA GLU A 48 -9.72 8.84 4.48
C GLU A 48 -9.07 9.73 5.54
N GLY A 49 -8.92 11.01 5.21
CA GLY A 49 -8.33 11.96 6.15
C GLY A 49 -6.91 11.57 6.51
N GLY A 50 -6.65 11.43 7.80
CA GLY A 50 -5.32 11.06 8.27
C GLY A 50 -5.06 9.58 8.17
N TRP A 51 -6.13 8.80 8.08
CA TRP A 51 -6.01 7.34 7.99
C TRP A 51 -6.49 6.84 6.63
N TRP A 52 -5.67 6.00 6.00
CA TRP A 52 -6.01 5.45 4.70
C TRP A 52 -5.80 3.94 4.67
N LYS A 53 -6.37 3.28 3.66
CA LYS A 53 -6.24 1.83 3.52
C LYS A 53 -5.17 1.48 2.49
N ALA A 54 -4.41 0.42 2.76
CA ALA A 54 -3.36 -0.02 1.85
C ALA A 54 -3.15 -1.52 1.96
N ILE A 55 -2.58 -2.11 0.91
CA ILE A 55 -2.31 -3.54 0.89
C ILE A 55 -0.83 -3.83 0.68
N SER A 56 -0.34 -4.89 1.31
CA SER A 56 1.07 -5.27 1.19
C SER A 56 1.29 -6.16 -0.03
N LEU A 57 2.22 -5.75 -0.88
CA LEU A 57 2.54 -6.51 -2.09
C LEU A 57 3.35 -7.76 -1.76
N SER A 58 3.52 -8.01 -0.47
CA SER A 58 4.28 -9.18 -0.01
C SER A 58 3.36 -10.37 0.22
N THR A 59 2.27 -10.14 0.94
CA THR A 59 1.30 -11.19 1.23
C THR A 59 -0.06 -10.87 0.63
N GLY A 60 -0.36 -9.58 0.52
CA GLY A 60 -1.64 -9.15 -0.03
C GLY A 60 -2.67 -8.87 1.04
N ARG A 61 -2.20 -8.53 2.23
CA ARG A 61 -3.09 -8.24 3.36
C ARG A 61 -3.64 -6.82 3.26
N GLU A 62 -4.94 -6.69 3.42
CA GLU A 62 -5.59 -5.38 3.36
C GLU A 62 -5.93 -4.86 4.76
N SER A 63 -5.32 -3.75 5.13
CA SER A 63 -5.56 -3.15 6.44
C SER A 63 -5.47 -1.62 6.37
N TYR A 64 -5.85 -0.96 7.46
CA TYR A 64 -5.82 0.49 7.53
C TYR A 64 -4.74 0.97 8.50
N ILE A 65 -3.79 1.74 7.98
CA ILE A 65 -2.71 2.27 8.81
C ILE A 65 -2.60 3.78 8.67
N PRO A 66 -2.14 4.44 9.75
CA PRO A 66 -1.97 5.90 9.77
C PRO A 66 -0.83 6.36 8.87
N GLY A 67 -1.09 7.41 8.10
CA GLY A 67 -0.07 7.94 7.20
C GLY A 67 1.25 8.15 7.90
N ILE A 68 1.20 8.45 9.20
CA ILE A 68 2.41 8.68 9.98
C ILE A 68 3.25 7.41 10.09
N CYS A 69 2.58 6.26 10.05
CA CYS A 69 3.26 4.97 10.14
C CYS A 69 3.76 4.53 8.77
N VAL A 70 3.66 5.42 7.80
CA VAL A 70 4.10 5.12 6.44
C VAL A 70 4.60 6.36 5.73
N ALA A 71 5.23 6.18 4.57
CA ALA A 71 5.75 7.29 3.80
C ALA A 71 5.35 7.18 2.33
N ARG A 72 4.84 8.28 1.77
CA ARG A 72 4.42 8.30 0.39
C ARG A 72 5.62 8.19 -0.55
N VAL A 73 5.71 7.07 -1.25
CA VAL A 73 6.81 6.83 -2.19
C VAL A 73 6.50 7.42 -3.57
N SER A 74 7.52 7.94 -4.23
CA SER A 74 7.34 8.53 -5.55
C SER A 74 8.18 7.78 -6.59
N GLY A 75 8.17 6.45 -6.51
CA GLY A 75 8.92 5.64 -7.44
C GLY A 75 8.52 5.89 -8.88
N PRO A 76 9.41 5.51 -9.82
CA PRO A 76 9.15 5.69 -11.25
C PRO A 76 8.06 4.77 -11.78
N SER A 77 7.85 4.79 -13.09
CA SER A 77 6.83 3.96 -13.71
C SER A 77 7.38 2.57 -14.02
N SER A 78 8.46 2.53 -14.81
CA SER A 78 9.08 1.26 -15.19
C SER A 78 10.10 0.83 -14.14
N GLY A 79 10.13 -0.47 -13.86
CA GLY A 79 11.07 -1.00 -12.89
C GLY A 79 10.56 -2.28 -12.25
N GLY A 1 -2.54 10.33 -30.31
CA GLY A 1 -1.37 9.57 -30.73
C GLY A 1 -1.70 8.11 -31.01
N SER A 2 -1.56 7.26 -29.99
CA SER A 2 -1.84 5.84 -30.13
C SER A 2 -2.02 5.18 -28.76
N SER A 3 -3.19 4.58 -28.55
CA SER A 3 -3.49 3.91 -27.29
C SER A 3 -3.72 2.42 -27.50
N GLY A 4 -3.41 1.63 -26.49
CA GLY A 4 -3.59 0.19 -26.57
C GLY A 4 -2.46 -0.49 -27.32
N SER A 5 -1.67 -1.28 -26.61
CA SER A 5 -0.55 -1.98 -27.21
C SER A 5 -1.01 -3.28 -27.85
N SER A 6 -1.71 -4.11 -27.08
CA SER A 6 -2.19 -5.39 -27.56
C SER A 6 -3.72 -5.43 -27.56
N GLY A 7 -4.33 -4.34 -28.01
CA GLY A 7 -5.78 -4.27 -28.04
C GLY A 7 -6.38 -3.92 -26.69
N PRO A 8 -7.19 -2.86 -26.65
CA PRO A 8 -7.84 -2.40 -25.42
C PRO A 8 -8.92 -3.37 -24.94
N LEU A 9 -9.09 -3.47 -23.63
CA LEU A 9 -10.09 -4.36 -23.05
C LEU A 9 -10.69 -3.74 -21.80
N PRO A 10 -11.96 -4.11 -21.51
CA PRO A 10 -12.68 -3.60 -20.33
C PRO A 10 -12.12 -4.16 -19.03
N ASN A 11 -11.02 -3.57 -18.57
CA ASN A 11 -10.38 -4.01 -17.32
C ASN A 11 -9.81 -2.83 -16.57
N PRO A 12 -9.65 -2.99 -15.24
CA PRO A 12 -9.10 -1.94 -14.37
C PRO A 12 -7.62 -1.70 -14.62
N GLU A 13 -7.05 -2.43 -15.56
CA GLU A 13 -5.64 -2.29 -15.90
C GLU A 13 -5.39 -1.02 -16.71
N GLY A 14 -5.02 0.04 -16.01
CA GLY A 14 -4.75 1.30 -16.69
C GLY A 14 -4.11 2.33 -15.78
N LEU A 15 -4.82 2.69 -14.71
CA LEU A 15 -4.30 3.66 -13.76
C LEU A 15 -3.56 2.98 -12.62
N ASP A 16 -2.52 3.63 -12.12
CA ASP A 16 -1.72 3.09 -11.03
C ASP A 16 -2.10 3.72 -9.70
N SER A 17 -1.58 3.18 -8.60
CA SER A 17 -1.88 3.69 -7.27
C SER A 17 -0.61 4.18 -6.58
N ASP A 18 -0.78 4.92 -5.50
CA ASP A 18 0.35 5.44 -4.75
C ASP A 18 0.90 4.40 -3.78
N PHE A 19 2.21 4.45 -3.54
CA PHE A 19 2.85 3.51 -2.63
C PHE A 19 3.28 4.19 -1.33
N LEU A 20 3.19 3.47 -0.23
CA LEU A 20 3.56 4.00 1.07
C LEU A 20 4.49 3.04 1.82
N ALA A 21 5.74 3.45 1.99
CA ALA A 21 6.72 2.63 2.68
C ALA A 21 6.53 2.70 4.19
N VAL A 22 6.40 1.53 4.82
CA VAL A 22 6.20 1.45 6.27
C VAL A 22 7.43 1.94 7.01
N LEU A 23 7.37 3.17 7.52
CA LEU A 23 8.49 3.76 8.26
C LEU A 23 8.79 2.95 9.51
N SER A 24 7.75 2.35 10.09
CA SER A 24 7.92 1.53 11.30
C SER A 24 6.78 0.52 11.43
N ASP A 25 7.15 -0.74 11.57
CA ASP A 25 6.17 -1.81 11.70
C ASP A 25 5.03 -1.39 12.62
N TYR A 26 3.84 -1.89 12.36
CA TYR A 26 2.67 -1.57 13.17
C TYR A 26 1.50 -2.50 12.85
N PRO A 27 0.67 -2.78 13.86
CA PRO A 27 0.85 -2.21 15.21
C PRO A 27 2.07 -2.80 15.92
N SER A 28 2.23 -2.43 17.19
CA SER A 28 3.36 -2.92 17.98
C SER A 28 3.07 -4.31 18.53
N PRO A 29 4.14 -5.04 18.88
CA PRO A 29 4.04 -6.39 19.43
C PRO A 29 3.45 -6.41 20.83
N ASP A 30 3.06 -5.23 21.33
CA ASP A 30 2.48 -5.11 22.65
C ASP A 30 0.98 -4.83 22.57
N ILE A 31 0.49 -4.62 21.35
CA ILE A 31 -0.92 -4.35 21.13
C ILE A 31 -1.51 -5.31 20.11
N SER A 32 -0.78 -5.56 19.03
CA SER A 32 -1.24 -6.45 17.98
C SER A 32 -0.12 -6.73 16.97
N PRO A 33 -0.30 -7.78 16.18
CA PRO A 33 0.68 -8.17 15.16
C PRO A 33 0.74 -7.18 14.00
N PRO A 34 1.97 -6.79 13.63
CA PRO A 34 2.19 -5.84 12.54
C PRO A 34 1.88 -6.44 11.17
N ILE A 35 0.85 -5.91 10.52
CA ILE A 35 0.45 -6.39 9.21
C ILE A 35 1.44 -5.98 8.13
N PHE A 36 2.10 -4.84 8.35
CA PHE A 36 3.08 -4.33 7.40
C PHE A 36 4.40 -4.02 8.10
N ARG A 37 5.38 -4.88 7.90
CA ARG A 37 6.70 -4.71 8.50
C ARG A 37 7.38 -3.46 7.96
N ARG A 38 8.37 -2.96 8.70
CA ARG A 38 9.11 -1.77 8.30
C ARG A 38 9.85 -2.03 6.99
N GLY A 39 9.88 -1.01 6.13
CA GLY A 39 10.56 -1.15 4.86
C GLY A 39 9.74 -1.90 3.83
N GLU A 40 8.50 -2.19 4.17
CA GLU A 40 7.60 -2.92 3.28
C GLU A 40 6.80 -1.95 2.41
N LYS A 41 6.63 -2.30 1.14
CA LYS A 41 5.88 -1.47 0.21
C LYS A 41 4.40 -1.82 0.23
N LEU A 42 3.55 -0.80 0.22
CA LEU A 42 2.10 -1.00 0.24
C LEU A 42 1.42 -0.11 -0.78
N ARG A 43 0.29 -0.58 -1.31
CA ARG A 43 -0.46 0.18 -2.30
C ARG A 43 -1.67 0.87 -1.66
N VAL A 44 -1.82 2.16 -1.95
CA VAL A 44 -2.92 2.93 -1.39
C VAL A 44 -4.26 2.52 -2.03
N ILE A 45 -5.15 2.00 -1.20
CA ILE A 45 -6.46 1.57 -1.68
C ILE A 45 -7.47 2.70 -1.61
N SER A 46 -7.54 3.37 -0.45
CA SER A 46 -8.46 4.48 -0.25
C SER A 46 -7.93 5.45 0.78
N ASP A 47 -8.28 6.72 0.63
CA ASP A 47 -7.83 7.76 1.55
C ASP A 47 -8.99 8.25 2.42
N GLU A 48 -8.85 8.08 3.73
CA GLU A 48 -9.89 8.50 4.67
C GLU A 48 -9.32 9.48 5.69
N GLY A 49 -9.30 10.76 5.33
CA GLY A 49 -8.79 11.78 6.23
C GLY A 49 -7.33 11.57 6.57
N GLY A 50 -7.03 11.44 7.86
CA GLY A 50 -5.67 11.23 8.29
C GLY A 50 -5.20 9.80 8.11
N TRP A 51 -6.15 8.87 8.09
CA TRP A 51 -5.84 7.46 7.92
C TRP A 51 -6.35 6.94 6.57
N TRP A 52 -5.56 6.08 5.95
CA TRP A 52 -5.93 5.52 4.66
C TRP A 52 -5.74 4.00 4.64
N LYS A 53 -6.34 3.34 3.65
CA LYS A 53 -6.23 1.90 3.53
C LYS A 53 -5.17 1.51 2.50
N ALA A 54 -4.50 0.39 2.74
CA ALA A 54 -3.46 -0.08 1.83
C ALA A 54 -3.29 -1.60 1.95
N ILE A 55 -2.56 -2.17 0.99
CA ILE A 55 -2.33 -3.61 0.98
C ILE A 55 -0.88 -3.92 0.59
N SER A 56 -0.34 -4.99 1.17
CA SER A 56 1.03 -5.40 0.87
C SER A 56 1.10 -6.19 -0.43
N LEU A 57 2.05 -5.83 -1.28
CA LEU A 57 2.23 -6.50 -2.56
C LEU A 57 2.99 -7.81 -2.39
N SER A 58 3.18 -8.22 -1.14
CA SER A 58 3.90 -9.46 -0.84
C SER A 58 2.96 -10.48 -0.21
N THR A 59 2.24 -10.07 0.82
CA THR A 59 1.30 -10.95 1.51
C THR A 59 -0.13 -10.74 1.00
N GLY A 60 -0.44 -9.50 0.65
CA GLY A 60 -1.77 -9.19 0.16
C GLY A 60 -2.76 -8.94 1.28
N ARG A 61 -2.26 -8.47 2.42
CA ARG A 61 -3.11 -8.19 3.57
C ARG A 61 -3.62 -6.75 3.54
N GLU A 62 -4.93 -6.60 3.56
CA GLU A 62 -5.55 -5.28 3.53
C GLU A 62 -5.80 -4.76 4.95
N SER A 63 -5.18 -3.65 5.29
CA SER A 63 -5.33 -3.06 6.62
C SER A 63 -5.23 -1.54 6.55
N TYR A 64 -5.65 -0.87 7.62
CA TYR A 64 -5.62 0.58 7.68
C TYR A 64 -4.52 1.07 8.64
N ILE A 65 -3.59 1.83 8.11
CA ILE A 65 -2.49 2.36 8.91
C ILE A 65 -2.36 3.87 8.76
N PRO A 66 -1.86 4.54 9.81
CA PRO A 66 -1.68 6.00 9.81
C PRO A 66 -0.58 6.44 8.86
N GLY A 67 -0.89 7.43 8.03
CA GLY A 67 0.09 7.94 7.07
C GLY A 67 1.43 8.21 7.72
N ILE A 68 1.40 8.60 8.99
CA ILE A 68 2.63 8.90 9.72
C ILE A 68 3.51 7.66 9.85
N CYS A 69 2.88 6.49 9.92
CA CYS A 69 3.61 5.24 10.04
C CYS A 69 4.19 4.82 8.69
N VAL A 70 3.71 5.44 7.62
CA VAL A 70 4.18 5.13 6.27
C VAL A 70 4.74 6.37 5.59
N ALA A 71 5.43 6.17 4.47
CA ALA A 71 6.02 7.27 3.73
C ALA A 71 5.67 7.17 2.25
N ARG A 72 5.22 8.28 1.68
CA ARG A 72 4.86 8.33 0.27
C ARG A 72 6.07 8.05 -0.62
N VAL A 73 6.11 6.86 -1.20
CA VAL A 73 7.21 6.47 -2.07
C VAL A 73 7.09 7.12 -3.44
N SER A 74 8.22 7.40 -4.07
CA SER A 74 8.25 8.02 -5.38
C SER A 74 7.11 7.50 -6.25
N GLY A 75 6.62 8.34 -7.15
CA GLY A 75 5.53 7.95 -8.03
C GLY A 75 6.01 7.57 -9.41
N PRO A 76 5.16 6.87 -10.18
CA PRO A 76 5.48 6.42 -11.53
C PRO A 76 5.57 7.57 -12.52
N SER A 77 6.77 8.11 -12.68
CA SER A 77 7.00 9.22 -13.60
C SER A 77 8.14 8.92 -14.56
N SER A 78 7.80 8.70 -15.82
CA SER A 78 8.80 8.39 -16.84
C SER A 78 9.99 9.34 -16.75
N GLY A 79 11.15 8.86 -17.16
CA GLY A 79 12.35 9.68 -17.11
C GLY A 79 12.86 10.04 -18.49
N GLY A 1 -24.94 2.25 -28.72
CA GLY A 1 -24.27 3.08 -29.71
C GLY A 1 -23.27 4.04 -29.09
N SER A 2 -22.00 3.85 -29.38
CA SER A 2 -20.95 4.70 -28.84
C SER A 2 -19.80 4.84 -29.83
N SER A 3 -18.89 5.77 -29.55
CA SER A 3 -17.73 6.01 -30.42
C SER A 3 -16.43 5.83 -29.65
N GLY A 4 -15.61 4.88 -30.09
CA GLY A 4 -14.34 4.64 -29.43
C GLY A 4 -14.51 3.89 -28.11
N SER A 5 -13.73 2.83 -27.93
CA SER A 5 -13.79 2.03 -26.71
C SER A 5 -12.62 2.35 -25.79
N SER A 6 -12.32 3.64 -25.65
CA SER A 6 -11.22 4.07 -24.80
C SER A 6 -11.73 4.62 -23.47
N GLY A 7 -11.10 4.20 -22.39
CA GLY A 7 -11.51 4.65 -21.06
C GLY A 7 -11.01 3.74 -19.96
N PRO A 8 -11.86 2.79 -19.54
CA PRO A 8 -11.52 1.84 -18.48
C PRO A 8 -10.44 0.84 -18.91
N LEU A 9 -9.53 0.53 -18.01
CA LEU A 9 -8.46 -0.41 -18.29
C LEU A 9 -8.43 -1.55 -17.28
N PRO A 10 -8.10 -2.76 -17.75
CA PRO A 10 -8.04 -3.96 -16.90
C PRO A 10 -6.88 -3.91 -15.92
N ASN A 11 -5.70 -3.53 -16.43
CA ASN A 11 -4.51 -3.45 -15.59
C ASN A 11 -4.13 -1.99 -15.33
N PRO A 12 -3.30 -1.77 -14.30
CA PRO A 12 -2.85 -0.42 -13.93
C PRO A 12 -1.87 0.17 -14.95
N GLU A 13 -1.63 -0.59 -16.01
CA GLU A 13 -0.71 -0.14 -17.06
C GLU A 13 -1.13 1.22 -17.60
N GLY A 14 -0.51 2.27 -17.08
CA GLY A 14 -0.83 3.62 -17.52
C GLY A 14 -0.85 4.61 -16.38
N LEU A 15 -1.96 4.67 -15.66
CA LEU A 15 -2.10 5.59 -14.54
C LEU A 15 -1.20 5.18 -13.38
N ASP A 16 -0.56 6.16 -12.75
CA ASP A 16 0.33 5.90 -11.63
C ASP A 16 -0.47 5.60 -10.36
N SER A 17 0.19 4.98 -9.39
CA SER A 17 -0.46 4.63 -8.12
C SER A 17 0.33 5.16 -6.94
N ASP A 18 -0.37 5.47 -5.85
CA ASP A 18 0.27 5.99 -4.64
C ASP A 18 0.79 4.85 -3.77
N PHE A 19 2.09 4.83 -3.54
CA PHE A 19 2.71 3.79 -2.73
C PHE A 19 3.09 4.33 -1.35
N LEU A 20 3.03 3.46 -0.34
CA LEU A 20 3.37 3.86 1.02
C LEU A 20 4.35 2.87 1.65
N ALA A 21 5.60 3.31 1.80
CA ALA A 21 6.63 2.47 2.39
C ALA A 21 6.49 2.40 3.90
N VAL A 22 6.36 1.18 4.43
CA VAL A 22 6.22 0.97 5.86
C VAL A 22 7.42 1.52 6.62
N LEU A 23 7.29 2.74 7.13
CA LEU A 23 8.37 3.37 7.88
C LEU A 23 8.72 2.56 9.12
N SER A 24 7.72 1.92 9.72
CA SER A 24 7.92 1.11 10.91
C SER A 24 6.75 0.16 11.13
N ASP A 25 7.06 -1.12 11.35
CA ASP A 25 6.04 -2.13 11.57
C ASP A 25 4.94 -1.59 12.48
N TYR A 26 3.71 -2.04 12.25
CA TYR A 26 2.57 -1.59 13.05
C TYR A 26 1.36 -2.50 12.82
N PRO A 27 0.52 -2.64 13.85
CA PRO A 27 0.73 -1.97 15.14
C PRO A 27 1.92 -2.54 15.90
N SER A 28 2.16 -2.01 17.11
CA SER A 28 3.26 -2.48 17.94
C SER A 28 3.02 -3.90 18.44
N PRO A 29 4.10 -4.62 18.73
CA PRO A 29 4.03 -5.99 19.22
C PRO A 29 3.49 -6.07 20.64
N ASP A 30 3.08 -4.93 21.18
CA ASP A 30 2.53 -4.87 22.53
C ASP A 30 1.04 -4.62 22.50
N ILE A 31 0.57 -4.02 21.41
CA ILE A 31 -0.85 -3.72 21.26
C ILE A 31 -1.53 -4.73 20.34
N SER A 32 -1.00 -4.88 19.14
CA SER A 32 -1.55 -5.82 18.17
C SER A 32 -0.47 -6.28 17.19
N PRO A 33 -0.76 -7.38 16.47
CA PRO A 33 0.16 -7.95 15.49
C PRO A 33 0.33 -7.06 14.26
N PRO A 34 1.59 -6.77 13.92
CA PRO A 34 1.92 -5.93 12.76
C PRO A 34 1.61 -6.61 11.44
N ILE A 35 0.75 -5.99 10.64
CA ILE A 35 0.37 -6.54 9.35
C ILE A 35 1.43 -6.25 8.29
N PHE A 36 2.15 -5.15 8.47
CA PHE A 36 3.19 -4.75 7.54
C PHE A 36 4.48 -4.41 8.28
N ARG A 37 5.50 -5.26 8.12
CA ARG A 37 6.78 -5.05 8.76
C ARG A 37 7.60 -3.99 8.04
N ARG A 38 8.24 -3.12 8.80
CA ARG A 38 9.06 -2.05 8.22
C ARG A 38 9.79 -2.54 6.97
N GLY A 39 9.95 -1.66 6.00
CA GLY A 39 10.63 -2.02 4.78
C GLY A 39 9.69 -2.59 3.72
N GLU A 40 8.45 -2.83 4.13
CA GLU A 40 7.45 -3.38 3.21
C GLU A 40 6.73 -2.26 2.47
N LYS A 41 6.35 -2.54 1.22
CA LYS A 41 5.65 -1.56 0.40
C LYS A 41 4.15 -1.83 0.39
N LEU A 42 3.36 -0.76 0.29
CA LEU A 42 1.91 -0.88 0.28
C LEU A 42 1.30 0.03 -0.78
N ARG A 43 0.12 -0.34 -1.26
CA ARG A 43 -0.57 0.44 -2.28
C ARG A 43 -1.79 1.14 -1.69
N VAL A 44 -1.87 2.45 -1.90
CA VAL A 44 -2.99 3.24 -1.39
C VAL A 44 -4.31 2.77 -1.99
N ILE A 45 -5.15 2.13 -1.17
CA ILE A 45 -6.44 1.65 -1.63
C ILE A 45 -7.50 2.73 -1.53
N SER A 46 -7.66 3.30 -0.35
CA SER A 46 -8.64 4.35 -0.12
C SER A 46 -8.21 5.29 1.01
N ASP A 47 -8.17 6.58 0.71
CA ASP A 47 -7.76 7.56 1.70
C ASP A 47 -8.96 8.04 2.51
N GLU A 48 -8.84 7.96 3.83
CA GLU A 48 -9.92 8.38 4.72
C GLU A 48 -9.40 9.32 5.81
N GLY A 49 -9.33 10.60 5.49
CA GLY A 49 -8.84 11.58 6.45
C GLY A 49 -7.39 11.35 6.83
N GLY A 50 -7.12 11.27 8.12
CA GLY A 50 -5.76 11.05 8.59
C GLY A 50 -5.31 9.62 8.40
N TRP A 51 -6.26 8.71 8.31
CA TRP A 51 -5.95 7.29 8.14
C TRP A 51 -6.43 6.80 6.77
N TRP A 52 -5.59 6.01 6.11
CA TRP A 52 -5.92 5.47 4.80
C TRP A 52 -5.71 3.96 4.76
N LYS A 53 -6.26 3.32 3.74
CA LYS A 53 -6.14 1.88 3.59
C LYS A 53 -5.08 1.52 2.55
N ALA A 54 -4.33 0.45 2.81
CA ALA A 54 -3.28 0.02 1.90
C ALA A 54 -3.04 -1.49 2.02
N ILE A 55 -2.44 -2.07 0.98
CA ILE A 55 -2.16 -3.50 0.96
C ILE A 55 -0.72 -3.76 0.55
N SER A 56 -0.08 -4.72 1.23
CA SER A 56 1.30 -5.08 0.93
C SER A 56 1.39 -5.87 -0.36
N LEU A 57 2.23 -5.42 -1.28
CA LEU A 57 2.41 -6.09 -2.56
C LEU A 57 3.28 -7.33 -2.40
N SER A 58 3.58 -7.68 -1.16
CA SER A 58 4.42 -8.84 -0.88
C SER A 58 3.58 -9.99 -0.31
N THR A 59 2.70 -9.66 0.62
CA THR A 59 1.83 -10.66 1.24
C THR A 59 0.41 -10.56 0.72
N GLY A 60 -0.08 -9.34 0.56
CA GLY A 60 -1.42 -9.13 0.06
C GLY A 60 -2.43 -8.96 1.17
N ARG A 61 -2.00 -8.38 2.28
CA ARG A 61 -2.88 -8.17 3.43
C ARG A 61 -3.44 -6.75 3.43
N GLU A 62 -4.76 -6.65 3.43
CA GLU A 62 -5.43 -5.35 3.43
C GLU A 62 -5.70 -4.87 4.86
N SER A 63 -5.09 -3.76 5.23
CA SER A 63 -5.26 -3.21 6.57
C SER A 63 -5.16 -1.69 6.54
N TYR A 64 -5.58 -1.05 7.63
CA TYR A 64 -5.56 0.41 7.74
C TYR A 64 -4.43 0.86 8.65
N ILE A 65 -3.60 1.79 8.17
CA ILE A 65 -2.49 2.31 8.94
C ILE A 65 -2.36 3.82 8.78
N PRO A 66 -1.84 4.49 9.81
CA PRO A 66 -1.64 5.94 9.80
C PRO A 66 -0.54 6.37 8.84
N GLY A 67 -0.84 7.40 8.04
CA GLY A 67 0.14 7.89 7.08
C GLY A 67 1.52 8.08 7.70
N ILE A 68 1.55 8.41 8.99
CA ILE A 68 2.80 8.62 9.69
C ILE A 68 3.61 7.34 9.77
N CYS A 69 2.90 6.21 9.85
CA CYS A 69 3.56 4.91 9.92
C CYS A 69 4.12 4.49 8.58
N VAL A 70 3.71 5.20 7.53
CA VAL A 70 4.18 4.92 6.18
C VAL A 70 4.75 6.16 5.51
N ALA A 71 5.39 5.97 4.36
CA ALA A 71 5.98 7.08 3.62
C ALA A 71 5.56 7.05 2.15
N ARG A 72 5.13 8.20 1.64
CA ARG A 72 4.69 8.31 0.26
C ARG A 72 5.87 8.16 -0.69
N VAL A 73 5.96 7.00 -1.34
CA VAL A 73 7.05 6.73 -2.28
C VAL A 73 6.75 7.34 -3.64
N SER A 74 7.81 7.80 -4.32
CA SER A 74 7.66 8.41 -5.63
C SER A 74 6.59 9.49 -5.62
N GLY A 75 6.59 10.30 -4.56
CA GLY A 75 5.60 11.37 -4.44
C GLY A 75 6.24 12.74 -4.44
N PRO A 76 5.39 13.78 -4.53
CA PRO A 76 5.85 15.17 -4.53
C PRO A 76 6.40 15.61 -3.18
N SER A 77 6.18 14.78 -2.17
CA SER A 77 6.65 15.08 -0.82
C SER A 77 8.04 14.49 -0.57
N SER A 78 8.86 15.21 0.19
CA SER A 78 10.21 14.76 0.49
C SER A 78 11.03 14.60 -0.79
N GLY A 79 10.64 15.33 -1.83
CA GLY A 79 11.35 15.25 -3.09
C GLY A 79 10.41 15.07 -4.26
#